data_6DXQ
#
_entry.id   6DXQ
#
_cell.length_a   82.521
_cell.length_b   78.301
_cell.length_c   135.637
_cell.angle_alpha   90.000
_cell.angle_beta   90.000
_cell.angle_gamma   90.000
#
_symmetry.space_group_name_H-M   'P 1 21 1'
#
loop_
_entity.id
_entity.type
_entity.pdbx_description
1 polymer '4-oxalomesaconate hydratase'
2 non-polymer 'ZINC ION'
3 non-polymer '(2S)-2-hydroxy-4-oxobutane-1,2,4-tricarboxylic acid'
4 water water
#
_entity_poly.entity_id   1
_entity_poly.type   'polypeptide(L)'
_entity_poly.pdbx_seq_one_letter_code
;MMIIDCHGHYTVLPKAHDEWREQQKAAFKAGQPAPPYPEISDDEIRETIEANQLRLIKERGADMTIFSPRASAMAPHVGD
QSVAVPWAQACNNLIARVVDLFPETFAGVCMLPQSPEADMTSSIAELERCVNELGFIGCNLNPDPGGGHFKHPPLTDRFW
YPFYEKMVELDVPAMIHVSGSCNPAMHATGAYYLAADTIAFMQLLQGNLFADFPTLRFIIPHGGGAVPYHWGRFRGLADM
LKQPSLDTLLMNNVFFDTCVYHQPGINLLADVIDNKNILFGSEMVGAVRGIDPTTGHYFDDTKRYIDALDISDQERHAIF
EGNTRRVFPRLDAKLKARGL
;
_entity_poly.pdbx_strand_id   A,B,C,D
#
# COMPACT_ATOMS: atom_id res chain seq x y z
N ILE A 3 -60.74 4.93 0.42
CA ILE A 3 -60.95 3.60 -0.14
C ILE A 3 -59.99 3.27 -1.27
N ILE A 4 -58.97 2.48 -0.95
CA ILE A 4 -57.86 2.20 -1.87
C ILE A 4 -57.78 0.71 -2.23
N ASP A 5 -57.94 0.41 -3.51
CA ASP A 5 -57.99 -0.98 -4.00
C ASP A 5 -56.55 -1.45 -4.28
N CYS A 6 -56.06 -2.38 -3.47
CA CYS A 6 -54.64 -2.75 -3.56
C CYS A 6 -54.33 -3.81 -4.61
N HIS A 7 -55.32 -4.23 -5.38
CA HIS A 7 -55.15 -5.34 -6.32
C HIS A 7 -56.03 -5.19 -7.56
N GLY A 8 -55.47 -4.67 -8.63
CA GLY A 8 -56.21 -4.48 -9.86
C GLY A 8 -55.30 -4.56 -11.08
N HIS A 9 -55.82 -5.12 -12.16
CA HIS A 9 -55.01 -5.38 -13.34
C HIS A 9 -55.64 -4.77 -14.58
N TYR A 10 -54.80 -4.28 -15.48
CA TYR A 10 -55.27 -3.69 -16.72
C TYR A 10 -55.67 -4.83 -17.65
N THR A 11 -56.93 -5.26 -17.56
CA THR A 11 -57.36 -6.52 -18.19
C THR A 11 -58.05 -6.32 -19.53
N VAL A 12 -58.87 -5.27 -19.63
CA VAL A 12 -59.59 -4.97 -20.87
C VAL A 12 -58.84 -3.88 -21.65
N LEU A 13 -57.99 -4.30 -22.59
CA LEU A 13 -56.93 -3.45 -23.14
C LEU A 13 -57.15 -3.02 -24.57
N PRO A 14 -56.51 -1.93 -25.00
CA PRO A 14 -56.53 -1.61 -26.43
C PRO A 14 -56.12 -2.82 -27.24
N LYS A 15 -56.86 -3.10 -28.30
CA LYS A 15 -56.73 -4.31 -29.10
C LYS A 15 -55.36 -4.47 -29.77
N ALA A 16 -54.69 -3.35 -30.06
CA ALA A 16 -53.39 -3.38 -30.72
C ALA A 16 -52.30 -4.02 -29.84
N HIS A 17 -52.35 -3.71 -28.53
CA HIS A 17 -51.42 -4.28 -27.55
C HIS A 17 -51.49 -5.81 -27.57
N ASP A 18 -52.70 -6.35 -27.45
CA ASP A 18 -52.91 -7.80 -27.49
C ASP A 18 -52.42 -8.38 -28.81
N GLU A 19 -52.70 -7.69 -29.91
CA GLU A 19 -52.27 -8.14 -31.25
C GLU A 19 -50.75 -8.20 -31.39
N TRP A 20 -50.06 -7.16 -30.94
CA TRP A 20 -48.61 -7.16 -30.99
C TRP A 20 -48.05 -8.38 -30.28
N ARG A 21 -48.54 -8.65 -29.07
CA ARG A 21 -48.05 -9.78 -28.29
C ARG A 21 -48.04 -11.08 -29.08
N GLU A 22 -49.11 -11.32 -29.84
CA GLU A 22 -49.19 -12.53 -30.65
C GLU A 22 -48.12 -12.53 -31.74
N GLN A 23 -47.88 -11.38 -32.35
CA GLN A 23 -46.87 -11.28 -33.39
C GLN A 23 -45.49 -11.41 -32.78
N GLN A 24 -45.33 -10.90 -31.56
CA GLN A 24 -44.07 -11.05 -30.85
C GLN A 24 -43.71 -12.53 -30.66
N LYS A 25 -44.63 -13.32 -30.09
CA LYS A 25 -44.36 -14.74 -29.84
C LYS A 25 -44.22 -15.53 -31.13
N ALA A 26 -44.89 -15.07 -32.17
CA ALA A 26 -44.88 -15.73 -33.47
C ALA A 26 -43.54 -15.52 -34.16
N ALA A 27 -42.96 -14.33 -33.99
CA ALA A 27 -41.66 -14.03 -34.56
C ALA A 27 -40.53 -14.75 -33.80
N PHE A 28 -40.67 -14.85 -32.49
CA PHE A 28 -39.69 -15.55 -31.66
C PHE A 28 -39.62 -17.04 -32.02
N LYS A 29 -40.78 -17.64 -32.24
CA LYS A 29 -40.88 -19.07 -32.52
C LYS A 29 -40.31 -19.38 -33.88
N ALA A 30 -40.22 -18.35 -34.73
CA ALA A 30 -39.70 -18.52 -36.08
C ALA A 30 -38.31 -17.88 -36.25
N GLY A 31 -37.71 -17.51 -35.12
CA GLY A 31 -36.39 -16.89 -35.13
C GLY A 31 -36.30 -15.59 -35.90
N GLN A 32 -37.37 -14.80 -35.87
CA GLN A 32 -37.44 -13.55 -36.61
C GLN A 32 -37.54 -12.36 -35.68
N PRO A 33 -37.14 -11.17 -36.19
CA PRO A 33 -37.26 -9.92 -35.43
C PRO A 33 -38.70 -9.64 -35.05
N ALA A 34 -38.92 -9.15 -33.84
CA ALA A 34 -40.27 -8.75 -33.44
C ALA A 34 -40.62 -7.48 -34.18
N PRO A 35 -41.90 -7.34 -34.56
CA PRO A 35 -42.37 -6.17 -35.31
C PRO A 35 -42.46 -4.96 -34.39
N PRO A 36 -42.51 -3.75 -34.96
CA PRO A 36 -42.61 -2.52 -34.16
C PRO A 36 -43.87 -2.50 -33.32
N TYR A 37 -43.76 -2.02 -32.10
CA TYR A 37 -44.90 -1.90 -31.20
C TYR A 37 -45.83 -0.78 -31.68
N PRO A 38 -47.14 -1.04 -31.66
CA PRO A 38 -48.15 -0.16 -32.24
C PRO A 38 -48.37 1.15 -31.51
N GLU A 39 -48.70 2.17 -32.28
CA GLU A 39 -49.06 3.46 -31.74
C GLU A 39 -50.47 3.39 -31.12
N ILE A 40 -50.55 3.61 -29.81
CA ILE A 40 -51.81 3.55 -29.09
C ILE A 40 -52.18 4.94 -28.61
N SER A 41 -53.39 5.40 -28.93
CA SER A 41 -53.82 6.76 -28.64
C SER A 41 -54.21 6.94 -27.18
N ASP A 42 -54.08 8.16 -26.67
CA ASP A 42 -54.48 8.42 -25.30
C ASP A 42 -55.94 8.03 -25.11
N ASP A 43 -56.76 8.41 -26.08
CA ASP A 43 -58.20 8.16 -25.98
C ASP A 43 -58.54 6.68 -26.14
N GLU A 44 -57.66 5.92 -26.80
CA GLU A 44 -57.81 4.47 -26.88
C GLU A 44 -57.74 3.88 -25.48
N ILE A 45 -56.74 4.32 -24.72
CA ILE A 45 -56.61 3.95 -23.33
C ILE A 45 -57.77 4.48 -22.45
N ARG A 46 -58.12 5.76 -22.62
CA ARG A 46 -59.28 6.35 -21.92
C ARG A 46 -60.56 5.53 -22.04
N GLU A 47 -60.91 5.19 -23.29
CA GLU A 47 -62.11 4.40 -23.58
C GLU A 47 -62.20 3.12 -22.74
N THR A 48 -61.10 2.38 -22.70
CA THR A 48 -61.04 1.09 -22.00
C THR A 48 -61.17 1.27 -20.50
N ILE A 49 -60.48 2.26 -19.96
CA ILE A 49 -60.58 2.56 -18.53
C ILE A 49 -61.99 3.10 -18.18
N GLU A 50 -62.48 4.05 -18.96
CA GLU A 50 -63.78 4.66 -18.66
C GLU A 50 -64.92 3.65 -18.70
N ALA A 51 -64.91 2.74 -19.66
CA ALA A 51 -66.00 1.76 -19.81
C ALA A 51 -65.96 0.64 -18.76
N ASN A 52 -64.79 0.40 -18.19
CA ASN A 52 -64.63 -0.73 -17.29
C ASN A 52 -64.24 -0.34 -15.86
N GLN A 53 -62.96 -0.12 -15.61
CA GLN A 53 -62.54 0.17 -14.23
C GLN A 53 -63.19 1.43 -13.63
N LEU A 54 -63.06 2.56 -14.32
CA LEU A 54 -63.61 3.83 -13.83
C LEU A 54 -65.13 3.78 -13.60
N ARG A 55 -65.83 3.11 -14.52
CA ARG A 55 -67.26 2.89 -14.38
C ARG A 55 -67.55 2.19 -13.06
N LEU A 56 -66.74 1.19 -12.73
CA LEU A 56 -67.00 0.36 -11.56
C LEU A 56 -66.53 0.98 -10.24
N ILE A 57 -65.39 1.64 -10.28
CA ILE A 57 -64.91 2.42 -9.15
C ILE A 57 -65.99 3.40 -8.65
N LYS A 58 -66.57 4.16 -9.58
CA LYS A 58 -67.64 5.09 -9.24
C LYS A 58 -68.86 4.40 -8.63
N GLU A 59 -69.36 3.36 -9.30
CA GLU A 59 -70.54 2.65 -8.78
C GLU A 59 -70.29 2.06 -7.41
N ARG A 60 -69.03 1.69 -7.14
CA ARG A 60 -68.71 0.99 -5.91
C ARG A 60 -68.17 1.92 -4.81
N GLY A 61 -67.94 3.17 -5.16
CA GLY A 61 -67.46 4.14 -4.20
C GLY A 61 -66.05 3.87 -3.71
N ALA A 62 -65.18 3.44 -4.61
CA ALA A 62 -63.76 3.39 -4.31
C ALA A 62 -63.19 4.73 -4.68
N ASP A 63 -61.93 4.96 -4.34
CA ASP A 63 -61.26 6.21 -4.67
C ASP A 63 -60.12 5.99 -5.64
N MET A 64 -59.37 4.92 -5.44
CA MET A 64 -58.25 4.62 -6.32
C MET A 64 -57.88 3.15 -6.29
N THR A 65 -57.17 2.72 -7.33
CA THR A 65 -56.68 1.35 -7.46
C THR A 65 -55.18 1.37 -7.70
N ILE A 66 -54.46 0.50 -7.00
CA ILE A 66 -53.07 0.22 -7.33
C ILE A 66 -53.13 -0.81 -8.47
N PHE A 67 -52.59 -0.40 -9.62
CA PHE A 67 -52.99 -0.97 -10.90
C PHE A 67 -51.77 -1.58 -11.59
N SER A 68 -51.89 -2.83 -12.03
CA SER A 68 -50.77 -3.53 -12.66
C SER A 68 -51.19 -4.19 -13.96
N PRO A 69 -50.21 -4.67 -14.75
CA PRO A 69 -50.54 -5.32 -16.02
C PRO A 69 -51.40 -6.55 -15.75
N ARG A 70 -52.10 -7.01 -16.78
CA ARG A 70 -52.87 -8.24 -16.67
C ARG A 70 -51.93 -9.40 -16.32
N ALA A 71 -52.21 -10.09 -15.21
CA ALA A 71 -51.28 -11.08 -14.66
C ALA A 71 -51.19 -12.35 -15.50
N SER A 72 -52.34 -12.85 -15.94
CA SER A 72 -52.38 -14.07 -16.72
C SER A 72 -51.63 -13.88 -18.04
N ALA A 73 -51.48 -12.62 -18.45
CA ALA A 73 -50.81 -12.29 -19.70
C ALA A 73 -49.30 -12.19 -19.54
N MET A 74 -48.83 -11.92 -18.32
CA MET A 74 -47.38 -11.87 -18.07
C MET A 74 -46.63 -13.02 -18.77
N ALA A 75 -47.15 -14.24 -18.61
CA ALA A 75 -46.65 -15.41 -19.34
C ALA A 75 -45.11 -15.52 -19.43
N PRO A 76 -44.42 -15.40 -18.29
CA PRO A 76 -42.95 -15.49 -18.26
C PRO A 76 -42.40 -16.82 -18.79
N HIS A 77 -43.27 -17.83 -18.91
CA HIS A 77 -42.85 -19.12 -19.45
C HIS A 77 -42.78 -19.05 -20.97
N VAL A 78 -43.08 -17.86 -21.49
CA VAL A 78 -43.03 -17.54 -22.92
C VAL A 78 -42.14 -16.32 -23.16
N GLY A 79 -40.89 -16.46 -23.61
CA GLY A 79 -40.14 -17.69 -23.70
C GLY A 79 -38.85 -17.40 -22.93
N ASP A 80 -37.91 -16.66 -23.55
CA ASP A 80 -36.72 -16.19 -22.82
C ASP A 80 -36.68 -14.66 -22.63
N GLN A 81 -35.61 -14.16 -22.04
CA GLN A 81 -35.42 -12.71 -21.84
C GLN A 81 -35.65 -11.84 -23.07
N SER A 82 -35.33 -12.38 -24.24
CA SER A 82 -35.46 -11.62 -25.49
C SER A 82 -36.93 -11.30 -25.77
N VAL A 83 -37.82 -12.06 -25.13
CA VAL A 83 -39.24 -11.81 -25.22
C VAL A 83 -39.74 -11.14 -23.92
N ALA A 84 -39.31 -11.68 -22.79
CA ALA A 84 -39.77 -11.22 -21.48
C ALA A 84 -39.53 -9.73 -21.24
N VAL A 85 -38.36 -9.25 -21.60
CA VAL A 85 -37.99 -7.85 -21.35
C VAL A 85 -38.85 -6.83 -22.12
N PRO A 86 -38.95 -6.99 -23.46
CA PRO A 86 -39.79 -6.08 -24.26
C PRO A 86 -41.27 -6.15 -23.86
N TRP A 87 -41.74 -7.35 -23.56
CA TRP A 87 -43.12 -7.54 -23.14
C TRP A 87 -43.40 -6.77 -21.85
N ALA A 88 -42.55 -6.96 -20.84
CA ALA A 88 -42.73 -6.31 -19.55
C ALA A 88 -42.64 -4.79 -19.66
N GLN A 89 -41.63 -4.32 -20.38
CA GLN A 89 -41.49 -2.89 -20.61
C GLN A 89 -42.74 -2.29 -21.25
N ALA A 90 -43.25 -2.98 -22.27
CA ALA A 90 -44.47 -2.55 -22.96
C ALA A 90 -45.69 -2.57 -22.02
N CYS A 91 -45.82 -3.63 -21.23
CA CYS A 91 -46.93 -3.75 -20.28
C CYS A 91 -46.91 -2.67 -19.20
N ASN A 92 -45.72 -2.35 -18.70
CA ASN A 92 -45.58 -1.33 -17.66
C ASN A 92 -45.74 0.10 -18.18
N ASN A 93 -45.31 0.33 -19.42
CA ASN A 93 -45.55 1.59 -20.08
C ASN A 93 -47.03 1.92 -20.22
N LEU A 94 -47.87 0.89 -20.41
CA LEU A 94 -49.31 1.13 -20.49
C LEU A 94 -49.83 1.57 -19.15
N ILE A 95 -49.40 0.91 -18.08
CA ILE A 95 -49.82 1.30 -16.75
C ILE A 95 -49.41 2.75 -16.49
N ALA A 96 -48.21 3.11 -16.90
CA ALA A 96 -47.72 4.47 -16.71
C ALA A 96 -48.56 5.46 -17.49
N ARG A 97 -49.06 5.03 -18.66
CA ARG A 97 -49.93 5.89 -19.45
C ARG A 97 -51.29 6.00 -18.75
N VAL A 98 -51.85 4.87 -18.34
CA VAL A 98 -53.09 4.91 -17.56
C VAL A 98 -52.93 5.86 -16.37
N VAL A 99 -51.80 5.76 -15.68
CA VAL A 99 -51.53 6.62 -14.51
C VAL A 99 -51.46 8.10 -14.89
N ASP A 100 -50.87 8.41 -16.03
CA ASP A 100 -50.80 9.80 -16.50
C ASP A 100 -52.17 10.40 -16.78
N LEU A 101 -53.07 9.58 -17.34
CA LEU A 101 -54.38 10.03 -17.79
C LEU A 101 -55.41 10.08 -16.65
N PHE A 102 -55.13 9.32 -15.60
CA PHE A 102 -56.02 9.25 -14.44
C PHE A 102 -55.20 9.18 -13.16
N PRO A 103 -54.29 10.14 -12.96
CA PRO A 103 -53.32 10.06 -11.86
C PRO A 103 -53.95 10.17 -10.47
N GLU A 104 -55.20 10.60 -10.40
CA GLU A 104 -55.88 10.69 -9.11
C GLU A 104 -56.52 9.36 -8.72
N THR A 105 -56.60 8.45 -9.69
CA THR A 105 -57.41 7.24 -9.56
C THR A 105 -56.58 5.96 -9.52
N PHE A 106 -55.46 5.96 -10.26
CA PHE A 106 -54.63 4.77 -10.37
C PHE A 106 -53.20 5.06 -9.96
N ALA A 107 -52.59 4.10 -9.25
CA ALA A 107 -51.17 4.14 -8.92
C ALA A 107 -50.49 2.91 -9.52
N GLY A 108 -49.28 3.09 -10.02
CA GLY A 108 -48.60 2.03 -10.76
C GLY A 108 -47.85 0.99 -9.92
N VAL A 109 -48.13 -0.28 -10.22
CA VAL A 109 -47.34 -1.41 -9.75
C VAL A 109 -46.89 -2.18 -10.98
N CYS A 110 -45.66 -2.66 -10.97
CA CYS A 110 -45.07 -3.18 -12.19
C CYS A 110 -44.93 -4.70 -12.24
N MET A 111 -45.04 -5.26 -13.44
CA MET A 111 -44.64 -6.64 -13.68
C MET A 111 -43.15 -6.65 -13.94
N LEU A 112 -42.53 -7.80 -13.67
CA LEU A 112 -41.09 -7.94 -13.84
C LEU A 112 -40.87 -8.82 -15.05
N PRO A 113 -39.78 -8.56 -15.79
CA PRO A 113 -39.39 -9.38 -16.95
C PRO A 113 -38.78 -10.70 -16.54
N GLN A 114 -39.42 -11.41 -15.61
CA GLN A 114 -38.92 -12.72 -15.19
C GLN A 114 -39.08 -13.77 -16.29
N SER A 115 -38.05 -14.61 -16.44
CA SER A 115 -38.15 -15.77 -17.30
C SER A 115 -37.42 -16.92 -16.64
N PRO A 116 -37.73 -18.16 -17.03
CA PRO A 116 -37.29 -19.40 -16.38
C PRO A 116 -35.77 -19.59 -16.36
N GLU A 117 -35.07 -18.98 -17.32
CA GLU A 117 -33.65 -19.24 -17.49
C GLU A 117 -32.77 -18.10 -16.97
N ALA A 118 -33.39 -17.01 -16.53
CA ALA A 118 -32.64 -15.83 -16.14
C ALA A 118 -32.50 -15.63 -14.62
N ASP A 119 -31.49 -14.88 -14.22
CA ASP A 119 -31.41 -14.39 -12.85
C ASP A 119 -32.27 -13.15 -12.80
N MET A 120 -32.23 -12.45 -11.66
CA MET A 120 -33.11 -11.32 -11.44
C MET A 120 -32.51 -9.98 -11.86
N THR A 121 -31.36 -10.01 -12.51
CA THR A 121 -30.70 -8.79 -12.96
C THR A 121 -31.60 -7.84 -13.76
N SER A 122 -32.40 -8.38 -14.68
CA SER A 122 -33.21 -7.54 -15.55
C SER A 122 -34.48 -7.06 -14.85
N SER A 123 -34.90 -7.79 -13.82
CA SER A 123 -36.06 -7.42 -13.00
C SER A 123 -35.74 -6.32 -12.01
N ILE A 124 -34.50 -6.32 -11.52
CA ILE A 124 -33.99 -5.25 -10.69
C ILE A 124 -33.97 -3.94 -11.50
N ALA A 125 -33.52 -4.03 -12.74
CA ALA A 125 -33.46 -2.89 -13.64
C ALA A 125 -34.85 -2.33 -13.95
N GLU A 126 -35.79 -3.21 -14.27
CA GLU A 126 -37.15 -2.75 -14.58
C GLU A 126 -37.84 -2.20 -13.35
N LEU A 127 -37.56 -2.79 -12.18
CA LEU A 127 -38.04 -2.25 -10.93
C LEU A 127 -37.49 -0.84 -10.76
N GLU A 128 -36.19 -0.69 -10.96
CA GLU A 128 -35.56 0.63 -10.92
C GLU A 128 -36.23 1.56 -11.93
N ARG A 129 -36.39 1.12 -13.18
CA ARG A 129 -36.99 2.00 -14.18
C ARG A 129 -38.35 2.52 -13.72
N CYS A 130 -39.27 1.60 -13.48
CA CYS A 130 -40.65 1.97 -13.16
C CYS A 130 -40.76 2.79 -11.87
N VAL A 131 -39.98 2.45 -10.86
CA VAL A 131 -40.07 3.16 -9.58
C VAL A 131 -39.41 4.55 -9.65
N ASN A 132 -38.18 4.60 -10.14
CA ASN A 132 -37.42 5.86 -10.23
C ASN A 132 -37.88 6.79 -11.35
N GLU A 133 -38.08 6.23 -12.54
CA GLU A 133 -38.38 7.05 -13.70
C GLU A 133 -39.89 7.20 -13.93
N LEU A 134 -40.64 6.17 -13.59
CA LEU A 134 -42.08 6.16 -13.87
C LEU A 134 -42.93 6.39 -12.63
N GLY A 135 -42.31 6.31 -11.46
CA GLY A 135 -42.99 6.58 -10.21
C GLY A 135 -44.02 5.54 -9.78
N PHE A 136 -43.74 4.26 -10.03
CA PHE A 136 -44.58 3.17 -9.55
C PHE A 136 -44.30 2.98 -8.07
N ILE A 137 -45.21 2.32 -7.35
CA ILE A 137 -45.11 2.19 -5.89
C ILE A 137 -44.82 0.77 -5.42
N GLY A 138 -44.76 -0.18 -6.35
CA GLY A 138 -44.53 -1.58 -6.00
C GLY A 138 -44.34 -2.44 -7.23
N CYS A 139 -44.17 -3.75 -7.04
CA CYS A 139 -44.10 -4.69 -8.14
C CYS A 139 -44.90 -5.97 -7.85
N ASN A 140 -45.11 -6.78 -8.89
CA ASN A 140 -45.62 -8.13 -8.71
C ASN A 140 -44.47 -9.12 -8.91
N LEU A 141 -44.18 -9.90 -7.88
CA LEU A 141 -43.08 -10.84 -7.93
C LEU A 141 -43.59 -12.25 -8.16
N ASN A 142 -43.10 -12.87 -9.23
CA ASN A 142 -43.61 -14.18 -9.64
C ASN A 142 -42.76 -15.30 -9.07
N PRO A 143 -43.36 -16.13 -8.20
CA PRO A 143 -42.58 -17.16 -7.51
C PRO A 143 -42.28 -18.40 -8.36
N ASP A 144 -42.89 -18.50 -9.53
CA ASP A 144 -42.73 -19.66 -10.41
C ASP A 144 -42.85 -19.28 -11.89
N PRO A 145 -41.86 -18.52 -12.40
CA PRO A 145 -41.91 -18.06 -13.80
C PRO A 145 -42.04 -19.23 -14.78
N GLY A 146 -41.84 -20.45 -14.30
CA GLY A 146 -41.94 -21.65 -15.13
C GLY A 146 -43.37 -22.01 -15.52
N GLY A 147 -44.35 -21.48 -14.80
CA GLY A 147 -45.74 -21.55 -15.27
C GLY A 147 -46.62 -22.71 -14.85
N GLY A 148 -46.31 -23.39 -13.75
CA GLY A 148 -47.23 -24.40 -13.23
C GLY A 148 -46.64 -25.62 -12.57
N HIS A 149 -45.31 -25.68 -12.49
CA HIS A 149 -44.67 -26.86 -11.91
C HIS A 149 -43.85 -26.51 -10.68
N PHE A 150 -43.97 -25.26 -10.24
CA PHE A 150 -43.26 -24.77 -9.06
C PHE A 150 -41.79 -25.23 -9.05
N LYS A 151 -41.04 -24.80 -10.06
CA LYS A 151 -39.69 -25.31 -10.26
C LYS A 151 -38.58 -24.35 -9.87
N HIS A 152 -38.95 -23.15 -9.43
CA HIS A 152 -37.95 -22.23 -8.91
C HIS A 152 -37.68 -22.48 -7.43
N PRO A 153 -36.68 -21.78 -6.88
CA PRO A 153 -36.33 -21.84 -5.46
C PRO A 153 -37.36 -21.09 -4.62
N PRO A 154 -37.52 -21.47 -3.35
CA PRO A 154 -38.47 -20.76 -2.49
C PRO A 154 -38.05 -19.31 -2.30
N LEU A 155 -38.96 -18.49 -1.77
CA LEU A 155 -38.69 -17.07 -1.55
C LEU A 155 -37.59 -16.83 -0.50
N THR A 156 -37.18 -17.90 0.17
CA THR A 156 -36.15 -17.84 1.19
C THR A 156 -34.74 -17.97 0.61
N ASP A 157 -34.67 -18.40 -0.65
CA ASP A 157 -33.42 -18.74 -1.29
C ASP A 157 -32.69 -17.48 -1.77
N ARG A 158 -31.37 -17.48 -1.64
CA ARG A 158 -30.58 -16.30 -1.96
C ARG A 158 -30.61 -15.96 -3.45
N PHE A 159 -31.23 -16.82 -4.24
CA PHE A 159 -31.50 -16.47 -5.63
C PHE A 159 -32.31 -15.17 -5.73
N TRP A 160 -33.09 -14.88 -4.70
CA TRP A 160 -33.97 -13.73 -4.70
C TRP A 160 -33.39 -12.55 -3.92
N TYR A 161 -32.22 -12.74 -3.33
CA TYR A 161 -31.69 -11.76 -2.38
C TYR A 161 -31.34 -10.39 -2.98
N PRO A 162 -30.65 -10.39 -4.12
CA PRO A 162 -30.29 -9.11 -4.73
C PRO A 162 -31.56 -8.34 -5.10
N PHE A 163 -32.57 -9.02 -5.61
CA PHE A 163 -33.82 -8.31 -5.87
C PHE A 163 -34.40 -7.75 -4.58
N TYR A 164 -34.36 -8.54 -3.51
CA TYR A 164 -34.86 -8.08 -2.21
C TYR A 164 -34.14 -6.81 -1.73
N GLU A 165 -32.84 -6.72 -2.01
CA GLU A 165 -32.07 -5.55 -1.61
C GLU A 165 -32.57 -4.29 -2.32
N LYS A 166 -32.88 -4.42 -3.61
CA LYS A 166 -33.41 -3.30 -4.38
C LYS A 166 -34.76 -2.84 -3.82
N MET A 167 -35.61 -3.80 -3.47
CA MET A 167 -36.94 -3.51 -2.90
C MET A 167 -36.83 -2.69 -1.62
N VAL A 168 -35.87 -3.07 -0.77
CA VAL A 168 -35.64 -2.37 0.49
C VAL A 168 -35.12 -0.96 0.23
N GLU A 169 -34.15 -0.85 -0.66
CA GLU A 169 -33.60 0.44 -1.07
C GLU A 169 -34.69 1.44 -1.55
N LEU A 170 -35.65 0.96 -2.33
CA LEU A 170 -36.70 1.81 -2.89
C LEU A 170 -37.92 1.89 -1.98
N ASP A 171 -37.92 1.07 -0.94
CA ASP A 171 -39.02 1.03 0.02
C ASP A 171 -40.33 0.64 -0.66
N VAL A 172 -40.28 -0.42 -1.47
CA VAL A 172 -41.45 -0.87 -2.22
C VAL A 172 -41.83 -2.32 -1.85
N PRO A 173 -43.15 -2.59 -1.75
CA PRO A 173 -43.60 -3.96 -1.49
C PRO A 173 -43.69 -4.78 -2.77
N ALA A 174 -43.90 -6.09 -2.64
CA ALA A 174 -44.15 -6.96 -3.78
C ALA A 174 -45.43 -7.73 -3.54
N MET A 175 -46.27 -7.85 -4.56
CA MET A 175 -47.33 -8.83 -4.49
C MET A 175 -46.84 -10.11 -5.14
N ILE A 176 -46.78 -11.19 -4.34
CA ILE A 176 -46.50 -12.51 -4.86
C ILE A 176 -47.65 -12.90 -5.78
N HIS A 177 -47.33 -13.19 -7.03
CA HIS A 177 -48.35 -13.41 -8.02
C HIS A 177 -47.79 -14.21 -9.19
N VAL A 178 -48.44 -15.32 -9.52
CA VAL A 178 -48.05 -16.08 -10.71
C VAL A 178 -48.88 -15.64 -11.92
N SER A 179 -48.51 -16.18 -13.08
CA SER A 179 -49.19 -15.83 -14.32
C SER A 179 -49.97 -17.04 -14.84
N GLY A 180 -50.14 -17.12 -16.15
CA GLY A 180 -50.86 -18.22 -16.75
C GLY A 180 -50.17 -19.55 -16.53
N SER A 181 -50.93 -20.63 -16.68
CA SER A 181 -50.42 -21.98 -16.49
C SER A 181 -50.08 -22.63 -17.84
N CYS A 182 -48.96 -23.33 -17.89
CA CYS A 182 -48.67 -24.14 -19.06
C CYS A 182 -48.92 -25.61 -18.71
N ASN A 183 -49.32 -25.83 -17.46
CA ASN A 183 -49.58 -27.16 -16.93
C ASN A 183 -51.07 -27.51 -17.05
N PRO A 184 -51.41 -28.52 -17.87
CA PRO A 184 -52.82 -28.89 -18.06
C PRO A 184 -53.49 -29.43 -16.79
N ALA A 185 -52.70 -29.90 -15.82
CA ALA A 185 -53.25 -30.34 -14.54
C ALA A 185 -53.62 -29.16 -13.65
N MET A 186 -53.32 -27.95 -14.09
CA MET A 186 -53.48 -26.78 -13.24
C MET A 186 -54.01 -25.52 -13.91
N HIS A 187 -55.29 -25.25 -13.70
CA HIS A 187 -55.95 -24.01 -14.12
C HIS A 187 -55.33 -22.82 -13.39
N ALA A 188 -55.18 -21.70 -14.09
CA ALA A 188 -54.53 -20.52 -13.52
C ALA A 188 -55.29 -19.89 -12.34
N THR A 189 -56.43 -19.28 -12.61
CA THR A 189 -57.10 -18.46 -11.58
C THR A 189 -57.80 -19.22 -10.47
N GLY A 190 -58.22 -20.46 -10.74
CA GLY A 190 -58.88 -21.27 -9.73
C GLY A 190 -57.97 -22.19 -8.93
N ALA A 191 -56.81 -22.54 -9.49
CA ALA A 191 -55.91 -23.47 -8.82
C ALA A 191 -54.48 -22.93 -8.62
N TYR A 192 -53.80 -22.66 -9.72
CA TYR A 192 -52.43 -22.14 -9.70
C TYR A 192 -52.25 -20.94 -8.76
N TYR A 193 -53.06 -19.91 -8.98
CA TYR A 193 -52.95 -18.69 -8.17
C TYR A 193 -53.11 -18.97 -6.69
N LEU A 194 -54.04 -19.86 -6.34
CA LEU A 194 -54.32 -20.11 -4.92
C LEU A 194 -53.25 -20.99 -4.28
N ALA A 195 -52.86 -22.05 -4.97
CA ALA A 195 -51.75 -22.90 -4.56
C ALA A 195 -50.50 -22.06 -4.37
N ALA A 196 -50.29 -21.12 -5.28
CA ALA A 196 -49.13 -20.24 -5.23
C ALA A 196 -49.10 -19.45 -3.94
N ASP A 197 -50.26 -18.92 -3.54
CA ASP A 197 -50.36 -18.11 -2.33
C ASP A 197 -50.01 -18.95 -1.11
N THR A 198 -50.62 -20.12 -1.03
CA THR A 198 -50.43 -21.04 0.09
C THR A 198 -48.98 -21.51 0.17
N ILE A 199 -48.39 -21.80 -0.98
CA ILE A 199 -47.02 -22.28 -0.99
C ILE A 199 -46.06 -21.18 -0.56
N ALA A 200 -46.25 -19.98 -1.11
CA ALA A 200 -45.43 -18.84 -0.72
C ALA A 200 -45.43 -18.64 0.81
N PHE A 201 -46.60 -18.75 1.43
CA PHE A 201 -46.69 -18.56 2.89
C PHE A 201 -45.93 -19.62 3.69
N MET A 202 -45.97 -20.86 3.24
CA MET A 202 -45.28 -21.93 3.96
C MET A 202 -43.77 -21.89 3.71
N GLN A 203 -43.36 -21.43 2.54
CA GLN A 203 -41.93 -21.23 2.30
C GLN A 203 -41.36 -20.31 3.39
N LEU A 204 -42.14 -19.29 3.73
CA LEU A 204 -41.70 -18.30 4.72
C LEU A 204 -41.72 -18.90 6.12
N LEU A 205 -42.74 -19.71 6.40
CA LEU A 205 -42.88 -20.34 7.69
C LEU A 205 -41.66 -21.20 8.00
N GLN A 206 -41.08 -21.80 6.97
CA GLN A 206 -39.96 -22.73 7.10
C GLN A 206 -38.62 -22.07 7.42
N GLY A 207 -38.42 -20.85 6.93
CA GLY A 207 -37.16 -20.14 7.13
C GLY A 207 -37.40 -18.88 7.94
N ASN A 208 -36.50 -17.90 7.81
CA ASN A 208 -36.64 -16.66 8.57
C ASN A 208 -36.09 -15.49 7.76
N LEU A 209 -36.66 -15.29 6.57
CA LEU A 209 -36.19 -14.27 5.64
C LEU A 209 -36.22 -12.89 6.26
N PHE A 210 -37.21 -12.64 7.10
CA PHE A 210 -37.41 -11.30 7.64
C PHE A 210 -36.43 -10.97 8.77
N ALA A 211 -35.62 -11.94 9.15
CA ALA A 211 -34.46 -11.66 9.98
C ALA A 211 -33.42 -10.95 9.12
N ASP A 212 -33.20 -11.46 7.91
CA ASP A 212 -32.27 -10.85 6.96
C ASP A 212 -32.76 -9.51 6.40
N PHE A 213 -34.07 -9.40 6.17
CA PHE A 213 -34.69 -8.17 5.64
C PHE A 213 -35.86 -7.77 6.51
N PRO A 214 -35.60 -7.07 7.62
CA PRO A 214 -36.60 -6.70 8.63
C PRO A 214 -37.75 -5.86 8.06
N THR A 215 -37.52 -5.15 6.97
CA THR A 215 -38.56 -4.29 6.41
C THR A 215 -38.96 -4.68 4.98
N LEU A 216 -38.67 -5.90 4.59
CA LEU A 216 -39.18 -6.42 3.32
C LEU A 216 -40.67 -6.68 3.53
N ARG A 217 -41.47 -6.41 2.51
CA ARG A 217 -42.92 -6.53 2.66
C ARG A 217 -43.56 -7.29 1.49
N PHE A 218 -44.34 -8.31 1.82
CA PHE A 218 -45.07 -9.09 0.83
C PHE A 218 -46.58 -9.03 1.06
N ILE A 219 -47.34 -8.88 -0.02
CA ILE A 219 -48.77 -9.12 0.01
C ILE A 219 -49.01 -10.48 -0.64
N ILE A 220 -49.63 -11.38 0.10
CA ILE A 220 -50.09 -12.63 -0.47
C ILE A 220 -51.57 -12.44 -0.81
N PRO A 221 -51.90 -12.49 -2.11
CA PRO A 221 -53.23 -12.12 -2.61
C PRO A 221 -54.33 -13.13 -2.32
N HIS A 222 -55.52 -12.84 -2.81
CA HIS A 222 -56.69 -13.70 -2.62
C HIS A 222 -56.90 -14.10 -1.17
N GLY A 223 -56.78 -13.13 -0.28
CA GLY A 223 -57.03 -13.33 1.14
C GLY A 223 -56.06 -14.32 1.80
N GLY A 224 -54.90 -14.54 1.16
CA GLY A 224 -53.88 -15.43 1.68
C GLY A 224 -54.00 -16.87 1.23
N GLY A 225 -54.67 -17.08 0.11
CA GLY A 225 -54.84 -18.43 -0.42
C GLY A 225 -55.70 -19.28 0.51
N ALA A 226 -55.13 -20.38 1.00
CA ALA A 226 -55.81 -21.25 1.94
C ALA A 226 -55.46 -20.91 3.38
N VAL A 227 -54.62 -19.90 3.57
CA VAL A 227 -53.95 -19.70 4.86
C VAL A 227 -54.85 -19.38 6.07
N PRO A 228 -55.67 -18.30 6.00
CA PRO A 228 -56.59 -17.95 7.11
C PRO A 228 -57.63 -19.03 7.40
N TYR A 229 -58.02 -19.75 6.37
CA TYR A 229 -58.98 -20.84 6.54
C TYR A 229 -58.30 -21.99 7.29
N HIS A 230 -56.98 -22.10 7.10
CA HIS A 230 -56.17 -23.09 7.79
C HIS A 230 -55.22 -22.48 8.84
N TRP A 231 -55.61 -21.36 9.43
CA TRP A 231 -54.73 -20.63 10.37
C TRP A 231 -54.25 -21.54 11.50
N GLY A 232 -55.15 -22.32 12.07
CA GLY A 232 -54.77 -23.24 13.14
C GLY A 232 -53.74 -24.29 12.73
N ARG A 233 -53.83 -24.80 11.51
CA ARG A 233 -52.84 -25.74 10.99
C ARG A 233 -51.47 -25.09 10.86
N PHE A 234 -51.46 -23.83 10.45
CA PHE A 234 -50.22 -23.07 10.29
C PHE A 234 -49.59 -22.65 11.62
N ARG A 235 -50.41 -22.25 12.58
CA ARG A 235 -49.88 -21.97 13.93
C ARG A 235 -49.29 -23.24 14.52
N GLY A 236 -50.02 -24.34 14.41
CA GLY A 236 -49.54 -25.63 14.90
C GLY A 236 -48.27 -26.08 14.18
N LEU A 237 -48.21 -25.84 12.88
CA LEU A 237 -47.04 -26.22 12.10
C LEU A 237 -45.79 -25.49 12.57
N ALA A 238 -45.96 -24.23 12.98
CA ALA A 238 -44.84 -23.47 13.52
C ALA A 238 -44.19 -24.23 14.68
N ASP A 239 -45.01 -24.73 15.61
CA ASP A 239 -44.50 -25.51 16.74
C ASP A 239 -43.93 -26.85 16.28
N MET A 240 -44.62 -27.54 15.37
CA MET A 240 -44.09 -28.79 14.84
C MET A 240 -42.68 -28.54 14.32
N LEU A 241 -42.46 -27.33 13.81
CA LEU A 241 -41.18 -26.99 13.20
C LEU A 241 -40.24 -26.29 14.19
N LYS A 242 -40.72 -26.03 15.39
CA LYS A 242 -39.92 -25.37 16.41
C LYS A 242 -39.53 -23.99 15.92
N GLN A 243 -40.44 -23.37 15.18
CA GLN A 243 -40.26 -22.02 14.69
C GLN A 243 -40.96 -21.04 15.61
N PRO A 244 -40.60 -19.75 15.49
CA PRO A 244 -41.31 -18.70 16.25
C PRO A 244 -42.77 -18.64 15.85
N SER A 245 -43.56 -17.90 16.61
CA SER A 245 -44.97 -17.73 16.32
C SER A 245 -45.18 -16.85 15.08
N LEU A 246 -46.22 -17.13 14.31
CA LEU A 246 -46.46 -16.42 13.06
C LEU A 246 -46.50 -14.90 13.24
N ASP A 247 -47.05 -14.45 14.37
CA ASP A 247 -47.21 -13.03 14.60
C ASP A 247 -45.85 -12.35 14.51
N THR A 248 -44.84 -12.98 15.10
CA THR A 248 -43.51 -12.38 15.16
C THR A 248 -42.70 -12.75 13.93
N LEU A 249 -42.82 -14.01 13.52
CA LEU A 249 -42.04 -14.53 12.40
C LEU A 249 -42.45 -13.90 11.07
N LEU A 250 -43.75 -13.71 10.86
CA LEU A 250 -44.25 -13.35 9.54
C LEU A 250 -45.14 -12.10 9.48
N MET A 251 -46.01 -11.92 10.47
CA MET A 251 -47.12 -10.97 10.32
C MET A 251 -46.83 -9.48 10.60
N ASN A 252 -45.54 -9.12 10.65
CA ASN A 252 -45.16 -7.72 10.53
C ASN A 252 -44.58 -7.43 9.15
N ASN A 253 -44.52 -8.48 8.33
CA ASN A 253 -43.96 -8.38 6.99
C ASN A 253 -44.89 -8.95 5.91
N VAL A 254 -45.86 -9.77 6.31
CA VAL A 254 -46.85 -10.34 5.37
C VAL A 254 -48.26 -9.78 5.59
N PHE A 255 -48.91 -9.43 4.49
CA PHE A 255 -50.25 -8.86 4.53
C PHE A 255 -51.12 -9.62 3.53
N PHE A 256 -52.43 -9.62 3.74
CA PHE A 256 -53.34 -10.31 2.83
C PHE A 256 -54.29 -9.29 2.22
N ASP A 257 -54.75 -9.53 0.98
CA ASP A 257 -55.81 -8.69 0.42
C ASP A 257 -57.20 -9.25 0.74
N THR A 258 -58.24 -8.48 0.43
CA THR A 258 -59.61 -8.94 0.68
C THR A 258 -60.29 -9.48 -0.58
N CYS A 259 -59.51 -10.03 -1.49
CA CYS A 259 -60.07 -10.62 -2.71
C CYS A 259 -60.63 -12.01 -2.43
N VAL A 260 -61.66 -12.01 -1.59
CA VAL A 260 -62.43 -13.20 -1.23
C VAL A 260 -63.87 -12.87 -1.60
N TYR A 261 -64.47 -13.74 -2.41
CA TYR A 261 -65.67 -13.39 -3.16
C TYR A 261 -66.95 -13.95 -2.58
N HIS A 262 -67.06 -13.91 -1.26
CA HIS A 262 -68.29 -14.23 -0.55
C HIS A 262 -68.19 -13.80 0.92
N GLN A 263 -69.33 -13.46 1.54
CA GLN A 263 -69.32 -12.94 2.90
C GLN A 263 -68.64 -13.88 3.90
N PRO A 264 -68.99 -15.18 3.88
CA PRO A 264 -68.45 -16.11 4.88
C PRO A 264 -66.93 -16.15 4.89
N GLY A 265 -66.30 -16.07 3.72
CA GLY A 265 -64.85 -16.03 3.63
C GLY A 265 -64.27 -14.76 4.21
N ILE A 266 -64.88 -13.62 3.87
CA ILE A 266 -64.46 -12.34 4.45
C ILE A 266 -64.71 -12.35 5.96
N ASN A 267 -65.76 -13.05 6.39
CA ASN A 267 -66.02 -13.25 7.82
C ASN A 267 -64.86 -13.93 8.53
N LEU A 268 -64.35 -15.00 7.94
CA LEU A 268 -63.25 -15.74 8.54
C LEU A 268 -61.98 -14.91 8.55
N LEU A 269 -61.71 -14.23 7.43
CA LEU A 269 -60.51 -13.41 7.28
C LEU A 269 -60.43 -12.35 8.39
N ALA A 270 -61.55 -11.71 8.71
CA ALA A 270 -61.57 -10.64 9.71
C ALA A 270 -61.42 -11.24 11.09
N ASP A 271 -62.03 -12.40 11.27
CA ASP A 271 -62.01 -13.13 12.52
C ASP A 271 -60.59 -13.52 12.91
N VAL A 272 -59.89 -14.20 12.01
CA VAL A 272 -58.61 -14.82 12.39
C VAL A 272 -57.34 -13.99 12.14
N ILE A 273 -57.37 -13.11 11.13
CA ILE A 273 -56.19 -12.29 10.83
C ILE A 273 -56.26 -10.95 11.55
N ASP A 274 -55.12 -10.50 12.07
CA ASP A 274 -55.10 -9.20 12.74
C ASP A 274 -55.45 -8.12 11.75
N ASN A 275 -56.17 -7.10 12.24
CA ASN A 275 -56.68 -6.04 11.39
C ASN A 275 -55.59 -5.37 10.54
N LYS A 276 -54.43 -5.16 11.14
CA LYS A 276 -53.35 -4.44 10.48
C LYS A 276 -52.75 -5.20 9.31
N ASN A 277 -53.15 -6.46 9.11
CA ASN A 277 -52.60 -7.31 8.04
C ASN A 277 -53.52 -7.45 6.82
N ILE A 278 -54.70 -6.85 6.93
CA ILE A 278 -55.74 -6.96 5.93
C ILE A 278 -55.73 -5.69 5.07
N LEU A 279 -55.60 -5.85 3.75
CA LEU A 279 -55.65 -4.69 2.85
C LEU A 279 -56.78 -4.85 1.84
N PHE A 280 -57.73 -3.91 1.85
CA PHE A 280 -58.84 -3.97 0.91
C PHE A 280 -58.34 -4.07 -0.53
N GLY A 281 -58.86 -5.06 -1.26
CA GLY A 281 -58.67 -5.19 -2.69
C GLY A 281 -59.89 -5.86 -3.29
N SER A 282 -60.01 -5.85 -4.61
CA SER A 282 -61.17 -6.51 -5.24
C SER A 282 -60.82 -7.26 -6.53
N GLU A 283 -59.69 -6.93 -7.14
CA GLU A 283 -59.31 -7.53 -8.42
C GLU A 283 -60.48 -7.48 -9.40
N MET A 284 -61.11 -6.31 -9.52
CA MET A 284 -62.27 -6.13 -10.39
C MET A 284 -61.93 -6.38 -11.86
N VAL A 285 -62.95 -6.70 -12.65
CA VAL A 285 -62.82 -7.00 -14.07
C VAL A 285 -61.75 -8.04 -14.36
N GLY A 286 -61.73 -9.13 -13.60
CA GLY A 286 -60.62 -10.05 -13.63
C GLY A 286 -60.98 -11.53 -13.53
N ALA A 287 -60.72 -12.11 -12.36
CA ALA A 287 -60.90 -13.56 -12.21
C ALA A 287 -62.36 -13.95 -12.29
N VAL A 288 -63.20 -13.19 -11.60
CA VAL A 288 -64.63 -13.51 -11.50
C VAL A 288 -65.47 -12.26 -11.76
N ARG A 289 -66.11 -12.20 -12.93
CA ARG A 289 -66.71 -10.96 -13.40
C ARG A 289 -68.24 -10.92 -13.39
N GLY A 290 -68.88 -12.03 -13.02
CA GLY A 290 -70.33 -12.08 -13.00
C GLY A 290 -70.99 -11.80 -11.66
N ILE A 291 -72.31 -11.74 -11.67
CA ILE A 291 -73.08 -11.56 -10.45
C ILE A 291 -73.16 -12.87 -9.69
N ASP A 292 -73.32 -12.76 -8.37
CA ASP A 292 -73.50 -13.91 -7.49
C ASP A 292 -75.00 -14.18 -7.33
N PRO A 293 -75.49 -15.23 -8.01
CA PRO A 293 -76.92 -15.55 -8.07
C PRO A 293 -77.53 -15.57 -6.67
N THR A 294 -76.71 -15.83 -5.67
CA THR A 294 -77.22 -15.95 -4.31
C THR A 294 -77.31 -14.62 -3.54
N THR A 295 -76.77 -13.54 -4.09
CA THR A 295 -76.85 -12.23 -3.42
C THR A 295 -77.47 -11.14 -4.28
N GLY A 296 -77.34 -11.26 -5.59
CA GLY A 296 -77.81 -10.24 -6.49
C GLY A 296 -76.73 -9.20 -6.69
N HIS A 297 -75.58 -9.43 -6.06
CA HIS A 297 -74.44 -8.53 -6.22
C HIS A 297 -73.25 -9.26 -6.84
N TYR A 298 -72.34 -8.48 -7.39
CA TYR A 298 -71.15 -9.02 -8.03
C TYR A 298 -70.23 -9.72 -7.04
N PHE A 299 -69.74 -10.89 -7.44
CA PHE A 299 -68.74 -11.64 -6.67
C PHE A 299 -67.62 -10.72 -6.15
N ASP A 300 -67.02 -9.93 -7.04
CA ASP A 300 -65.80 -9.17 -6.69
C ASP A 300 -66.01 -7.77 -6.08
N ASP A 301 -67.26 -7.36 -5.92
CA ASP A 301 -67.56 -6.12 -5.21
C ASP A 301 -67.29 -6.35 -3.73
N THR A 302 -66.01 -6.40 -3.37
CA THR A 302 -65.62 -6.81 -2.02
C THR A 302 -65.85 -5.75 -0.96
N LYS A 303 -66.03 -4.50 -1.39
CA LYS A 303 -66.37 -3.46 -0.42
C LYS A 303 -67.65 -3.87 0.32
N ARG A 304 -68.60 -4.45 -0.41
CA ARG A 304 -69.84 -4.88 0.22
C ARG A 304 -69.63 -5.83 1.37
N TYR A 305 -68.63 -6.70 1.27
CA TYR A 305 -68.35 -7.65 2.34
C TYR A 305 -67.70 -6.95 3.53
N ILE A 306 -66.76 -6.04 3.29
CA ILE A 306 -66.16 -5.34 4.42
C ILE A 306 -67.20 -4.44 5.07
N ASP A 307 -68.02 -3.80 4.24
CA ASP A 307 -69.12 -2.98 4.74
C ASP A 307 -69.98 -3.71 5.78
N ALA A 308 -70.20 -5.00 5.55
CA ALA A 308 -71.15 -5.76 6.39
C ALA A 308 -70.49 -6.20 7.70
N LEU A 309 -69.17 -6.11 7.75
CA LEU A 309 -68.44 -6.45 8.97
C LEU A 309 -68.83 -5.56 10.15
N ASP A 310 -69.05 -6.19 11.30
CA ASP A 310 -69.29 -5.45 12.54
C ASP A 310 -67.97 -5.06 13.18
N ILE A 311 -67.29 -4.10 12.55
CA ILE A 311 -66.01 -3.61 13.04
C ILE A 311 -66.13 -2.12 13.33
N SER A 312 -65.16 -1.58 14.07
CA SER A 312 -65.19 -0.17 14.42
C SER A 312 -64.75 0.68 13.23
N ASP A 313 -64.93 1.99 13.35
CA ASP A 313 -64.50 2.93 12.33
C ASP A 313 -63.00 2.86 12.09
N GLN A 314 -62.24 2.61 13.16
CA GLN A 314 -60.79 2.53 13.07
C GLN A 314 -60.34 1.29 12.29
N GLU A 315 -60.99 0.15 12.56
CA GLU A 315 -60.69 -1.06 11.82
C GLU A 315 -60.94 -0.87 10.33
N ARG A 316 -62.08 -0.27 10.01
CA ARG A 316 -62.48 -0.02 8.62
C ARG A 316 -61.42 0.84 7.92
N HIS A 317 -61.06 1.94 8.57
CA HIS A 317 -60.04 2.84 8.06
C HIS A 317 -58.75 2.10 7.69
N ALA A 318 -58.30 1.23 8.59
CA ALA A 318 -57.09 0.49 8.34
C ALA A 318 -57.25 -0.41 7.12
N ILE A 319 -58.39 -1.09 7.02
CA ILE A 319 -58.60 -2.03 5.91
C ILE A 319 -58.65 -1.28 4.56
N PHE A 320 -59.40 -0.18 4.52
CA PHE A 320 -59.61 0.58 3.29
C PHE A 320 -58.45 1.51 2.94
N GLU A 321 -57.80 2.08 3.94
CA GLU A 321 -56.82 3.14 3.68
C GLU A 321 -55.49 3.00 4.43
N GLY A 322 -55.56 2.77 5.75
CA GLY A 322 -54.37 2.87 6.58
C GLY A 322 -53.30 1.84 6.31
N ASN A 323 -53.69 0.57 6.26
CA ASN A 323 -52.72 -0.50 6.05
C ASN A 323 -51.96 -0.34 4.73
N THR A 324 -52.71 -0.07 3.65
CA THR A 324 -52.12 0.07 2.34
C THR A 324 -51.10 1.21 2.31
N ARG A 325 -51.43 2.32 2.97
CA ARG A 325 -50.50 3.46 2.99
C ARG A 325 -49.21 3.13 3.75
N ARG A 326 -49.27 2.18 4.67
CA ARG A 326 -48.08 1.75 5.41
C ARG A 326 -47.23 0.81 4.56
N VAL A 327 -47.91 -0.08 3.85
CA VAL A 327 -47.23 -1.07 3.04
C VAL A 327 -46.67 -0.46 1.74
N PHE A 328 -47.26 0.66 1.32
CA PHE A 328 -46.74 1.42 0.18
C PHE A 328 -46.40 2.85 0.61
N PRO A 329 -45.22 3.07 1.20
CA PRO A 329 -44.88 4.40 1.73
C PRO A 329 -44.88 5.49 0.67
N ARG A 330 -44.50 5.13 -0.55
CA ARG A 330 -44.41 6.11 -1.62
C ARG A 330 -45.80 6.64 -1.98
N LEU A 331 -46.80 5.76 -1.93
CA LEU A 331 -48.17 6.18 -2.16
C LEU A 331 -48.57 7.10 -1.02
N ASP A 332 -48.25 6.67 0.20
CA ASP A 332 -48.49 7.46 1.39
C ASP A 332 -47.92 8.87 1.21
N ALA A 333 -46.69 8.97 0.75
CA ALA A 333 -46.01 10.25 0.60
C ALA A 333 -46.69 11.11 -0.45
N LYS A 334 -47.15 10.47 -1.53
CA LYS A 334 -47.82 11.17 -2.61
C LYS A 334 -49.15 11.72 -2.13
N LEU A 335 -49.87 10.94 -1.33
CA LEU A 335 -51.15 11.38 -0.82
C LEU A 335 -50.99 12.52 0.16
N LYS A 336 -49.98 12.42 1.03
CA LYS A 336 -49.73 13.47 2.00
C LYS A 336 -49.44 14.79 1.29
N ALA A 337 -48.56 14.72 0.29
CA ALA A 337 -48.16 15.87 -0.52
C ALA A 337 -49.35 16.57 -1.16
N ARG A 338 -50.46 15.86 -1.30
CA ARG A 338 -51.69 16.45 -1.85
C ARG A 338 -52.60 16.89 -0.71
N GLY A 339 -52.05 16.92 0.50
CA GLY A 339 -52.79 17.33 1.69
C GLY A 339 -53.91 16.39 2.08
N LEU A 340 -53.76 15.10 1.78
CA LEU A 340 -54.77 14.13 2.19
C LEU A 340 -54.30 13.30 3.39
N MET B 1 33.97 -19.38 20.26
CA MET B 1 34.89 -18.68 19.37
C MET B 1 36.34 -19.15 19.56
N MET B 2 36.91 -19.72 18.50
CA MET B 2 38.30 -20.12 18.53
C MET B 2 39.15 -18.94 18.08
N ILE B 3 40.38 -18.86 18.59
CA ILE B 3 41.31 -17.84 18.14
C ILE B 3 42.43 -18.50 17.36
N ILE B 4 42.37 -18.40 16.04
CA ILE B 4 43.34 -19.03 15.14
C ILE B 4 44.31 -17.99 14.59
N ASP B 5 45.59 -18.11 14.99
CA ASP B 5 46.65 -17.20 14.56
C ASP B 5 47.15 -17.65 13.19
N CYS B 6 46.80 -16.90 12.14
CA CYS B 6 47.08 -17.39 10.80
C CYS B 6 48.54 -17.29 10.31
N HIS B 7 49.41 -16.67 11.10
CA HIS B 7 50.76 -16.34 10.62
C HIS B 7 51.81 -16.49 11.73
N GLY B 8 52.67 -17.52 11.60
CA GLY B 8 53.72 -17.76 12.57
C GLY B 8 54.74 -18.79 12.10
N HIS B 9 55.99 -18.60 12.51
CA HIS B 9 57.08 -19.42 11.99
C HIS B 9 57.85 -20.11 13.11
N TYR B 10 58.47 -21.23 12.79
CA TYR B 10 59.29 -21.93 13.77
C TYR B 10 60.64 -21.22 13.87
N THR B 11 60.74 -20.30 14.84
CA THR B 11 61.84 -19.32 14.87
C THR B 11 62.95 -19.63 15.88
N VAL B 12 62.59 -20.28 16.99
CA VAL B 12 63.60 -20.73 17.95
C VAL B 12 63.73 -22.25 17.83
N LEU B 13 64.84 -22.69 17.24
CA LEU B 13 64.98 -24.05 16.72
C LEU B 13 66.11 -24.85 17.35
N PRO B 14 66.04 -26.17 17.25
CA PRO B 14 67.17 -27.00 17.64
C PRO B 14 68.40 -26.51 16.87
N LYS B 15 69.51 -26.34 17.56
CA LYS B 15 70.72 -25.74 16.97
C LYS B 15 71.30 -26.58 15.83
N ALA B 16 71.15 -27.89 15.91
CA ALA B 16 71.64 -28.78 14.86
C ALA B 16 71.11 -28.37 13.50
N HIS B 17 69.83 -27.97 13.48
CA HIS B 17 69.15 -27.54 12.26
C HIS B 17 69.95 -26.46 11.51
N ASP B 18 70.27 -25.38 12.22
CA ASP B 18 70.98 -24.25 11.63
C ASP B 18 72.47 -24.52 11.41
N GLU B 19 73.06 -25.34 12.28
CA GLU B 19 74.44 -25.75 12.07
C GLU B 19 74.53 -26.59 10.81
N TRP B 20 73.59 -27.51 10.62
CA TRP B 20 73.57 -28.28 9.38
C TRP B 20 73.42 -27.34 8.21
N ARG B 21 72.54 -26.34 8.36
CA ARG B 21 72.33 -25.35 7.32
C ARG B 21 73.64 -24.68 6.88
N GLU B 22 74.46 -24.25 7.83
CA GLU B 22 75.75 -23.64 7.52
C GLU B 22 76.71 -24.64 6.88
N GLN B 23 76.72 -25.87 7.41
CA GLN B 23 77.52 -26.94 6.84
C GLN B 23 77.05 -27.25 5.44
N GLN B 24 75.73 -27.25 5.22
CA GLN B 24 75.22 -27.46 3.88
C GLN B 24 75.69 -26.35 2.95
N LYS B 25 75.65 -25.11 3.45
CA LYS B 25 76.08 -23.97 2.65
C LYS B 25 77.58 -24.00 2.35
N ALA B 26 78.36 -24.28 3.38
CA ALA B 26 79.79 -24.44 3.20
C ALA B 26 80.04 -25.56 2.21
N ALA B 27 79.38 -26.69 2.43
CA ALA B 27 79.48 -27.82 1.52
C ALA B 27 79.28 -27.35 0.08
N PHE B 28 78.18 -26.66 -0.18
CA PHE B 28 77.89 -26.14 -1.51
C PHE B 28 79.06 -25.31 -2.08
N LYS B 29 79.65 -24.44 -1.27
CA LYS B 29 80.80 -23.63 -1.71
C LYS B 29 81.98 -24.52 -2.08
N ALA B 30 82.18 -25.58 -1.30
CA ALA B 30 83.32 -26.47 -1.50
C ALA B 30 83.14 -27.38 -2.71
N PRO B 33 79.23 -31.60 -1.42
CA PRO B 33 78.30 -32.61 -0.87
C PRO B 33 78.09 -32.44 0.63
N ALA B 34 76.89 -32.03 1.04
CA ALA B 34 76.61 -31.78 2.45
C ALA B 34 76.61 -33.07 3.26
N PRO B 35 76.96 -32.98 4.55
CA PRO B 35 76.84 -34.14 5.42
C PRO B 35 75.38 -34.44 5.74
N PRO B 36 75.09 -35.64 6.28
CA PRO B 36 73.71 -36.02 6.58
C PRO B 36 73.08 -35.04 7.54
N TYR B 37 71.79 -34.82 7.38
CA TYR B 37 71.03 -34.02 8.32
C TYR B 37 71.10 -34.70 9.69
N PRO B 38 71.31 -33.91 10.75
CA PRO B 38 71.56 -34.41 12.10
C PRO B 38 70.35 -35.11 12.74
N GLU B 39 70.63 -35.88 13.79
CA GLU B 39 69.57 -36.41 14.63
C GLU B 39 69.03 -35.31 15.51
N ILE B 40 67.71 -35.19 15.59
CA ILE B 40 67.04 -34.24 16.47
C ILE B 40 65.88 -34.98 17.15
N SER B 41 65.87 -34.97 18.49
CA SER B 41 64.87 -35.74 19.26
C SER B 41 63.55 -35.00 19.34
N ASP B 42 62.47 -35.71 19.65
CA ASP B 42 61.20 -35.05 19.93
C ASP B 42 61.36 -34.13 21.13
N ASP B 43 62.13 -34.55 22.12
CA ASP B 43 62.29 -33.75 23.34
C ASP B 43 63.03 -32.43 23.08
N GLU B 44 64.01 -32.45 22.18
CA GLU B 44 64.66 -31.21 21.77
C GLU B 44 63.64 -30.26 21.10
N ILE B 45 62.74 -30.83 20.32
CA ILE B 45 61.66 -30.06 19.69
C ILE B 45 60.63 -29.53 20.68
N ARG B 46 60.12 -30.39 21.57
CA ARG B 46 59.16 -29.98 22.59
C ARG B 46 59.68 -28.80 23.44
N GLU B 47 60.95 -28.86 23.83
CA GLU B 47 61.60 -27.81 24.62
C GLU B 47 61.37 -26.46 23.96
N THR B 48 61.79 -26.35 22.70
CA THR B 48 61.78 -25.08 21.98
C THR B 48 60.37 -24.53 21.77
N ILE B 49 59.41 -25.39 21.43
CA ILE B 49 58.01 -24.97 21.34
C ILE B 49 57.47 -24.55 22.71
N GLU B 50 57.73 -25.36 23.73
CA GLU B 50 57.15 -25.13 25.05
C GLU B 50 57.67 -23.84 25.65
N ALA B 51 58.97 -23.63 25.47
CA ALA B 51 59.64 -22.45 26.00
C ALA B 51 59.15 -21.18 25.33
N ASN B 52 58.52 -21.34 24.16
CA ASN B 52 58.27 -20.20 23.29
C ASN B 52 56.83 -20.07 22.85
N GLN B 53 56.51 -20.59 21.67
CA GLN B 53 55.17 -20.42 21.13
C GLN B 53 54.09 -20.92 22.08
N LEU B 54 54.26 -22.11 22.63
CA LEU B 54 53.25 -22.71 23.50
C LEU B 54 52.97 -21.81 24.71
N ARG B 55 54.04 -21.41 25.39
CA ARG B 55 53.95 -20.50 26.54
C ARG B 55 53.17 -19.24 26.19
N LEU B 56 53.52 -18.62 25.06
CA LEU B 56 52.86 -17.38 24.65
C LEU B 56 51.42 -17.61 24.19
N ILE B 57 51.21 -18.69 23.46
CA ILE B 57 49.88 -19.09 23.06
C ILE B 57 48.98 -19.17 24.29
N LYS B 58 49.51 -19.76 25.36
CA LYS B 58 48.74 -19.88 26.60
C LYS B 58 48.52 -18.53 27.28
N GLU B 59 49.59 -17.76 27.43
CA GLU B 59 49.48 -16.44 28.06
C GLU B 59 48.56 -15.50 27.28
N ARG B 60 48.60 -15.62 25.95
CA ARG B 60 47.87 -14.67 25.11
C ARG B 60 46.44 -15.07 24.75
N GLY B 61 46.04 -16.29 25.13
CA GLY B 61 44.68 -16.74 24.94
C GLY B 61 44.35 -17.35 23.58
N ALA B 62 45.37 -17.71 22.80
CA ALA B 62 45.15 -18.32 21.48
C ALA B 62 44.83 -19.82 21.60
N ASP B 63 44.25 -20.37 20.53
CA ASP B 63 43.89 -21.78 20.49
C ASP B 63 44.71 -22.56 19.46
N MET B 64 45.21 -21.84 18.45
CA MET B 64 45.94 -22.50 17.39
C MET B 64 46.80 -21.53 16.59
N THR B 65 47.89 -22.04 16.02
CA THR B 65 48.72 -21.26 15.13
C THR B 65 48.92 -22.02 13.84
N ILE B 66 48.75 -21.34 12.72
CA ILE B 66 49.15 -21.87 11.43
C ILE B 66 50.64 -21.59 11.26
N PHE B 67 51.43 -22.66 11.27
CA PHE B 67 52.87 -22.66 11.55
C PHE B 67 53.64 -23.07 10.31
N SER B 68 54.76 -22.41 10.05
CA SER B 68 55.59 -22.68 8.87
C SER B 68 57.05 -22.34 9.19
N PRO B 69 57.96 -22.69 8.28
CA PRO B 69 59.38 -22.47 8.58
C PRO B 69 59.72 -20.99 8.75
N ARG B 70 60.76 -20.70 9.52
CA ARG B 70 61.25 -19.35 9.71
C ARG B 70 61.42 -18.70 8.34
N ALA B 71 60.83 -17.51 8.15
CA ALA B 71 60.80 -16.87 6.83
C ALA B 71 62.17 -16.38 6.33
N SER B 72 62.95 -15.81 7.23
CA SER B 72 64.22 -15.21 6.86
C SER B 72 65.27 -16.27 6.51
N ALA B 73 65.06 -17.48 7.02
CA ALA B 73 66.01 -18.58 6.80
C ALA B 73 65.69 -19.37 5.54
N MET B 74 64.56 -19.10 4.90
CA MET B 74 64.28 -19.72 3.61
C MET B 74 65.44 -19.47 2.62
N ALA B 75 65.78 -18.20 2.43
CA ALA B 75 66.92 -17.80 1.60
C ALA B 75 67.13 -18.62 0.32
N PRO B 76 66.15 -18.53 -0.61
CA PRO B 76 66.17 -19.26 -1.88
C PRO B 76 67.21 -18.69 -2.83
N HIS B 77 67.93 -17.66 -2.39
CA HIS B 77 68.89 -16.99 -3.24
C HIS B 77 70.30 -17.48 -2.97
N VAL B 78 70.44 -18.44 -2.05
CA VAL B 78 71.76 -18.82 -1.55
C VAL B 78 72.17 -20.28 -1.74
N GLY B 79 72.16 -20.80 -2.96
CA GLY B 79 71.66 -20.11 -4.14
C GLY B 79 71.40 -21.06 -5.30
N ASP B 80 71.01 -22.30 -5.00
CA ASP B 80 70.89 -23.36 -6.01
C ASP B 80 69.81 -24.41 -5.64
N GLN B 81 69.20 -25.04 -6.65
CA GLN B 81 68.21 -26.10 -6.41
C GLN B 81 68.76 -27.27 -5.58
N SER B 82 70.04 -27.55 -5.74
CA SER B 82 70.65 -28.66 -5.02
C SER B 82 70.79 -28.33 -3.54
N VAL B 83 70.51 -27.08 -3.19
CA VAL B 83 70.50 -26.65 -1.80
C VAL B 83 69.07 -26.35 -1.33
N ALA B 84 68.23 -25.89 -2.24
CA ALA B 84 66.86 -25.50 -1.92
C ALA B 84 65.94 -26.68 -1.61
N VAL B 85 66.08 -27.76 -2.34
CA VAL B 85 65.17 -28.90 -2.13
C VAL B 85 65.40 -29.60 -0.79
N PRO B 86 66.63 -30.07 -0.53
CA PRO B 86 66.87 -30.69 0.77
C PRO B 86 66.63 -29.74 1.95
N TRP B 87 66.95 -28.45 1.81
CA TRP B 87 66.68 -27.49 2.86
C TRP B 87 65.17 -27.30 3.02
N ALA B 88 64.48 -27.01 1.93
CA ALA B 88 63.02 -26.91 1.99
C ALA B 88 62.41 -28.14 2.67
N GLN B 89 62.88 -29.33 2.26
CA GLN B 89 62.39 -30.59 2.80
C GLN B 89 62.67 -30.73 4.31
N ALA B 90 63.89 -30.41 4.73
CA ALA B 90 64.27 -30.49 6.13
C ALA B 90 63.41 -29.55 6.97
N CYS B 91 63.16 -28.36 6.45
CA CYS B 91 62.38 -27.36 7.18
C CYS B 91 60.91 -27.77 7.31
N ASN B 92 60.32 -28.25 6.23
CA ASN B 92 58.92 -28.67 6.27
C ASN B 92 58.73 -29.89 7.15
N ASN B 93 59.66 -30.82 7.06
CA ASN B 93 59.69 -31.98 7.95
C ASN B 93 59.71 -31.57 9.42
N LEU B 94 60.53 -30.57 9.75
CA LEU B 94 60.57 -30.04 11.10
C LEU B 94 59.18 -29.53 11.49
N ILE B 95 58.54 -28.79 10.61
CA ILE B 95 57.18 -28.33 10.88
C ILE B 95 56.26 -29.51 11.08
N ALA B 96 56.40 -30.54 10.24
CA ALA B 96 55.52 -31.70 10.33
C ALA B 96 55.62 -32.38 11.70
N ARG B 97 56.84 -32.51 12.20
CA ARG B 97 57.05 -33.11 13.52
C ARG B 97 56.48 -32.22 14.63
N VAL B 98 56.50 -30.91 14.46
CA VAL B 98 55.90 -30.05 15.47
C VAL B 98 54.41 -30.34 15.59
N VAL B 99 53.73 -30.37 14.45
CA VAL B 99 52.30 -30.70 14.42
C VAL B 99 52.05 -32.05 15.08
N ASP B 100 52.86 -33.04 14.72
CA ASP B 100 52.73 -34.39 15.29
C ASP B 100 52.80 -34.37 16.82
N LEU B 101 53.72 -33.57 17.36
CA LEU B 101 53.95 -33.46 18.79
C LEU B 101 52.91 -32.57 19.48
N PHE B 102 52.37 -31.63 18.72
CA PHE B 102 51.32 -30.75 19.21
C PHE B 102 50.23 -30.65 18.17
N PRO B 103 49.42 -31.71 18.02
CA PRO B 103 48.49 -31.75 16.88
C PRO B 103 47.21 -30.93 17.11
N GLU B 104 46.90 -30.63 18.36
CA GLU B 104 45.74 -29.78 18.65
C GLU B 104 46.05 -28.29 18.46
N THR B 105 47.33 -27.94 18.30
CA THR B 105 47.73 -26.55 18.43
C THR B 105 48.40 -25.94 17.19
N PHE B 106 49.05 -26.78 16.40
CA PHE B 106 49.71 -26.31 15.20
C PHE B 106 49.19 -27.00 13.95
N ALA B 107 48.95 -26.20 12.90
CA ALA B 107 48.61 -26.74 11.60
C ALA B 107 49.68 -26.26 10.61
N GLY B 108 50.13 -27.15 9.73
CA GLY B 108 51.32 -26.90 8.95
C GLY B 108 51.17 -26.16 7.63
N VAL B 109 52.12 -25.26 7.36
CA VAL B 109 52.21 -24.57 6.07
C VAL B 109 53.65 -24.68 5.59
N CYS B 110 53.83 -25.04 4.33
CA CYS B 110 55.16 -25.33 3.84
C CYS B 110 55.83 -24.14 3.15
N MET B 111 57.16 -24.12 3.26
CA MET B 111 57.96 -23.29 2.37
C MET B 111 58.14 -24.13 1.13
N LEU B 112 58.61 -23.51 0.06
CA LEU B 112 58.77 -24.19 -1.21
C LEU B 112 60.22 -24.05 -1.60
N PRO B 113 60.77 -25.08 -2.27
CA PRO B 113 62.17 -25.09 -2.71
C PRO B 113 62.39 -24.21 -3.93
N GLN B 114 62.08 -22.93 -3.79
CA GLN B 114 62.32 -21.98 -4.84
C GLN B 114 63.80 -21.57 -4.86
N SER B 115 64.31 -21.33 -6.06
CA SER B 115 65.62 -20.72 -6.24
C SER B 115 65.55 -19.89 -7.52
N PRO B 116 66.45 -18.91 -7.66
CA PRO B 116 66.32 -17.92 -8.72
C PRO B 116 66.35 -18.51 -10.13
N GLU B 117 66.90 -19.71 -10.27
CA GLU B 117 67.25 -20.24 -11.59
C GLU B 117 66.27 -21.26 -12.15
N ALA B 118 65.30 -21.70 -11.36
CA ALA B 118 64.42 -22.79 -11.80
C ALA B 118 62.94 -22.41 -11.79
N ASP B 119 62.12 -23.16 -12.52
CA ASP B 119 60.68 -22.93 -12.49
C ASP B 119 60.07 -23.44 -11.19
N MET B 120 58.83 -23.89 -11.24
CA MET B 120 58.08 -24.21 -10.03
C MET B 120 57.80 -25.70 -9.90
N THR B 121 58.44 -26.51 -10.73
CA THR B 121 58.24 -27.96 -10.69
C THR B 121 58.58 -28.57 -9.33
N SER B 122 59.74 -28.23 -8.76
CA SER B 122 60.09 -28.79 -7.46
C SER B 122 59.16 -28.27 -6.36
N SER B 123 58.56 -27.10 -6.58
CA SER B 123 57.64 -26.51 -5.62
C SER B 123 56.27 -27.21 -5.68
N ILE B 124 55.83 -27.51 -6.90
CA ILE B 124 54.66 -28.36 -7.12
C ILE B 124 54.85 -29.70 -6.41
N ALA B 125 56.04 -30.29 -6.58
CA ALA B 125 56.38 -31.53 -5.90
C ALA B 125 56.25 -31.38 -4.38
N GLU B 126 56.93 -30.38 -3.82
CA GLU B 126 56.96 -30.20 -2.38
C GLU B 126 55.60 -29.84 -1.80
N LEU B 127 54.77 -29.14 -2.58
CA LEU B 127 53.43 -28.77 -2.10
C LEU B 127 52.56 -30.03 -1.97
N GLU B 128 52.77 -30.97 -2.88
CA GLU B 128 52.02 -32.23 -2.90
C GLU B 128 52.49 -33.15 -1.78
N ARG B 129 53.80 -33.21 -1.56
CA ARG B 129 54.32 -34.01 -0.47
C ARG B 129 53.75 -33.50 0.84
N CYS B 130 53.77 -32.18 1.00
CA CYS B 130 53.34 -31.57 2.25
C CYS B 130 51.84 -31.67 2.50
N VAL B 131 51.04 -31.38 1.48
CA VAL B 131 49.59 -31.43 1.63
C VAL B 131 49.10 -32.88 1.72
N ASN B 132 49.47 -33.69 0.74
CA ASN B 132 48.91 -35.03 0.64
C ASN B 132 49.55 -36.07 1.56
N GLU B 133 50.86 -36.00 1.77
CA GLU B 133 51.56 -36.96 2.60
C GLU B 133 51.66 -36.55 4.08
N LEU B 134 51.79 -35.25 4.35
CA LEU B 134 52.05 -34.76 5.70
C LEU B 134 50.90 -33.96 6.28
N GLY B 135 49.81 -33.83 5.52
CA GLY B 135 48.60 -33.16 5.98
C GLY B 135 48.66 -31.65 6.13
N PHE B 136 49.49 -30.96 5.35
CA PHE B 136 49.60 -29.50 5.46
C PHE B 136 48.39 -28.83 4.83
N ILE B 137 48.15 -27.56 5.14
CA ILE B 137 46.90 -26.88 4.75
C ILE B 137 47.09 -25.66 3.85
N GLY B 138 48.34 -25.27 3.61
CA GLY B 138 48.64 -24.09 2.83
C GLY B 138 50.13 -24.00 2.57
N CYS B 139 50.55 -22.96 1.86
CA CYS B 139 51.96 -22.75 1.58
C CYS B 139 52.33 -21.28 1.68
N ASN B 140 53.63 -21.01 1.81
CA ASN B 140 54.16 -19.66 1.63
C ASN B 140 54.73 -19.55 0.21
N LEU B 141 54.38 -18.48 -0.50
CA LEU B 141 54.80 -18.29 -1.89
C LEU B 141 55.66 -17.05 -2.07
N ASN B 142 56.92 -17.25 -2.48
CA ASN B 142 57.88 -16.16 -2.60
C ASN B 142 57.87 -15.52 -3.98
N PRO B 143 57.44 -14.26 -4.05
CA PRO B 143 57.36 -13.59 -5.35
C PRO B 143 58.70 -13.05 -5.85
N ASP B 144 59.78 -13.27 -5.11
CA ASP B 144 61.11 -12.84 -5.55
C ASP B 144 62.21 -13.71 -4.92
N PRO B 145 62.47 -14.89 -5.49
CA PRO B 145 63.47 -15.83 -4.96
C PRO B 145 64.89 -15.27 -4.93
N GLY B 146 65.18 -14.27 -5.76
CA GLY B 146 66.52 -13.69 -5.81
C GLY B 146 66.92 -12.97 -4.53
N GLY B 147 65.93 -12.69 -3.68
CA GLY B 147 66.19 -12.08 -2.39
C GLY B 147 66.63 -10.62 -2.38
N GLY B 148 65.88 -9.74 -3.04
CA GLY B 148 66.12 -8.31 -2.87
C GLY B 148 66.05 -7.37 -4.06
N HIS B 149 65.79 -7.88 -5.25
CA HIS B 149 65.80 -7.00 -6.42
C HIS B 149 64.57 -7.20 -7.28
N PHE B 150 63.62 -7.98 -6.78
CA PHE B 150 62.38 -8.29 -7.48
C PHE B 150 62.60 -8.55 -8.95
N LYS B 151 63.51 -9.49 -9.23
CA LYS B 151 63.89 -9.79 -10.60
C LYS B 151 63.04 -10.93 -11.14
N HIS B 152 61.92 -11.23 -10.47
CA HIS B 152 61.02 -12.28 -10.89
C HIS B 152 59.77 -11.70 -11.52
N PRO B 153 59.14 -12.46 -12.43
CA PRO B 153 57.88 -12.07 -13.07
C PRO B 153 56.82 -11.76 -12.03
N PRO B 154 55.90 -10.84 -12.35
CA PRO B 154 54.79 -10.52 -11.45
C PRO B 154 53.91 -11.74 -11.27
N LEU B 155 53.18 -11.80 -10.16
CA LEU B 155 52.40 -13.00 -9.84
C LEU B 155 51.34 -13.33 -10.90
N THR B 156 50.94 -12.34 -11.67
CA THR B 156 50.00 -12.50 -12.77
C THR B 156 50.61 -13.23 -13.97
N ASP B 157 51.94 -13.32 -14.01
CA ASP B 157 52.64 -13.90 -15.15
C ASP B 157 52.33 -15.38 -15.29
N ARG B 158 52.50 -15.91 -16.50
CA ARG B 158 52.17 -17.30 -16.77
C ARG B 158 53.19 -18.26 -16.16
N PHE B 159 54.37 -17.74 -15.83
CA PHE B 159 55.38 -18.54 -15.13
C PHE B 159 54.77 -19.31 -13.97
N TRP B 160 53.86 -18.67 -13.24
CA TRP B 160 53.30 -19.22 -12.01
C TRP B 160 52.07 -20.11 -12.22
N TYR B 161 51.53 -20.10 -13.43
CA TYR B 161 50.24 -20.74 -13.68
C TYR B 161 50.18 -22.22 -13.29
N PRO B 162 51.25 -22.99 -13.60
CA PRO B 162 51.33 -24.41 -13.22
C PRO B 162 51.27 -24.60 -11.71
N PHE B 163 51.92 -23.73 -10.95
CA PHE B 163 51.83 -23.81 -9.51
C PHE B 163 50.40 -23.48 -9.01
N TYR B 164 49.76 -22.48 -9.60
CA TYR B 164 48.38 -22.15 -9.22
C TYR B 164 47.41 -23.31 -9.51
N GLU B 165 47.62 -24.02 -10.62
CA GLU B 165 46.82 -25.20 -10.93
C GLU B 165 46.88 -26.18 -9.77
N LYS B 166 48.10 -26.43 -9.29
CA LYS B 166 48.31 -27.35 -8.16
C LYS B 166 47.66 -26.83 -6.89
N MET B 167 47.67 -25.51 -6.70
CA MET B 167 47.04 -24.89 -5.53
C MET B 167 45.54 -25.12 -5.59
N VAL B 168 44.98 -24.89 -6.77
CA VAL B 168 43.55 -25.08 -7.00
C VAL B 168 43.17 -26.56 -6.90
N GLU B 169 43.90 -27.42 -7.61
CA GLU B 169 43.71 -28.86 -7.49
C GLU B 169 43.63 -29.28 -6.02
N LEU B 170 44.56 -28.77 -5.22
CA LEU B 170 44.67 -29.13 -3.81
C LEU B 170 43.74 -28.33 -2.88
N ASP B 171 43.30 -27.16 -3.33
CA ASP B 171 42.36 -26.33 -2.54
C ASP B 171 43.04 -25.69 -1.32
N VAL B 172 44.27 -25.22 -1.52
CA VAL B 172 45.02 -24.56 -0.46
C VAL B 172 45.45 -23.17 -0.91
N PRO B 173 45.43 -22.21 0.03
CA PRO B 173 45.84 -20.82 -0.24
C PRO B 173 47.36 -20.67 -0.18
N ALA B 174 47.86 -19.48 -0.52
CA ALA B 174 49.28 -19.16 -0.34
C ALA B 174 49.38 -17.84 0.41
N MET B 175 50.26 -17.78 1.39
CA MET B 175 50.63 -16.48 1.92
C MET B 175 51.81 -16.00 1.09
N ILE B 176 51.73 -14.76 0.60
CA ILE B 176 52.80 -14.17 -0.20
C ILE B 176 53.91 -13.71 0.74
N HIS B 177 55.04 -14.40 0.68
CA HIS B 177 56.10 -14.12 1.66
C HIS B 177 57.47 -14.15 1.00
N VAL B 178 58.20 -13.06 1.11
CA VAL B 178 59.61 -13.05 0.71
C VAL B 178 60.43 -13.52 1.91
N SER B 179 61.75 -13.38 1.82
CA SER B 179 62.63 -13.94 2.84
C SER B 179 63.76 -12.93 3.11
N GLY B 180 64.91 -13.43 3.56
CA GLY B 180 66.06 -12.58 3.84
C GLY B 180 66.60 -11.88 2.61
N SER B 181 67.14 -10.68 2.83
CA SER B 181 67.67 -9.83 1.76
C SER B 181 69.18 -9.97 1.58
N CYS B 182 69.62 -10.11 0.35
CA CYS B 182 71.05 -10.00 0.04
C CYS B 182 71.29 -8.67 -0.69
N ASN B 183 70.37 -7.72 -0.47
CA ASN B 183 70.46 -6.38 -1.04
C ASN B 183 70.71 -5.39 0.08
N PRO B 184 71.90 -4.79 0.13
CA PRO B 184 72.32 -3.91 1.23
C PRO B 184 71.45 -2.66 1.40
N ALA B 185 70.78 -2.25 0.33
CA ALA B 185 69.84 -1.15 0.40
C ALA B 185 68.56 -1.57 1.10
N MET B 186 68.34 -2.88 1.18
CA MET B 186 67.05 -3.41 1.57
C MET B 186 67.06 -4.34 2.79
N HIS B 187 66.60 -3.82 3.92
CA HIS B 187 66.48 -4.56 5.17
C HIS B 187 65.31 -5.56 5.12
N ALA B 188 65.56 -6.81 5.53
CA ALA B 188 64.56 -7.87 5.38
C ALA B 188 63.18 -7.55 5.99
N THR B 189 63.07 -7.56 7.31
CA THR B 189 61.77 -7.52 7.95
C THR B 189 61.13 -6.12 8.08
N GLY B 190 61.91 -5.08 7.87
CA GLY B 190 61.38 -3.72 7.99
C GLY B 190 61.31 -2.97 6.68
N ALA B 191 61.70 -3.60 5.59
CA ALA B 191 61.65 -2.96 4.28
C ALA B 191 61.22 -3.96 3.21
N TYR B 192 62.09 -4.94 2.93
CA TYR B 192 61.83 -5.97 1.93
C TYR B 192 60.45 -6.58 2.08
N TYR B 193 60.09 -6.98 3.31
CA TYR B 193 58.80 -7.63 3.53
C TYR B 193 57.61 -6.74 3.19
N LEU B 194 57.64 -5.50 3.66
CA LEU B 194 56.53 -4.56 3.46
C LEU B 194 56.40 -4.09 2.02
N ALA B 195 57.52 -4.05 1.31
CA ALA B 195 57.54 -3.65 -0.09
C ALA B 195 56.91 -4.74 -0.95
N ALA B 196 57.42 -5.96 -0.82
CA ALA B 196 56.88 -7.09 -1.56
C ALA B 196 55.37 -7.24 -1.31
N ASP B 197 54.91 -6.92 -0.09
CA ASP B 197 53.48 -6.93 0.23
C ASP B 197 52.70 -5.98 -0.68
N THR B 198 53.09 -4.71 -0.65
CA THR B 198 52.50 -3.66 -1.46
C THR B 198 52.57 -3.99 -2.95
N ILE B 199 53.77 -4.33 -3.41
CA ILE B 199 54.02 -4.66 -4.81
C ILE B 199 53.16 -5.81 -5.31
N ALA B 200 53.01 -6.87 -4.51
CA ALA B 200 52.19 -8.01 -4.91
C ALA B 200 50.73 -7.59 -5.12
N PHE B 201 50.23 -6.78 -4.21
CA PHE B 201 48.83 -6.37 -4.28
C PHE B 201 48.59 -5.60 -5.58
N MET B 202 49.49 -4.67 -5.87
CA MET B 202 49.38 -3.88 -7.09
C MET B 202 49.56 -4.74 -8.34
N GLN B 203 50.48 -5.70 -8.29
CA GLN B 203 50.67 -6.58 -9.44
C GLN B 203 49.32 -7.19 -9.82
N LEU B 204 48.58 -7.63 -8.80
CA LEU B 204 47.27 -8.23 -9.04
C LEU B 204 46.28 -7.20 -9.56
N LEU B 205 46.37 -5.98 -9.02
CA LEU B 205 45.49 -4.88 -9.43
C LEU B 205 45.72 -4.50 -10.88
N GLN B 206 46.95 -4.69 -11.36
CA GLN B 206 47.31 -4.41 -12.76
C GLN B 206 46.70 -5.40 -13.74
N GLY B 207 46.22 -6.52 -13.24
CA GLY B 207 45.78 -7.58 -14.13
C GLY B 207 44.42 -8.12 -13.77
N ASN B 208 44.28 -9.44 -13.88
CA ASN B 208 43.02 -10.11 -13.63
C ASN B 208 43.32 -11.59 -13.46
N LEU B 209 44.08 -11.90 -12.41
CA LEU B 209 44.54 -13.28 -12.22
C LEU B 209 43.39 -14.19 -11.83
N PHE B 210 42.46 -13.65 -11.06
CA PHE B 210 41.38 -14.49 -10.56
C PHE B 210 40.27 -14.71 -11.58
N ALA B 211 40.48 -14.20 -12.79
CA ALA B 211 39.61 -14.56 -13.91
C ALA B 211 40.01 -15.95 -14.41
N ASP B 212 41.30 -16.18 -14.55
CA ASP B 212 41.84 -17.48 -14.94
C ASP B 212 41.80 -18.54 -13.81
N PHE B 213 41.85 -18.09 -12.56
CA PHE B 213 41.80 -18.98 -11.40
C PHE B 213 40.86 -18.35 -10.39
N PRO B 214 39.56 -18.59 -10.54
CA PRO B 214 38.58 -17.91 -9.68
C PRO B 214 38.62 -18.40 -8.24
N THR B 215 39.21 -19.56 -8.00
CA THR B 215 39.20 -20.12 -6.65
C THR B 215 40.49 -19.81 -5.90
N LEU B 216 41.44 -19.21 -6.60
CA LEU B 216 42.77 -18.95 -6.05
C LEU B 216 42.68 -17.97 -4.88
N ARG B 217 43.26 -18.35 -3.74
CA ARG B 217 43.23 -17.47 -2.57
C ARG B 217 44.65 -17.13 -2.10
N PHE B 218 44.94 -15.83 -2.00
CA PHE B 218 46.22 -15.34 -1.49
C PHE B 218 46.08 -14.67 -0.12
N ILE B 219 47.06 -14.88 0.73
CA ILE B 219 47.16 -14.06 1.95
C ILE B 219 48.34 -13.09 1.79
N ILE B 220 48.04 -11.80 1.87
CA ILE B 220 49.12 -10.80 1.90
C ILE B 220 49.33 -10.39 3.36
N PRO B 221 50.53 -10.66 3.90
CA PRO B 221 50.80 -10.47 5.33
C PRO B 221 51.06 -9.02 5.75
N HIS B 222 51.42 -8.87 7.02
CA HIS B 222 51.69 -7.57 7.60
C HIS B 222 50.60 -6.55 7.24
N GLY B 223 49.35 -6.91 7.52
CA GLY B 223 48.22 -6.04 7.27
C GLY B 223 48.12 -5.58 5.83
N GLY B 224 48.70 -6.36 4.91
CA GLY B 224 48.72 -6.00 3.50
C GLY B 224 49.76 -4.94 3.15
N GLY B 225 50.80 -4.83 3.96
CA GLY B 225 51.89 -3.92 3.65
C GLY B 225 51.55 -2.48 3.90
N ALA B 226 51.51 -1.68 2.83
CA ALA B 226 51.08 -0.28 2.94
C ALA B 226 49.71 -0.10 2.32
N VAL B 227 49.05 -1.20 2.00
CA VAL B 227 47.85 -1.15 1.17
C VAL B 227 46.60 -0.49 1.82
N PRO B 228 46.18 -0.98 3.00
CA PRO B 228 45.03 -0.32 3.63
C PRO B 228 45.32 1.14 3.98
N TYR B 229 46.57 1.42 4.35
CA TYR B 229 46.98 2.79 4.67
C TYR B 229 46.74 3.70 3.48
N HIS B 230 46.92 3.15 2.28
CA HIS B 230 46.70 3.91 1.05
C HIS B 230 45.53 3.34 0.25
N TRP B 231 44.47 2.93 0.94
CA TRP B 231 43.33 2.30 0.26
C TRP B 231 42.69 3.27 -0.72
N GLY B 232 42.62 4.54 -0.35
CA GLY B 232 42.17 5.57 -1.27
C GLY B 232 42.96 5.56 -2.57
N ARG B 233 44.28 5.65 -2.45
CA ARG B 233 45.18 5.63 -3.60
C ARG B 233 44.95 4.43 -4.52
N PHE B 234 44.71 3.26 -3.93
CA PHE B 234 44.51 2.05 -4.74
C PHE B 234 43.14 2.04 -5.43
N ARG B 235 42.12 2.50 -4.72
CA ARG B 235 40.79 2.66 -5.33
C ARG B 235 40.83 3.66 -6.48
N GLY B 236 41.61 4.72 -6.32
CA GLY B 236 41.74 5.74 -7.35
C GLY B 236 42.53 5.24 -8.53
N LEU B 237 43.49 4.34 -8.27
CA LEU B 237 44.31 3.75 -9.32
C LEU B 237 43.53 2.73 -10.15
N ALA B 238 42.52 2.11 -9.55
CA ALA B 238 41.66 1.21 -10.31
C ALA B 238 40.95 1.99 -11.42
N ASP B 239 40.52 3.21 -11.10
CA ASP B 239 39.93 4.10 -12.10
C ASP B 239 40.94 4.59 -13.12
N MET B 240 42.13 4.93 -12.65
CA MET B 240 43.19 5.40 -13.53
C MET B 240 43.56 4.33 -14.54
N LEU B 241 43.54 3.07 -14.10
CA LEU B 241 43.92 1.96 -14.97
C LEU B 241 42.74 1.38 -15.75
N LYS B 242 41.56 1.96 -15.54
CA LYS B 242 40.36 1.44 -16.20
C LYS B 242 40.14 0.01 -15.76
N GLN B 243 40.29 -0.23 -14.45
CA GLN B 243 40.15 -1.57 -13.92
C GLN B 243 38.89 -1.66 -13.08
N PRO B 244 38.35 -2.88 -12.94
CA PRO B 244 37.21 -3.11 -12.04
C PRO B 244 37.56 -2.70 -10.62
N SER B 245 36.55 -2.35 -9.84
CA SER B 245 36.73 -1.96 -8.45
C SER B 245 37.45 -3.06 -7.69
N LEU B 246 37.96 -2.74 -6.51
CA LEU B 246 38.79 -3.68 -5.75
C LEU B 246 37.96 -4.82 -5.18
N ASP B 247 36.74 -4.50 -4.75
CA ASP B 247 35.88 -5.51 -4.18
C ASP B 247 35.77 -6.70 -5.12
N THR B 248 35.59 -6.41 -6.41
CA THR B 248 35.37 -7.46 -7.40
C THR B 248 36.62 -7.99 -8.07
N LEU B 249 37.60 -7.14 -8.32
CA LEU B 249 38.84 -7.62 -8.92
C LEU B 249 39.63 -8.48 -7.94
N LEU B 250 39.64 -8.06 -6.68
CA LEU B 250 40.61 -8.62 -5.73
C LEU B 250 40.06 -9.22 -4.44
N MET B 251 39.13 -8.53 -3.79
CA MET B 251 38.79 -8.86 -2.40
C MET B 251 37.93 -10.11 -2.20
N ASN B 252 37.57 -10.76 -3.30
CA ASN B 252 37.00 -12.10 -3.22
C ASN B 252 38.11 -13.12 -2.98
N ASN B 253 39.35 -12.71 -3.25
CA ASN B 253 40.47 -13.63 -3.35
C ASN B 253 41.70 -13.26 -2.53
N VAL B 254 41.78 -12.00 -2.11
CA VAL B 254 42.94 -11.50 -1.36
C VAL B 254 42.57 -11.20 0.09
N PHE B 255 43.43 -11.65 0.99
CA PHE B 255 43.16 -11.54 2.41
C PHE B 255 44.40 -11.03 3.12
N PHE B 256 44.19 -10.18 4.13
CA PHE B 256 45.27 -9.55 4.89
C PHE B 256 45.29 -10.08 6.32
N ASP B 257 46.48 -10.35 6.87
CA ASP B 257 46.58 -10.69 8.29
C ASP B 257 46.51 -9.45 9.20
N THR B 258 46.47 -9.64 10.52
CA THR B 258 46.47 -8.51 11.44
C THR B 258 47.83 -8.35 12.12
N CYS B 259 48.91 -8.64 11.41
CA CYS B 259 50.26 -8.40 11.92
C CYS B 259 50.64 -6.95 11.70
N VAL B 260 49.88 -6.09 12.36
CA VAL B 260 50.12 -4.65 12.43
C VAL B 260 50.27 -4.35 13.91
N TYR B 261 51.44 -3.85 14.32
CA TYR B 261 51.86 -3.88 15.74
C TYR B 261 51.55 -2.62 16.56
N HIS B 262 50.39 -2.03 16.34
CA HIS B 262 49.93 -0.93 17.19
C HIS B 262 48.44 -0.64 16.95
N GLN B 263 47.77 -0.08 17.95
CA GLN B 263 46.32 0.08 17.89
C GLN B 263 45.86 0.93 16.72
N PRO B 264 46.47 2.12 16.55
CA PRO B 264 45.97 2.97 15.47
C PRO B 264 46.03 2.22 14.14
N GLY B 265 47.08 1.44 13.93
CA GLY B 265 47.23 0.68 12.69
C GLY B 265 46.10 -0.32 12.55
N ILE B 266 45.81 -1.03 13.64
CA ILE B 266 44.75 -2.02 13.63
C ILE B 266 43.39 -1.34 13.51
N ASN B 267 43.24 -0.17 14.11
CA ASN B 267 42.03 0.62 13.93
C ASN B 267 41.81 0.94 12.45
N LEU B 268 42.86 1.34 11.75
CA LEU B 268 42.72 1.61 10.31
C LEU B 268 42.39 0.36 9.52
N LEU B 269 43.11 -0.74 9.76
CA LEU B 269 42.77 -2.01 9.11
C LEU B 269 41.27 -2.34 9.26
N ALA B 270 40.77 -2.30 10.50
CA ALA B 270 39.37 -2.61 10.79
C ALA B 270 38.40 -1.58 10.22
N ASP B 271 38.89 -0.38 9.96
CA ASP B 271 38.03 0.65 9.39
C ASP B 271 37.89 0.59 7.87
N VAL B 272 38.97 0.36 7.13
CA VAL B 272 38.84 0.41 5.66
C VAL B 272 38.78 -0.92 4.89
N ILE B 273 39.18 -2.06 5.49
CA ILE B 273 39.08 -3.36 4.81
C ILE B 273 37.91 -4.20 5.31
N ASP B 274 37.14 -4.79 4.39
CA ASP B 274 35.94 -5.54 4.78
C ASP B 274 36.28 -6.63 5.79
N ASN B 275 35.36 -6.83 6.73
CA ASN B 275 35.50 -7.82 7.79
C ASN B 275 35.84 -9.21 7.24
N LYS B 276 35.26 -9.55 6.10
CA LYS B 276 35.49 -10.87 5.53
C LYS B 276 36.94 -11.07 5.10
N ASN B 277 37.67 -9.99 4.82
CA ASN B 277 39.05 -10.09 4.30
C ASN B 277 40.15 -9.99 5.35
N ILE B 278 39.75 -9.91 6.63
CA ILE B 278 40.70 -9.76 7.73
C ILE B 278 40.85 -11.08 8.49
N LEU B 279 42.08 -11.56 8.62
CA LEU B 279 42.36 -12.80 9.36
C LEU B 279 43.33 -12.54 10.50
N PHE B 280 42.98 -12.99 11.70
CA PHE B 280 43.84 -12.82 12.86
C PHE B 280 45.20 -13.47 12.65
N GLY B 281 46.26 -12.75 12.98
CA GLY B 281 47.61 -13.27 12.97
C GLY B 281 48.45 -12.41 13.88
N SER B 282 49.56 -12.93 14.39
CA SER B 282 50.45 -12.10 15.20
C SER B 282 51.94 -12.30 14.91
N GLU B 283 52.29 -13.35 14.19
CA GLU B 283 53.69 -13.62 13.90
C GLU B 283 54.54 -13.42 15.15
N MET B 284 54.19 -14.13 16.22
CA MET B 284 54.89 -14.03 17.49
C MET B 284 56.30 -14.62 17.42
N VAL B 285 57.17 -14.16 18.32
CA VAL B 285 58.56 -14.60 18.32
C VAL B 285 59.15 -14.40 16.94
N GLY B 286 58.81 -13.28 16.31
CA GLY B 286 59.24 -13.00 14.95
C GLY B 286 60.02 -11.71 14.85
N ALA B 287 59.68 -10.90 13.86
CA ALA B 287 60.44 -9.68 13.56
C ALA B 287 60.52 -8.65 14.70
N VAL B 288 59.59 -8.71 15.65
CA VAL B 288 59.57 -7.75 16.76
C VAL B 288 59.12 -8.39 18.09
N ARG B 289 60.09 -8.72 18.94
CA ARG B 289 59.83 -9.57 20.10
C ARG B 289 59.80 -8.83 21.44
N GLY B 290 60.14 -7.55 21.44
CA GLY B 290 60.14 -6.77 22.67
C GLY B 290 58.81 -6.14 23.08
N ILE B 291 58.79 -5.64 24.31
CA ILE B 291 57.67 -4.88 24.83
C ILE B 291 57.59 -3.51 24.18
N ASP B 292 56.37 -2.99 24.05
CA ASP B 292 56.11 -1.63 23.60
C ASP B 292 56.15 -0.73 24.84
N PRO B 293 57.16 0.14 24.94
CA PRO B 293 57.28 1.05 26.09
C PRO B 293 56.15 2.08 26.17
N THR B 294 55.47 2.33 25.06
CA THR B 294 54.33 3.24 25.08
C THR B 294 53.11 2.59 25.72
N THR B 295 53.04 1.26 25.73
CA THR B 295 51.84 0.56 26.23
C THR B 295 52.11 -0.39 27.40
N GLY B 296 53.32 -0.94 27.48
CA GLY B 296 53.61 -1.89 28.54
C GLY B 296 53.22 -3.31 28.17
N HIS B 297 52.73 -3.48 26.94
CA HIS B 297 52.42 -4.80 26.41
C HIS B 297 53.34 -5.11 25.24
N TYR B 298 53.30 -6.35 24.77
CA TYR B 298 54.12 -6.73 23.63
C TYR B 298 53.55 -6.17 22.32
N PHE B 299 54.45 -5.62 21.50
CA PHE B 299 54.11 -5.16 20.16
C PHE B 299 53.33 -6.22 19.40
N ASP B 300 53.83 -7.45 19.45
CA ASP B 300 53.30 -8.53 18.63
C ASP B 300 52.19 -9.33 19.31
N ASP B 301 51.70 -8.82 20.44
CA ASP B 301 50.50 -9.38 21.07
C ASP B 301 49.27 -8.70 20.47
N THR B 302 48.95 -9.10 19.24
CA THR B 302 47.97 -8.41 18.42
C THR B 302 46.52 -8.66 18.82
N LYS B 303 46.26 -9.76 19.50
CA LYS B 303 44.90 -10.05 19.93
C LYS B 303 44.38 -8.96 20.85
N ARG B 304 45.29 -8.23 21.51
CA ARG B 304 44.89 -7.10 22.34
C ARG B 304 44.27 -5.99 21.50
N TYR B 305 44.83 -5.72 20.33
CA TYR B 305 44.31 -4.71 19.43
C TYR B 305 42.94 -5.09 18.86
N ILE B 306 42.74 -6.37 18.61
CA ILE B 306 41.42 -6.80 18.12
C ILE B 306 40.38 -6.54 19.22
N ASP B 307 40.65 -7.03 20.42
CA ASP B 307 39.73 -6.85 21.55
C ASP B 307 39.43 -5.38 21.85
N ALA B 308 40.39 -4.51 21.56
CA ALA B 308 40.22 -3.09 21.82
C ALA B 308 39.32 -2.41 20.78
N LEU B 309 38.97 -3.13 19.72
CA LEU B 309 38.08 -2.59 18.69
C LEU B 309 36.62 -2.62 19.17
N ASP B 310 35.81 -1.67 18.69
CA ASP B 310 34.38 -1.72 18.94
C ASP B 310 33.63 -2.37 17.78
N ILE B 311 33.81 -3.68 17.64
CA ILE B 311 33.13 -4.46 16.61
C ILE B 311 32.18 -5.46 17.25
N SER B 312 31.29 -6.06 16.45
CA SER B 312 30.34 -7.05 16.95
C SER B 312 30.99 -8.42 17.14
N ASP B 313 30.32 -9.30 17.88
CA ASP B 313 30.78 -10.66 18.04
C ASP B 313 30.95 -11.35 16.70
N GLN B 314 29.94 -11.23 15.85
CA GLN B 314 29.98 -11.83 14.52
C GLN B 314 31.22 -11.35 13.76
N GLU B 315 31.56 -10.08 13.91
CA GLU B 315 32.77 -9.57 13.26
C GLU B 315 34.02 -10.08 13.97
N ARG B 316 33.93 -10.27 15.28
CA ARG B 316 35.05 -10.79 16.06
C ARG B 316 35.30 -12.26 15.72
N HIS B 317 34.21 -13.02 15.57
CA HIS B 317 34.31 -14.42 15.17
C HIS B 317 34.98 -14.59 13.79
N ALA B 318 34.56 -13.76 12.83
CA ALA B 318 35.15 -13.81 11.50
C ALA B 318 36.66 -13.58 11.54
N ILE B 319 37.09 -12.54 12.24
CA ILE B 319 38.51 -12.21 12.31
C ILE B 319 39.28 -13.35 12.99
N PHE B 320 38.74 -13.81 14.12
CA PHE B 320 39.41 -14.83 14.94
C PHE B 320 39.36 -16.26 14.39
N GLU B 321 38.23 -16.64 13.81
CA GLU B 321 38.06 -18.03 13.42
C GLU B 321 37.38 -18.28 12.06
N GLY B 322 36.34 -17.52 11.75
CA GLY B 322 35.51 -17.85 10.60
C GLY B 322 36.21 -17.63 9.27
N ASN B 323 36.91 -16.52 9.17
CA ASN B 323 37.55 -16.15 7.91
C ASN B 323 38.68 -17.12 7.55
N THR B 324 39.46 -17.52 8.55
CA THR B 324 40.61 -18.40 8.31
C THR B 324 40.16 -19.82 7.96
N ARG B 325 39.14 -20.30 8.65
CA ARG B 325 38.55 -21.60 8.32
C ARG B 325 37.98 -21.57 6.90
N ARG B 326 37.42 -20.42 6.51
CA ARG B 326 36.87 -20.31 5.17
C ARG B 326 37.99 -20.26 4.15
N VAL B 327 39.11 -19.67 4.53
CA VAL B 327 40.23 -19.53 3.62
C VAL B 327 41.11 -20.77 3.57
N PHE B 328 41.11 -21.55 4.65
CA PHE B 328 41.88 -22.80 4.73
C PHE B 328 40.95 -24.02 4.87
N PRO B 329 40.30 -24.43 3.77
CA PRO B 329 39.32 -25.53 3.82
C PRO B 329 39.82 -26.81 4.48
N ARG B 330 41.10 -27.13 4.31
CA ARG B 330 41.64 -28.38 4.83
C ARG B 330 41.86 -28.31 6.34
N LEU B 331 41.76 -27.11 6.90
CA LEU B 331 41.82 -26.92 8.34
C LEU B 331 40.40 -26.92 8.93
N ASP B 332 39.46 -26.35 8.18
CA ASP B 332 38.06 -26.35 8.60
C ASP B 332 37.61 -27.81 8.70
N ALA B 333 37.98 -28.60 7.69
CA ALA B 333 37.56 -29.98 7.60
C ALA B 333 38.04 -30.79 8.81
N LYS B 334 39.33 -30.67 9.12
CA LYS B 334 39.91 -31.33 10.28
C LYS B 334 39.23 -30.90 11.56
N LEU B 335 38.88 -29.61 11.65
CA LEU B 335 38.21 -29.11 12.84
C LEU B 335 36.79 -29.66 12.96
N LYS B 336 36.06 -29.72 11.84
CA LYS B 336 34.70 -30.28 11.86
C LYS B 336 34.72 -31.74 12.27
N ALA B 337 35.76 -32.46 11.85
CA ALA B 337 35.92 -33.86 12.21
C ALA B 337 36.15 -34.07 13.71
N ARG B 338 36.55 -33.01 14.40
CA ARG B 338 36.77 -33.08 15.84
C ARG B 338 35.56 -32.54 16.57
N GLY B 339 34.49 -32.31 15.81
CA GLY B 339 33.22 -31.82 16.34
C GLY B 339 33.17 -30.32 16.55
N LEU B 340 34.27 -29.63 16.29
CA LEU B 340 34.37 -28.21 16.57
C LEU B 340 33.76 -27.37 15.45
N MET C 1 -33.10 22.33 31.67
CA MET C 1 -32.29 22.42 30.46
C MET C 1 -30.84 22.02 30.70
N MET C 2 -30.30 21.28 29.74
CA MET C 2 -28.91 20.88 29.76
C MET C 2 -28.03 22.06 29.36
N ILE C 3 -26.82 22.13 29.90
CA ILE C 3 -25.86 23.13 29.49
C ILE C 3 -24.79 22.42 28.65
N ILE C 4 -24.90 22.55 27.33
CA ILE C 4 -23.92 21.95 26.42
C ILE C 4 -23.00 23.00 25.85
N ASP C 5 -21.70 22.78 26.03
CA ASP C 5 -20.67 23.71 25.57
C ASP C 5 -20.18 23.21 24.23
N CYS C 6 -20.40 24.00 23.18
CA CYS C 6 -20.20 23.55 21.79
C CYS C 6 -18.77 23.74 21.27
N HIS C 7 -17.92 24.39 22.05
CA HIS C 7 -16.56 24.74 21.61
C HIS C 7 -15.49 24.41 22.66
N GLY C 8 -14.74 23.33 22.44
CA GLY C 8 -13.72 22.92 23.38
C GLY C 8 -12.65 22.00 22.80
N HIS C 9 -11.41 22.18 23.26
CA HIS C 9 -10.32 21.37 22.75
C HIS C 9 -9.52 20.76 23.90
N TYR C 10 -8.99 19.56 23.67
CA TYR C 10 -8.16 18.87 24.64
C TYR C 10 -6.80 19.59 24.64
N THR C 11 -6.64 20.55 25.54
CA THR C 11 -5.50 21.48 25.44
C THR C 11 -4.33 21.16 26.37
N VAL C 12 -4.59 20.44 27.44
CA VAL C 12 -3.53 20.05 28.37
C VAL C 12 -3.33 18.54 28.24
N LEU C 13 -2.30 18.16 27.48
CA LEU C 13 -2.13 16.79 27.01
C LEU C 13 -1.00 16.05 27.73
N PRO C 14 -1.03 14.71 27.65
CA PRO C 14 0.14 13.90 28.01
C PRO C 14 1.35 14.34 27.20
N LYS C 15 2.49 14.55 27.85
CA LYS C 15 3.67 15.08 27.18
C LYS C 15 3.99 14.32 25.92
N ALA C 16 3.86 13.00 25.98
CA ALA C 16 4.32 12.12 24.91
C ALA C 16 3.72 12.45 23.54
N HIS C 17 2.46 12.86 23.55
CA HIS C 17 1.73 13.23 22.33
C HIS C 17 2.46 14.33 21.56
N ASP C 18 2.72 15.46 22.21
CA ASP C 18 3.35 16.60 21.55
C ASP C 18 4.84 16.36 21.20
N GLU C 19 5.52 15.56 22.01
CA GLU C 19 6.91 15.23 21.73
C GLU C 19 7.02 14.37 20.47
N TRP C 20 6.13 13.41 20.34
CA TRP C 20 6.05 12.61 19.12
C TRP C 20 5.79 13.51 17.92
N ARG C 21 4.92 14.51 18.12
CA ARG C 21 4.59 15.48 17.08
C ARG C 21 5.85 16.14 16.52
N GLU C 22 6.71 16.62 17.41
CA GLU C 22 7.94 17.30 17.03
C GLU C 22 8.94 16.42 16.32
N GLN C 23 8.99 15.15 16.73
CA GLN C 23 9.91 14.18 16.15
C GLN C 23 9.40 13.70 14.79
N GLN C 24 8.08 13.77 14.61
CA GLN C 24 7.46 13.51 13.32
C GLN C 24 7.95 14.54 12.31
N LYS C 25 7.92 15.81 12.73
CA LYS C 25 8.34 16.93 11.90
C LYS C 25 9.84 16.91 11.71
N ALA C 26 10.55 16.32 12.67
CA ALA C 26 12.01 16.23 12.62
C ALA C 26 12.45 15.09 11.70
N ALA C 27 11.68 14.00 11.72
CA ALA C 27 11.90 12.89 10.81
C ALA C 27 11.39 13.27 9.41
N PHE C 28 10.65 14.36 9.34
CA PHE C 28 10.19 14.92 8.08
C PHE C 28 11.18 15.99 7.62
N LYS C 29 11.59 16.83 8.56
CA LYS C 29 12.60 17.87 8.31
C LYS C 29 13.85 17.23 7.76
N ALA C 30 14.21 16.09 8.32
CA ALA C 30 15.31 15.28 7.80
C ALA C 30 15.08 14.97 6.33
N TYR C 37 4.62 5.99 17.48
CA TYR C 37 3.87 6.93 18.32
C TYR C 37 3.88 6.43 19.77
N PRO C 38 3.82 7.36 20.73
CA PRO C 38 3.89 7.00 22.16
C PRO C 38 2.69 6.19 22.65
N GLU C 39 2.91 5.43 23.73
CA GLU C 39 1.82 4.76 24.40
C GLU C 39 1.41 5.54 25.64
N ILE C 40 0.15 5.91 25.68
CA ILE C 40 -0.38 6.73 26.75
C ILE C 40 -1.43 5.93 27.49
N SER C 41 -1.44 6.05 28.81
CA SER C 41 -2.33 5.27 29.65
C SER C 41 -3.65 5.99 29.93
N ASP C 42 -4.68 5.22 30.30
CA ASP C 42 -5.97 5.77 30.67
C ASP C 42 -5.85 6.75 31.82
N ASP C 43 -4.96 6.44 32.76
CA ASP C 43 -4.86 7.25 33.97
C ASP C 43 -4.17 8.59 33.69
N GLU C 44 -3.32 8.62 32.67
CA GLU C 44 -2.68 9.84 32.20
C GLU C 44 -3.73 10.80 31.64
N ILE C 45 -4.56 10.28 30.73
CA ILE C 45 -5.69 11.02 30.21
C ILE C 45 -6.69 11.40 31.32
N ARG C 46 -7.06 10.47 32.18
CA ARG C 46 -7.96 10.79 33.30
C ARG C 46 -7.39 11.97 34.06
N GLU C 47 -6.09 11.90 34.31
CA GLU C 47 -5.34 12.95 35.00
C GLU C 47 -5.53 14.31 34.34
N THR C 48 -5.08 14.41 33.09
CA THR C 48 -5.08 15.68 32.37
C THR C 48 -6.48 16.30 32.29
N ILE C 49 -7.51 15.46 32.26
CA ILE C 49 -8.88 15.94 32.10
C ILE C 49 -9.54 16.24 33.46
N GLU C 50 -9.24 15.43 34.47
CA GLU C 50 -9.81 15.64 35.79
C GLU C 50 -9.36 16.97 36.40
N ALA C 51 -8.08 17.28 36.29
CA ALA C 51 -7.53 18.50 36.87
C ALA C 51 -7.93 19.75 36.10
N ASN C 52 -8.47 19.58 34.90
CA ASN C 52 -8.70 20.72 34.01
C ASN C 52 -10.15 20.93 33.60
N GLN C 53 -10.53 20.34 32.47
CA GLN C 53 -11.88 20.56 31.94
C GLN C 53 -12.95 20.03 32.88
N LEU C 54 -12.73 18.83 33.41
CA LEU C 54 -13.73 18.16 34.23
C LEU C 54 -14.03 18.97 35.51
N ARG C 55 -13.00 19.62 36.04
CA ARG C 55 -13.10 20.46 37.24
C ARG C 55 -13.85 21.76 36.98
N LEU C 56 -13.61 22.36 35.82
CA LEU C 56 -14.22 23.63 35.47
C LEU C 56 -15.68 23.44 35.07
N ILE C 57 -15.96 22.37 34.33
CA ILE C 57 -17.35 21.99 34.02
C ILE C 57 -18.17 21.93 35.30
N LYS C 58 -17.59 21.29 36.32
CA LYS C 58 -18.25 21.18 37.63
C LYS C 58 -18.42 22.54 38.29
N GLU C 59 -17.35 23.34 38.31
CA GLU C 59 -17.36 24.65 38.96
C GLU C 59 -18.36 25.58 38.29
N ARG C 60 -18.45 25.47 36.98
CA ARG C 60 -19.18 26.45 36.17
C ARG C 60 -20.61 26.05 35.85
N GLY C 61 -21.03 24.86 36.28
CA GLY C 61 -22.40 24.43 36.09
C GLY C 61 -22.74 23.86 34.73
N ALA C 62 -21.73 23.46 33.95
CA ALA C 62 -21.99 22.86 32.65
C ALA C 62 -22.24 21.36 32.77
N ASP C 63 -22.90 20.79 31.77
CA ASP C 63 -23.19 19.35 31.72
C ASP C 63 -22.32 18.63 30.69
N MET C 64 -22.16 19.23 29.51
CA MET C 64 -21.39 18.61 28.45
C MET C 64 -20.59 19.60 27.61
N THR C 65 -19.50 19.11 27.03
CA THR C 65 -18.64 19.88 26.14
C THR C 65 -18.38 19.11 24.85
N ILE C 66 -18.64 19.74 23.71
CA ILE C 66 -18.33 19.14 22.41
C ILE C 66 -16.85 19.37 22.11
N PHE C 67 -16.08 18.28 22.17
CA PHE C 67 -14.65 18.33 22.47
C PHE C 67 -13.82 17.86 21.29
N SER C 68 -12.87 18.68 20.87
CA SER C 68 -11.97 18.34 19.76
C SER C 68 -10.52 18.56 20.12
N PRO C 69 -9.60 18.20 19.20
CA PRO C 69 -8.17 18.37 19.39
C PRO C 69 -7.74 19.83 19.44
N ARG C 70 -6.78 20.14 20.30
CA ARG C 70 -6.20 21.49 20.35
C ARG C 70 -6.05 22.06 18.95
N ALA C 71 -6.71 23.18 18.69
CA ALA C 71 -6.76 23.75 17.33
C ALA C 71 -5.41 24.22 16.82
N SER C 72 -4.67 24.93 17.66
CA SER C 72 -3.43 25.54 17.23
C SER C 72 -2.37 24.49 16.97
N ALA C 73 -2.60 23.26 17.41
CA ALA C 73 -1.63 22.18 17.19
C ALA C 73 -1.89 21.34 15.93
N MET C 74 -3.06 21.52 15.30
CA MET C 74 -3.36 20.83 14.04
C MET C 74 -2.31 21.13 12.99
N ALA C 75 -1.94 22.42 12.92
CA ALA C 75 -0.90 22.90 12.03
C ALA C 75 -0.70 22.02 10.80
N PRO C 76 -1.68 22.03 9.90
CA PRO C 76 -1.62 21.33 8.61
C PRO C 76 -0.52 21.84 7.67
N HIS C 77 0.05 23.01 7.93
CA HIS C 77 1.04 23.59 7.03
C HIS C 77 2.46 23.01 7.19
N VAL C 78 2.60 21.97 8.01
CA VAL C 78 3.91 21.39 8.34
C VAL C 78 4.88 20.99 7.19
N GLY C 79 4.57 19.96 6.38
CA GLY C 79 3.41 19.11 6.49
C GLY C 79 2.71 18.82 5.17
N ASP C 80 2.95 17.63 4.58
CA ASP C 80 2.09 17.18 3.47
C ASP C 80 1.12 16.08 3.93
N GLN C 81 0.42 15.44 3.00
CA GLN C 81 -0.56 14.42 3.38
C GLN C 81 0.03 13.28 4.21
N SER C 82 1.31 13.00 4.03
CA SER C 82 1.95 11.90 4.77
C SER C 82 2.21 12.26 6.23
N VAL C 83 2.18 13.56 6.51
CA VAL C 83 2.40 14.06 7.86
C VAL C 83 1.06 14.29 8.55
N ALA C 84 0.11 14.84 7.79
CA ALA C 84 -1.18 15.24 8.35
C ALA C 84 -2.07 14.05 8.73
N VAL C 85 -2.07 13.01 7.90
CA VAL C 85 -2.96 11.87 8.15
C VAL C 85 -2.76 11.25 9.54
N PRO C 86 -1.55 10.71 9.81
CA PRO C 86 -1.22 10.10 11.10
C PRO C 86 -1.42 11.02 12.30
N TRP C 87 -1.09 12.30 12.14
CA TRP C 87 -1.29 13.28 13.20
C TRP C 87 -2.77 13.45 13.49
N ALA C 88 -3.55 13.64 12.43
CA ALA C 88 -4.99 13.81 12.56
C ALA C 88 -5.62 12.55 13.16
N GLN C 89 -5.14 11.38 12.76
CA GLN C 89 -5.63 10.13 13.34
C GLN C 89 -5.33 10.03 14.84
N ALA C 90 -4.13 10.40 15.25
CA ALA C 90 -3.73 10.31 16.66
C ALA C 90 -4.39 11.36 17.53
N CYS C 91 -4.49 12.58 17.02
CA CYS C 91 -5.23 13.61 17.73
C CYS C 91 -6.69 13.21 17.99
N ASN C 92 -7.33 12.66 16.96
CA ASN C 92 -8.72 12.24 17.10
C ASN C 92 -8.88 10.98 17.95
N ASN C 93 -7.88 10.08 17.90
CA ASN C 93 -7.91 8.90 18.75
C ASN C 93 -7.85 9.27 20.23
N LEU C 94 -7.09 10.32 20.55
CA LEU C 94 -7.06 10.82 21.93
C LEU C 94 -8.41 11.34 22.39
N ILE C 95 -9.13 12.01 21.49
CA ILE C 95 -10.47 12.51 21.81
C ILE C 95 -11.45 11.37 22.10
N ALA C 96 -11.37 10.32 21.27
CA ALA C 96 -12.25 9.17 21.44
C ALA C 96 -11.98 8.42 22.75
N ARG C 97 -10.76 8.52 23.26
CA ARG C 97 -10.43 7.90 24.54
C ARG C 97 -10.95 8.75 25.69
N VAL C 98 -10.86 10.07 25.54
CA VAL C 98 -11.46 10.97 26.50
C VAL C 98 -12.96 10.75 26.57
N VAL C 99 -13.59 10.55 25.42
CA VAL C 99 -15.02 10.25 25.41
C VAL C 99 -15.26 8.92 26.10
N ASP C 100 -14.52 7.90 25.68
CA ASP C 100 -14.66 6.58 26.28
C ASP C 100 -14.65 6.69 27.79
N LEU C 101 -13.66 7.42 28.31
CA LEU C 101 -13.45 7.55 29.74
C LEU C 101 -14.52 8.39 30.45
N PHE C 102 -15.07 9.37 29.73
CA PHE C 102 -16.05 10.26 30.32
C PHE C 102 -17.21 10.42 29.36
N PRO C 103 -17.97 9.33 29.11
CA PRO C 103 -18.96 9.35 28.03
C PRO C 103 -20.21 10.20 28.31
N GLU C 104 -20.51 10.49 29.57
CA GLU C 104 -21.61 11.40 29.89
C GLU C 104 -21.21 12.88 29.82
N THR C 105 -19.94 13.17 29.55
CA THR C 105 -19.42 14.54 29.63
C THR C 105 -18.84 15.09 28.33
N PHE C 106 -18.22 14.23 27.54
CA PHE C 106 -17.66 14.68 26.27
C PHE C 106 -18.27 13.97 25.07
N ALA C 107 -18.49 14.75 24.00
CA ALA C 107 -18.86 14.18 22.70
C ALA C 107 -17.79 14.63 21.70
N GLY C 108 -17.45 13.78 20.75
CA GLY C 108 -16.26 14.01 19.93
C GLY C 108 -16.48 14.78 18.65
N VAL C 109 -15.63 15.78 18.43
CA VAL C 109 -15.49 16.45 17.14
C VAL C 109 -14.06 16.22 16.63
N CYS C 110 -13.90 16.00 15.32
CA CYS C 110 -12.59 15.61 14.81
C CYS C 110 -11.87 16.70 14.00
N MET C 111 -10.55 16.71 14.11
CA MET C 111 -9.74 17.51 13.21
C MET C 111 -9.58 16.73 11.92
N LEU C 112 -9.32 17.43 10.82
CA LEU C 112 -9.13 16.76 9.53
C LEU C 112 -7.65 16.74 9.20
N PRO C 113 -7.23 15.72 8.43
CA PRO C 113 -5.86 15.59 7.95
C PRO C 113 -5.63 16.45 6.72
N GLN C 114 -6.03 17.73 6.78
CA GLN C 114 -5.79 18.64 5.66
C GLN C 114 -4.32 19.03 5.59
N SER C 115 -3.81 19.20 4.38
CA SER C 115 -2.50 19.83 4.20
C SER C 115 -2.57 20.79 3.01
N PRO C 116 -1.62 21.73 2.93
CA PRO C 116 -1.69 22.81 1.93
C PRO C 116 -1.85 22.34 0.47
N GLU C 117 -1.42 21.13 0.15
CA GLU C 117 -1.33 20.70 -1.24
C GLU C 117 -2.37 19.67 -1.64
N ALA C 118 -3.23 19.26 -0.70
CA ALA C 118 -4.13 18.14 -0.94
C ALA C 118 -5.58 18.55 -1.13
N ASP C 119 -6.34 17.68 -1.78
CA ASP C 119 -7.78 17.83 -1.81
C ASP C 119 -8.35 17.09 -0.61
N MET C 120 -9.67 16.93 -0.58
CA MET C 120 -10.37 16.50 0.64
C MET C 120 -10.58 14.99 0.73
N THR C 121 -9.89 14.21 -0.08
CA THR C 121 -10.07 12.76 -0.06
C THR C 121 -9.82 12.17 1.33
N SER C 122 -8.62 12.41 1.87
CA SER C 122 -8.26 11.84 3.16
C SER C 122 -9.17 12.36 4.25
N SER C 123 -9.55 13.63 4.12
CA SER C 123 -10.43 14.26 5.08
C SER C 123 -11.78 13.55 5.11
N ILE C 124 -12.32 13.28 3.92
CA ILE C 124 -13.52 12.47 3.81
C ILE C 124 -13.34 11.11 4.50
N ALA C 125 -12.13 10.59 4.49
CA ALA C 125 -11.86 9.28 5.08
C ALA C 125 -11.83 9.34 6.62
N GLU C 126 -11.19 10.37 7.15
CA GLU C 126 -11.12 10.54 8.61
C GLU C 126 -12.47 10.90 9.20
N LEU C 127 -13.26 11.66 8.44
CA LEU C 127 -14.61 12.01 8.87
C LEU C 127 -15.42 10.75 9.10
N GLU C 128 -15.48 9.90 8.06
CA GLU C 128 -16.19 8.62 8.15
C GLU C 128 -15.68 7.71 9.26
N ARG C 129 -14.36 7.59 9.38
CA ARG C 129 -13.77 6.81 10.46
C ARG C 129 -14.23 7.32 11.82
N CYS C 130 -14.28 8.64 11.96
CA CYS C 130 -14.60 9.25 13.23
C CYS C 130 -16.10 9.22 13.56
N VAL C 131 -16.94 9.59 12.59
CA VAL C 131 -18.37 9.54 12.79
C VAL C 131 -18.85 8.10 12.81
N ASN C 132 -18.42 7.32 11.82
CA ASN C 132 -18.95 5.96 11.65
C ASN C 132 -18.34 4.92 12.60
N GLU C 133 -17.09 5.10 12.97
CA GLU C 133 -16.48 4.09 13.82
C GLU C 133 -16.13 4.56 15.21
N LEU C 134 -16.00 5.87 15.41
CA LEU C 134 -15.63 6.38 16.72
C LEU C 134 -16.79 7.11 17.38
N GLY C 135 -17.92 7.18 16.68
CA GLY C 135 -19.12 7.81 17.20
C GLY C 135 -19.00 9.31 17.40
N PHE C 136 -18.30 9.98 16.49
CA PHE C 136 -18.15 11.43 16.58
C PHE C 136 -19.38 12.15 16.02
N ILE C 137 -19.55 13.43 16.37
CA ILE C 137 -20.77 14.13 16.02
C ILE C 137 -20.59 15.32 15.05
N GLY C 138 -19.34 15.76 14.89
CA GLY C 138 -19.05 16.89 14.02
C GLY C 138 -17.58 16.90 13.68
N CYS C 139 -17.12 17.96 13.01
CA CYS C 139 -15.71 18.11 12.65
C CYS C 139 -15.29 19.57 12.70
N ASN C 140 -13.97 19.80 12.67
CA ASN C 140 -13.44 21.14 12.49
C ASN C 140 -12.89 21.28 11.07
N LEU C 141 -13.32 22.30 10.36
CA LEU C 141 -12.94 22.48 8.97
C LEU C 141 -12.02 23.69 8.84
N ASN C 142 -10.83 23.46 8.29
CA ASN C 142 -9.81 24.50 8.19
C ASN C 142 -9.83 25.18 6.83
N PRO C 143 -10.33 26.43 6.77
CA PRO C 143 -10.47 27.16 5.50
C PRO C 143 -9.14 27.62 4.91
N ASP C 144 -8.07 27.51 5.68
CA ASP C 144 -6.73 27.88 5.21
C ASP C 144 -5.65 26.98 5.81
N PRO C 145 -5.42 25.81 5.19
CA PRO C 145 -4.45 24.84 5.72
C PRO C 145 -2.99 25.37 5.67
N GLY C 146 -2.74 26.35 4.81
CA GLY C 146 -1.42 26.94 4.68
C GLY C 146 -0.91 27.67 5.92
N GLY C 147 -1.82 28.09 6.80
CA GLY C 147 -1.43 28.67 8.07
C GLY C 147 -1.05 30.15 8.11
N GLY C 148 -1.79 31.00 7.38
CA GLY C 148 -1.63 32.42 7.60
C GLY C 148 -1.75 33.39 6.43
N HIS C 149 -1.94 32.88 5.22
CA HIS C 149 -1.98 33.75 4.05
C HIS C 149 -3.26 33.59 3.25
N PHE C 150 -4.18 32.79 3.78
CA PHE C 150 -5.46 32.53 3.13
C PHE C 150 -5.32 32.27 1.62
N LYS C 151 -4.51 31.27 1.25
CA LYS C 151 -4.26 30.94 -0.15
C LYS C 151 -5.12 29.78 -0.68
N HIS C 152 -6.05 29.32 0.14
CA HIS C 152 -6.99 28.30 -0.28
C HIS C 152 -8.16 28.98 -0.95
N PRO C 153 -8.95 28.20 -1.72
CA PRO C 153 -10.18 28.70 -2.32
C PRO C 153 -11.24 28.97 -1.28
N PRO C 154 -12.09 29.99 -1.52
CA PRO C 154 -13.14 30.32 -0.57
C PRO C 154 -14.06 29.12 -0.38
N LEU C 155 -14.84 29.12 0.70
CA LEU C 155 -15.71 28.00 1.02
C LEU C 155 -16.80 27.77 -0.02
N THR C 156 -16.95 28.71 -0.94
CA THR C 156 -17.99 28.59 -1.96
C THR C 156 -17.46 27.78 -3.15
N ASP C 157 -16.15 27.53 -3.15
CA ASP C 157 -15.49 26.86 -4.25
C ASP C 157 -15.85 25.37 -4.28
N ARG C 158 -15.98 24.82 -5.47
CA ARG C 158 -16.37 23.41 -5.63
C ARG C 158 -15.30 22.45 -5.11
N PHE C 159 -14.08 22.94 -5.01
CA PHE C 159 -13.01 22.21 -4.34
C PHE C 159 -13.50 21.49 -3.09
N TRP C 160 -14.39 22.15 -2.35
CA TRP C 160 -14.83 21.66 -1.06
C TRP C 160 -16.08 20.78 -1.16
N TYR C 161 -16.71 20.76 -2.34
CA TYR C 161 -18.02 20.14 -2.48
C TYR C 161 -18.08 18.64 -2.15
N PRO C 162 -17.15 17.83 -2.68
CA PRO C 162 -17.25 16.42 -2.33
C PRO C 162 -17.24 16.20 -0.80
N PHE C 163 -16.63 17.14 -0.08
CA PHE C 163 -16.53 17.02 1.37
C PHE C 163 -17.86 17.34 2.04
N TYR C 164 -18.51 18.39 1.55
CA TYR C 164 -19.85 18.77 2.03
C TYR C 164 -20.86 17.68 1.73
N GLU C 165 -20.68 16.98 0.60
CA GLU C 165 -21.56 15.87 0.27
C GLU C 165 -21.50 14.81 1.38
N LYS C 166 -20.31 14.56 1.89
CA LYS C 166 -20.13 13.64 3.01
C LYS C 166 -20.79 14.16 4.29
N MET C 167 -20.44 15.38 4.68
CA MET C 167 -21.07 16.04 5.82
C MET C 167 -22.57 15.84 5.77
N VAL C 168 -23.14 16.07 4.58
CA VAL C 168 -24.58 15.99 4.39
C VAL C 168 -25.08 14.55 4.42
N GLU C 169 -24.25 13.61 3.99
CA GLU C 169 -24.58 12.20 4.12
C GLU C 169 -24.56 11.78 5.58
N LEU C 170 -23.55 12.24 6.31
CA LEU C 170 -23.39 11.86 7.72
C LEU C 170 -24.23 12.71 8.68
N ASP C 171 -24.81 13.79 8.17
CA ASP C 171 -25.62 14.68 8.99
C ASP C 171 -24.82 15.31 10.13
N VAL C 172 -23.62 15.79 9.81
CA VAL C 172 -22.73 16.39 10.78
C VAL C 172 -22.33 17.81 10.37
N PRO C 173 -22.33 18.74 11.32
CA PRO C 173 -21.93 20.13 11.06
C PRO C 173 -20.41 20.30 11.14
N ALA C 174 -19.93 21.46 10.70
CA ALA C 174 -18.50 21.74 10.80
C ALA C 174 -18.28 23.08 11.48
N MET C 175 -17.27 23.16 12.34
CA MET C 175 -16.83 24.45 12.84
C MET C 175 -15.72 24.93 11.91
N ILE C 176 -15.84 26.17 11.46
CA ILE C 176 -14.77 26.78 10.67
C ILE C 176 -13.66 27.18 11.64
N HIS C 177 -12.46 26.65 11.41
CA HIS C 177 -11.40 26.81 12.40
C HIS C 177 -10.01 26.71 11.77
N VAL C 178 -9.30 27.83 11.67
CA VAL C 178 -7.91 27.76 11.28
C VAL C 178 -7.08 27.24 12.45
N SER C 179 -5.76 27.27 12.29
CA SER C 179 -4.85 26.68 13.27
C SER C 179 -3.72 27.66 13.57
N GLY C 180 -2.56 27.14 13.94
CA GLY C 180 -1.39 27.96 14.23
C GLY C 180 -0.89 28.67 12.99
N SER C 181 -0.27 29.82 13.19
CA SER C 181 0.16 30.68 12.08
C SER C 181 1.64 30.57 11.77
N CYS C 182 1.96 30.39 10.48
CA CYS C 182 3.35 30.45 10.03
C CYS C 182 3.63 31.82 9.43
N ASN C 183 2.80 32.79 9.76
CA ASN C 183 2.92 34.15 9.24
C ASN C 183 3.30 35.11 10.37
N PRO C 184 4.51 35.67 10.32
CA PRO C 184 5.01 36.56 11.38
C PRO C 184 4.09 37.77 11.60
N ALA C 185 3.41 38.19 10.54
CA ALA C 185 2.49 39.32 10.59
C ALA C 185 1.16 38.98 11.25
N MET C 186 0.98 37.72 11.67
CA MET C 186 -0.32 37.27 12.10
C MET C 186 -0.35 36.33 13.33
N HIS C 187 -0.71 36.88 14.48
CA HIS C 187 -0.90 36.12 15.71
C HIS C 187 -2.14 35.24 15.58
N ALA C 188 -2.09 34.02 16.11
CA ALA C 188 -3.15 33.04 15.87
C ALA C 188 -4.46 33.29 16.64
N THR C 189 -4.44 33.20 17.96
CA THR C 189 -5.69 33.34 18.71
C THR C 189 -6.20 34.77 18.78
N GLY C 190 -5.32 35.73 18.51
CA GLY C 190 -5.70 37.13 18.55
C GLY C 190 -5.93 37.82 17.21
N ALA C 191 -5.53 37.18 16.11
CA ALA C 191 -5.65 37.83 14.80
C ALA C 191 -6.18 36.87 13.73
N TYR C 192 -5.40 35.84 13.45
CA TYR C 192 -5.74 34.80 12.49
C TYR C 192 -7.12 34.20 12.74
N TYR C 193 -7.40 33.80 13.99
CA TYR C 193 -8.67 33.13 14.29
C TYR C 193 -9.89 34.02 14.01
N LEU C 194 -9.79 35.28 14.39
CA LEU C 194 -10.90 36.22 14.26
C LEU C 194 -11.08 36.67 12.79
N ALA C 195 -9.98 36.84 12.09
CA ALA C 195 -9.99 37.21 10.68
C ALA C 195 -10.65 36.13 9.83
N ALA C 196 -10.30 34.87 10.11
CA ALA C 196 -10.82 33.73 9.37
C ALA C 196 -12.31 33.56 9.59
N ASP C 197 -12.76 33.84 10.82
CA ASP C 197 -14.18 33.80 11.15
C ASP C 197 -14.94 34.75 10.23
N THR C 198 -14.41 35.98 10.14
CA THR C 198 -15.00 37.04 9.35
C THR C 198 -14.92 36.76 7.86
N ILE C 199 -13.73 36.38 7.40
CA ILE C 199 -13.50 36.08 6.00
C ILE C 199 -14.42 34.95 5.53
N ALA C 200 -14.53 33.90 6.35
CA ALA C 200 -15.40 32.76 6.03
C ALA C 200 -16.86 33.19 5.88
N PHE C 201 -17.32 34.05 6.77
CA PHE C 201 -18.68 34.56 6.69
C PHE C 201 -18.85 35.32 5.36
N MET C 202 -17.96 36.28 5.11
CA MET C 202 -18.03 37.10 3.91
C MET C 202 -17.94 36.31 2.60
N GLN C 203 -17.07 35.29 2.57
CA GLN C 203 -17.00 34.41 1.43
C GLN C 203 -18.36 33.79 1.12
N LEU C 204 -19.09 33.40 2.17
CA LEU C 204 -20.38 32.75 1.97
C LEU C 204 -21.41 33.78 1.51
N LEU C 205 -21.33 34.98 2.07
CA LEU C 205 -22.21 36.08 1.66
C LEU C 205 -22.00 36.49 0.19
N GLN C 206 -20.89 36.07 -0.41
CA GLN C 206 -20.59 36.40 -1.81
C GLN C 206 -21.24 35.46 -2.82
N GLY C 207 -21.50 34.23 -2.40
CA GLY C 207 -22.05 33.26 -3.31
C GLY C 207 -23.43 32.86 -2.85
N ASN C 208 -23.70 31.57 -2.89
CA ASN C 208 -24.96 31.03 -2.38
C ASN C 208 -24.84 29.52 -2.22
N LEU C 209 -23.93 29.12 -1.34
CA LEU C 209 -23.61 27.70 -1.14
C LEU C 209 -24.79 26.87 -0.68
N PHE C 210 -25.60 27.43 0.20
CA PHE C 210 -26.67 26.67 0.84
C PHE C 210 -27.91 26.50 -0.05
N ALA C 211 -27.88 27.15 -1.21
CA ALA C 211 -28.81 26.81 -2.29
C ALA C 211 -28.46 25.45 -2.91
N ASP C 212 -27.17 25.10 -2.88
CA ASP C 212 -26.71 23.79 -3.36
C ASP C 212 -26.76 22.71 -2.28
N PHE C 213 -26.46 23.08 -1.04
CA PHE C 213 -26.53 22.13 0.08
C PHE C 213 -27.40 22.79 1.14
N PRO C 214 -28.73 22.63 1.05
CA PRO C 214 -29.61 23.40 1.96
C PRO C 214 -29.58 22.89 3.39
N THR C 215 -29.01 21.71 3.60
CA THR C 215 -28.93 21.13 4.94
C THR C 215 -27.53 21.22 5.54
N LEU C 216 -26.63 21.88 4.83
CA LEU C 216 -25.24 21.99 5.29
C LEU C 216 -25.14 23.03 6.38
N ARG C 217 -24.51 22.66 7.51
CA ARG C 217 -24.41 23.59 8.62
C ARG C 217 -22.95 23.88 9.02
N PHE C 218 -22.68 25.14 9.34
CA PHE C 218 -21.35 25.60 9.73
C PHE C 218 -21.49 26.33 11.06
N ILE C 219 -20.48 26.19 11.90
CA ILE C 219 -20.35 27.07 13.06
C ILE C 219 -19.12 27.96 12.84
N ILE C 220 -19.33 29.27 12.95
CA ILE C 220 -18.22 30.20 12.89
C ILE C 220 -17.92 30.61 14.33
N PRO C 221 -16.73 30.25 14.82
CA PRO C 221 -16.38 30.37 16.23
C PRO C 221 -16.19 31.82 16.70
N HIS C 222 -15.96 31.98 18.00
CA HIS C 222 -15.71 33.30 18.58
C HIS C 222 -16.77 34.32 18.25
N GLY C 223 -18.03 33.94 18.40
CA GLY C 223 -19.13 34.87 18.17
C GLY C 223 -19.11 35.46 16.77
N GLY C 224 -18.66 34.67 15.81
CA GLY C 224 -18.67 35.07 14.41
C GLY C 224 -17.58 36.06 14.02
N GLY C 225 -16.54 36.16 14.84
CA GLY C 225 -15.43 37.06 14.56
C GLY C 225 -15.80 38.51 14.72
N ALA C 226 -15.83 39.24 13.62
CA ALA C 226 -16.20 40.64 13.59
C ALA C 226 -17.64 40.83 13.16
N VAL C 227 -18.27 39.74 12.70
CA VAL C 227 -19.55 39.84 12.01
C VAL C 227 -20.73 40.51 12.75
N PRO C 228 -21.07 40.06 13.96
CA PRO C 228 -22.19 40.74 14.62
C PRO C 228 -21.92 42.21 14.98
N TYR C 229 -20.70 42.51 15.40
CA TYR C 229 -20.28 43.91 15.62
C TYR C 229 -20.54 44.76 14.36
N HIS C 230 -20.24 44.20 13.20
CA HIS C 230 -20.48 44.89 11.94
C HIS C 230 -21.71 44.38 11.18
N TRP C 231 -22.71 43.91 11.93
CA TRP C 231 -23.91 43.35 11.32
C TRP C 231 -24.53 44.34 10.35
N GLY C 232 -24.48 45.62 10.70
CA GLY C 232 -25.00 46.67 9.85
C GLY C 232 -24.26 46.70 8.53
N ARG C 233 -22.93 46.62 8.60
CA ARG C 233 -22.08 46.60 7.41
C ARG C 233 -22.41 45.41 6.52
N PHE C 234 -22.63 44.25 7.13
CA PHE C 234 -22.89 43.06 6.33
C PHE C 234 -24.27 43.05 5.68
N ARG C 235 -25.29 43.51 6.38
CA ARG C 235 -26.60 43.64 5.76
C ARG C 235 -26.55 44.64 4.61
N GLY C 236 -25.70 45.66 4.75
CA GLY C 236 -25.60 46.70 3.75
C GLY C 236 -24.82 46.29 2.53
N LEU C 237 -23.85 45.39 2.73
CA LEU C 237 -23.09 44.81 1.62
C LEU C 237 -23.91 43.81 0.82
N ALA C 238 -24.89 43.18 1.46
CA ALA C 238 -25.80 42.29 0.73
C ALA C 238 -26.56 43.05 -0.37
N ASP C 239 -27.06 44.25 -0.05
CA ASP C 239 -27.66 45.11 -1.07
C ASP C 239 -26.64 45.66 -2.07
N MET C 240 -25.45 46.00 -1.59
CA MET C 240 -24.36 46.45 -2.47
C MET C 240 -24.02 45.39 -3.53
N LEU C 241 -24.09 44.12 -3.14
CA LEU C 241 -23.72 43.00 -4.01
C LEU C 241 -24.91 42.38 -4.73
N LYS C 242 -26.08 42.99 -4.56
CA LYS C 242 -27.31 42.49 -5.17
C LYS C 242 -27.69 41.12 -4.63
N GLN C 243 -27.24 40.79 -3.42
CA GLN C 243 -27.47 39.46 -2.84
C GLN C 243 -28.77 39.37 -2.02
N PRO C 244 -29.25 38.13 -1.80
CA PRO C 244 -30.39 37.96 -0.90
C PRO C 244 -30.00 38.36 0.52
N SER C 245 -30.99 38.67 1.35
CA SER C 245 -30.76 39.05 2.73
C SER C 245 -30.04 37.95 3.51
N LEU C 246 -29.30 38.34 4.54
CA LEU C 246 -28.53 37.38 5.34
C LEU C 246 -29.43 36.31 5.97
N ASP C 247 -30.64 36.70 6.37
CA ASP C 247 -31.55 35.76 7.03
C ASP C 247 -31.90 34.55 6.15
N THR C 248 -32.18 34.79 4.86
CA THR C 248 -32.45 33.70 3.93
C THR C 248 -31.18 33.09 3.35
N LEU C 249 -30.20 33.92 3.04
CA LEU C 249 -28.99 33.44 2.37
C LEU C 249 -28.14 32.55 3.29
N LEU C 250 -28.02 32.94 4.55
CA LEU C 250 -27.03 32.30 5.42
C LEU C 250 -27.56 31.76 6.74
N MET C 251 -28.50 32.46 7.35
CA MET C 251 -28.82 32.19 8.75
C MET C 251 -29.78 31.01 9.01
N ASN C 252 -29.94 30.14 8.02
CA ASN C 252 -30.53 28.83 8.29
C ASN C 252 -29.40 27.82 8.41
N ASN C 253 -28.20 28.21 7.97
CA ASN C 253 -27.08 27.28 7.84
C ASN C 253 -25.83 27.70 8.61
N VAL C 254 -25.81 28.95 9.06
CA VAL C 254 -24.63 29.48 9.75
C VAL C 254 -24.94 29.80 11.20
N PHE C 255 -24.05 29.39 12.10
CA PHE C 255 -24.27 29.55 13.54
C PHE C 255 -23.04 30.09 14.24
N PHE C 256 -23.25 30.83 15.33
CA PHE C 256 -22.15 31.44 16.07
C PHE C 256 -22.14 30.94 17.52
N ASP C 257 -20.96 30.60 18.04
CA ASP C 257 -20.84 30.29 19.46
C ASP C 257 -20.79 31.56 20.31
N THR C 258 -20.72 31.39 21.63
CA THR C 258 -20.72 32.54 22.52
C THR C 258 -19.36 32.68 23.17
N CYS C 259 -18.32 32.38 22.41
CA CYS C 259 -16.96 32.54 22.90
C CYS C 259 -16.49 33.98 22.70
N VAL C 260 -17.24 34.90 23.32
CA VAL C 260 -16.88 36.31 23.38
C VAL C 260 -16.71 36.66 24.85
N TYR C 261 -15.49 37.02 25.24
CA TYR C 261 -15.10 37.03 26.65
C TYR C 261 -15.36 38.33 27.39
N HIS C 262 -16.58 38.84 27.30
CA HIS C 262 -17.02 39.97 28.14
C HIS C 262 -18.49 40.32 27.91
N GLN C 263 -19.10 40.93 28.93
CA GLN C 263 -20.54 41.13 28.90
C GLN C 263 -21.00 41.98 27.72
N PRO C 264 -20.28 43.09 27.42
CA PRO C 264 -20.80 43.96 26.37
C PRO C 264 -20.86 43.25 25.02
N GLY C 265 -19.82 42.48 24.71
CA GLY C 265 -19.78 41.70 23.49
C GLY C 265 -20.89 40.67 23.44
N ILE C 266 -21.19 40.06 24.57
CA ILE C 266 -22.25 39.06 24.68
C ILE C 266 -23.62 39.73 24.52
N ASN C 267 -23.74 40.95 25.01
CA ASN C 267 -24.97 41.71 24.86
C ASN C 267 -25.28 42.03 23.41
N LEU C 268 -24.27 42.44 22.66
CA LEU C 268 -24.46 42.80 21.25
C LEU C 268 -24.81 41.57 20.44
N LEU C 269 -24.17 40.45 20.76
CA LEU C 269 -24.46 39.19 20.10
C LEU C 269 -25.95 38.81 20.23
N ALA C 270 -26.48 38.87 21.44
CA ALA C 270 -27.87 38.47 21.67
C ALA C 270 -28.81 39.48 21.06
N ASP C 271 -28.34 40.72 20.94
CA ASP C 271 -29.15 41.81 20.43
C ASP C 271 -29.45 41.66 18.94
N VAL C 272 -28.41 41.55 18.13
CA VAL C 272 -28.59 41.60 16.68
C VAL C 272 -28.74 40.23 15.98
N ILE C 273 -28.23 39.17 16.59
CA ILE C 273 -28.29 37.83 16.00
C ILE C 273 -29.51 37.07 16.51
N ASP C 274 -30.16 36.33 15.63
CA ASP C 274 -31.39 35.65 16.01
C ASP C 274 -31.11 34.56 17.02
N ASN C 275 -32.08 34.30 17.89
CA ASN C 275 -31.89 33.33 18.95
C ASN C 275 -31.49 31.92 18.48
N LYS C 276 -32.03 31.48 17.35
CA LYS C 276 -31.73 30.13 16.88
C LYS C 276 -30.30 29.94 16.36
N ASN C 277 -29.59 31.04 16.20
CA ASN C 277 -28.24 31.02 15.63
C ASN C 277 -27.10 31.07 16.66
N ILE C 278 -27.44 31.21 17.93
CA ILE C 278 -26.47 31.34 19.01
C ILE C 278 -26.31 30.03 19.80
N LEU C 279 -25.10 29.48 19.83
CA LEU C 279 -24.83 28.26 20.58
C LEU C 279 -23.82 28.51 21.73
N PHE C 280 -24.22 28.21 22.95
CA PHE C 280 -23.30 28.30 24.09
C PHE C 280 -22.00 27.56 23.82
N GLY C 281 -20.89 28.23 24.09
CA GLY C 281 -19.55 27.69 23.96
C GLY C 281 -18.64 28.54 24.83
N SER C 282 -17.46 28.04 25.19
CA SER C 282 -16.56 28.81 26.06
C SER C 282 -15.06 28.64 25.77
N GLU C 283 -14.72 27.61 24.99
CA GLU C 283 -13.32 27.34 24.67
C GLU C 283 -12.43 27.50 25.93
N MET C 284 -12.82 26.80 26.99
CA MET C 284 -12.12 26.90 28.27
C MET C 284 -10.73 26.29 28.17
N VAL C 285 -9.86 26.70 29.08
CA VAL C 285 -8.46 26.24 29.11
C VAL C 285 -7.81 26.42 27.73
N GLY C 286 -8.15 27.53 27.07
CA GLY C 286 -7.67 27.78 25.73
C GLY C 286 -7.06 29.15 25.52
N ALA C 287 -7.60 29.89 24.58
CA ALA C 287 -7.00 31.14 24.15
C ALA C 287 -6.73 32.12 25.30
N VAL C 288 -7.63 32.18 26.29
CA VAL C 288 -7.51 33.12 27.39
C VAL C 288 -7.86 32.52 28.77
N ARG C 289 -6.84 32.10 29.52
CA ARG C 289 -7.07 31.29 30.72
C ARG C 289 -7.15 32.04 32.07
N GLY C 290 -6.78 33.32 32.09
CA GLY C 290 -6.70 34.04 33.33
C GLY C 290 -7.99 34.70 33.74
N ILE C 291 -8.02 35.21 34.98
CA ILE C 291 -9.14 35.97 35.51
C ILE C 291 -9.24 37.36 34.87
N ASP C 292 -10.44 37.90 34.79
CA ASP C 292 -10.65 39.25 34.28
C ASP C 292 -10.45 40.22 35.44
N PRO C 293 -9.51 41.14 35.31
CA PRO C 293 -9.21 42.11 36.36
C PRO C 293 -10.38 43.05 36.64
N THR C 294 -11.30 43.18 35.69
CA THR C 294 -12.44 44.07 35.86
C THR C 294 -13.70 43.40 36.45
N THR C 295 -13.70 42.09 36.61
CA THR C 295 -14.89 41.40 37.12
C THR C 295 -14.61 40.48 38.29
N GLY C 296 -13.38 39.99 38.39
CA GLY C 296 -13.07 38.98 39.38
C GLY C 296 -13.41 37.58 38.90
N HIS C 297 -14.04 37.47 37.72
CA HIS C 297 -14.38 36.16 37.16
C HIS C 297 -13.57 35.88 35.89
N TYR C 298 -13.38 34.60 35.57
CA TYR C 298 -12.53 34.24 34.44
C TYR C 298 -13.11 34.71 33.11
N PHE C 299 -12.26 35.29 32.27
CA PHE C 299 -12.71 35.76 30.97
C PHE C 299 -13.58 34.71 30.30
N ASP C 300 -13.14 33.45 30.32
CA ASP C 300 -13.80 32.37 29.59
C ASP C 300 -14.91 31.61 30.35
N ASP C 301 -15.40 32.17 31.45
CA ASP C 301 -16.56 31.61 32.12
C ASP C 301 -17.77 32.29 31.49
N THR C 302 -18.09 31.90 30.26
CA THR C 302 -19.10 32.58 29.45
C THR C 302 -20.54 32.33 29.89
N LYS C 303 -20.79 31.28 30.68
CA LYS C 303 -22.16 31.05 31.14
C LYS C 303 -22.64 32.24 31.97
N ARG C 304 -21.69 32.90 32.65
CA ARG C 304 -22.00 34.09 33.44
C ARG C 304 -22.57 35.24 32.61
N TYR C 305 -22.13 35.36 31.35
CA TYR C 305 -22.59 36.46 30.51
C TYR C 305 -23.97 36.13 29.98
N ILE C 306 -24.18 34.86 29.64
CA ILE C 306 -25.50 34.44 29.18
C ILE C 306 -26.48 34.60 30.32
N ASP C 307 -26.03 34.22 31.51
CA ASP C 307 -26.85 34.29 32.72
C ASP C 307 -27.35 35.70 32.99
N ALA C 308 -26.48 36.68 32.80
CA ALA C 308 -26.80 38.06 33.12
C ALA C 308 -27.69 38.71 32.07
N LEU C 309 -27.90 38.02 30.95
CA LEU C 309 -28.82 38.53 29.94
C LEU C 309 -30.22 38.58 30.54
N ASP C 310 -31.09 39.41 29.94
CA ASP C 310 -32.46 39.51 30.39
C ASP C 310 -33.38 38.89 29.35
N ILE C 311 -33.38 37.56 29.30
CA ILE C 311 -34.11 36.84 28.28
C ILE C 311 -35.05 35.82 28.94
N SER C 312 -35.85 35.14 28.12
CA SER C 312 -36.79 34.16 28.65
C SER C 312 -36.14 32.78 28.72
N ASP C 313 -36.73 31.90 29.51
CA ASP C 313 -36.29 30.51 29.63
C ASP C 313 -36.22 29.82 28.27
N GLN C 314 -37.23 30.08 27.45
CA GLN C 314 -37.29 29.55 26.10
C GLN C 314 -36.04 30.02 25.35
N GLU C 315 -35.65 31.28 25.55
CA GLU C 315 -34.42 31.80 24.91
C GLU C 315 -33.14 31.18 25.49
N ARG C 316 -33.08 31.08 26.81
CA ARG C 316 -31.92 30.50 27.49
C ARG C 316 -31.74 29.05 27.11
N HIS C 317 -32.85 28.31 27.02
CA HIS C 317 -32.81 26.90 26.68
C HIS C 317 -32.22 26.66 25.29
N ALA C 318 -32.70 27.41 24.30
CA ALA C 318 -32.21 27.24 22.94
C ALA C 318 -30.69 27.44 22.95
N ILE C 319 -30.25 28.54 23.56
CA ILE C 319 -28.83 28.86 23.62
C ILE C 319 -27.98 27.80 24.32
N PHE C 320 -28.47 27.25 25.44
CA PHE C 320 -27.73 26.28 26.24
C PHE C 320 -27.85 24.82 25.76
N GLU C 321 -28.99 24.48 25.16
CA GLU C 321 -29.24 23.08 24.78
C GLU C 321 -29.75 22.91 23.35
N GLY C 322 -30.87 23.57 23.04
CA GLY C 322 -31.65 23.28 21.84
C GLY C 322 -31.09 23.62 20.48
N ASN C 323 -30.37 24.73 20.37
CA ASN C 323 -29.76 25.08 19.10
C ASN C 323 -28.70 24.07 18.75
N THR C 324 -27.92 23.70 19.76
CA THR C 324 -26.83 22.74 19.58
C THR C 324 -27.32 21.33 19.25
N ARG C 325 -28.43 20.91 19.85
CA ARG C 325 -28.97 19.60 19.52
C ARG C 325 -29.58 19.61 18.12
N ARG C 326 -29.99 20.78 17.65
CA ARG C 326 -30.47 20.94 16.28
C ARG C 326 -29.33 20.88 15.27
N VAL C 327 -28.22 21.54 15.60
CA VAL C 327 -27.06 21.63 14.71
C VAL C 327 -26.27 20.32 14.70
N PHE C 328 -26.36 19.58 15.81
CA PHE C 328 -25.69 18.29 15.97
C PHE C 328 -26.75 17.20 16.13
N PRO C 329 -27.30 16.72 15.01
CA PRO C 329 -28.36 15.72 15.06
C PRO C 329 -27.88 14.45 15.74
N ARG C 330 -26.64 14.08 15.51
CA ARG C 330 -26.15 12.82 16.05
C ARG C 330 -25.92 12.88 17.57
N LEU C 331 -25.86 14.08 18.13
CA LEU C 331 -25.85 14.23 19.59
C LEU C 331 -27.27 14.18 20.13
N ASP C 332 -28.19 14.85 19.44
CA ASP C 332 -29.58 14.89 19.85
C ASP C 332 -30.14 13.46 19.97
N ALA C 333 -29.75 12.60 19.03
CA ALA C 333 -30.23 11.22 19.02
C ALA C 333 -29.54 10.37 20.11
N LYS C 334 -28.28 10.67 20.38
CA LYS C 334 -27.55 10.02 21.46
C LYS C 334 -28.21 10.31 22.81
N LEU C 335 -28.62 11.56 23.02
CA LEU C 335 -29.29 11.98 24.25
C LEU C 335 -30.76 11.51 24.33
N LYS C 336 -31.44 11.45 23.19
CA LYS C 336 -32.81 10.94 23.16
C LYS C 336 -32.82 9.47 23.57
N ALA C 337 -31.78 8.75 23.15
CA ALA C 337 -31.62 7.33 23.48
C ALA C 337 -31.38 7.11 24.98
N ARG C 338 -30.77 8.09 25.63
CA ARG C 338 -30.60 8.05 27.09
C ARG C 338 -31.82 8.63 27.81
N GLY C 339 -32.90 8.84 27.06
CA GLY C 339 -34.12 9.39 27.59
C GLY C 339 -34.04 10.83 28.06
N LEU C 340 -33.11 11.59 27.49
CA LEU C 340 -32.97 12.99 27.91
C LEU C 340 -33.72 13.95 27.00
N MET D 2 32.44 -0.38 -21.00
CA MET D 2 31.75 -0.83 -19.81
C MET D 2 30.55 -1.70 -20.18
N ILE D 3 30.01 -2.41 -19.19
CA ILE D 3 28.77 -3.15 -19.33
C ILE D 3 27.86 -2.65 -18.24
N ILE D 4 26.89 -1.83 -18.62
CA ILE D 4 26.01 -1.19 -17.65
C ILE D 4 24.58 -1.72 -17.81
N ASP D 5 24.08 -2.38 -16.77
CA ASP D 5 22.77 -2.98 -16.78
C ASP D 5 21.75 -1.92 -16.35
N CYS D 6 20.88 -1.48 -17.25
CA CYS D 6 19.97 -0.35 -16.94
C CYS D 6 18.76 -0.72 -16.08
N HIS D 7 18.58 -2.00 -15.79
CA HIS D 7 17.35 -2.47 -15.16
C HIS D 7 17.59 -3.63 -14.17
N GLY D 8 17.52 -3.31 -12.88
CA GLY D 8 17.68 -4.32 -11.83
C GLY D 8 17.14 -3.83 -10.49
N HIS D 9 16.55 -4.73 -9.71
CA HIS D 9 15.93 -4.29 -8.46
C HIS D 9 16.52 -4.97 -7.24
N TYR D 10 16.33 -4.31 -6.09
CA TYR D 10 16.76 -4.86 -4.81
C TYR D 10 15.69 -5.85 -4.38
N THR D 11 15.86 -7.11 -4.77
CA THR D 11 14.80 -8.11 -4.63
C THR D 11 15.01 -9.03 -3.42
N VAL D 12 16.25 -9.43 -3.19
CA VAL D 12 16.56 -10.25 -2.02
C VAL D 12 17.12 -9.32 -0.93
N LEU D 13 16.28 -9.00 0.04
CA LEU D 13 16.54 -7.95 1.01
C LEU D 13 16.76 -8.48 2.43
N PRO D 14 17.22 -7.60 3.33
CA PRO D 14 17.24 -7.85 4.77
C PRO D 14 15.84 -8.18 5.25
N LYS D 15 15.68 -9.35 5.87
CA LYS D 15 14.39 -9.83 6.31
C LYS D 15 13.67 -8.77 7.10
N ALA D 16 14.43 -8.00 7.85
CA ALA D 16 13.88 -6.95 8.72
C ALA D 16 13.02 -5.92 7.99
N HIS D 17 13.40 -5.59 6.76
CA HIS D 17 12.69 -4.59 5.95
C HIS D 17 11.33 -5.11 5.49
N ASP D 18 11.33 -6.33 4.95
CA ASP D 18 10.11 -6.99 4.51
C ASP D 18 9.16 -7.24 5.69
N GLU D 19 9.74 -7.66 6.80
CA GLU D 19 8.99 -7.90 8.03
C GLU D 19 8.26 -6.64 8.49
N TRP D 20 8.84 -5.48 8.21
CA TRP D 20 8.26 -4.21 8.62
C TRP D 20 7.09 -3.77 7.75
N ARG D 21 7.19 -4.00 6.44
CA ARG D 21 6.14 -3.61 5.51
C ARG D 21 4.83 -4.34 5.79
N GLU D 22 4.92 -5.61 6.13
CA GLU D 22 3.75 -6.39 6.51
C GLU D 22 3.17 -5.82 7.81
N GLN D 23 4.06 -5.45 8.74
CA GLN D 23 3.64 -4.80 9.99
C GLN D 23 3.06 -3.43 9.71
N GLN D 24 3.58 -2.77 8.67
CA GLN D 24 3.09 -1.45 8.28
C GLN D 24 1.70 -1.60 7.69
N LYS D 25 1.52 -2.64 6.87
CA LYS D 25 0.22 -2.95 6.30
C LYS D 25 -0.71 -3.47 7.38
N ALA D 26 -0.19 -4.33 8.26
CA ALA D 26 -0.99 -4.89 9.33
C ALA D 26 -1.40 -3.80 10.32
N ALA D 27 -0.53 -2.80 10.49
CA ALA D 27 -0.84 -1.66 11.34
C ALA D 27 -1.93 -0.81 10.71
N PHE D 28 -1.73 -0.46 9.43
CA PHE D 28 -2.67 0.38 8.68
C PHE D 28 -4.14 -0.01 8.93
N LYS D 29 -4.90 0.94 9.49
CA LYS D 29 -6.31 0.76 9.81
C LYS D 29 -6.53 0.14 11.19
N PRO D 35 4.38 1.62 13.57
CA PRO D 35 5.60 1.30 14.31
C PRO D 35 6.85 1.87 13.67
N PRO D 36 7.98 1.86 14.42
CA PRO D 36 9.28 2.36 13.97
C PRO D 36 9.93 1.39 13.00
N TYR D 37 10.93 1.88 12.28
CA TYR D 37 11.60 1.12 11.24
C TYR D 37 12.79 0.35 11.79
N PRO D 38 13.06 -0.84 11.24
CA PRO D 38 14.16 -1.72 11.66
C PRO D 38 15.54 -1.15 11.36
N GLU D 39 16.50 -1.45 12.23
CA GLU D 39 17.88 -1.01 12.03
C GLU D 39 18.70 -2.10 11.35
N ILE D 40 18.82 -1.99 10.03
CA ILE D 40 19.57 -2.95 9.24
C ILE D 40 21.02 -2.49 9.13
N SER D 41 21.91 -3.39 8.73
CA SER D 41 23.34 -3.07 8.66
C SER D 41 23.98 -3.57 7.37
N GLU D 44 25.62 -7.10 6.25
CA GLU D 44 24.23 -7.54 6.34
C GLU D 44 23.44 -7.08 5.12
N ILE D 45 23.55 -5.79 4.81
CA ILE D 45 23.06 -5.31 3.53
C ILE D 45 24.05 -5.79 2.48
N ARG D 46 25.32 -5.93 2.87
CA ARG D 46 26.35 -6.45 1.96
C ARG D 46 26.09 -7.91 1.65
N GLU D 47 25.74 -8.67 2.68
CA GLU D 47 25.49 -10.10 2.57
C GLU D 47 24.56 -10.41 1.40
N THR D 48 23.38 -9.81 1.41
CA THR D 48 22.40 -10.00 0.34
C THR D 48 22.98 -9.65 -1.04
N ILE D 49 23.60 -8.49 -1.14
CA ILE D 49 24.22 -8.06 -2.40
C ILE D 49 25.34 -9.02 -2.83
N GLU D 50 26.21 -9.38 -1.88
CA GLU D 50 27.34 -10.25 -2.18
C GLU D 50 26.92 -11.69 -2.46
N ALA D 51 25.81 -12.13 -1.87
CA ALA D 51 25.30 -13.48 -2.08
C ALA D 51 24.45 -13.60 -3.34
N ASN D 52 23.98 -12.46 -3.85
CA ASN D 52 23.12 -12.44 -5.03
C ASN D 52 23.65 -11.58 -6.15
N GLN D 53 23.29 -10.30 -6.12
CA GLN D 53 23.57 -9.42 -7.26
C GLN D 53 25.04 -9.35 -7.62
N LEU D 54 25.90 -9.12 -6.63
CA LEU D 54 27.32 -8.95 -6.90
C LEU D 54 27.95 -10.24 -7.42
N ARG D 55 27.56 -11.35 -6.82
CA ARG D 55 28.00 -12.67 -7.28
C ARG D 55 27.72 -12.85 -8.77
N LEU D 56 26.48 -12.56 -9.17
CA LEU D 56 26.04 -12.79 -10.55
C LEU D 56 26.63 -11.76 -11.50
N ILE D 57 26.75 -10.52 -11.04
CA ILE D 57 27.43 -9.48 -11.81
C ILE D 57 28.84 -9.94 -12.19
N LYS D 58 29.59 -10.45 -11.21
CA LYS D 58 30.94 -10.92 -11.48
C LYS D 58 30.92 -12.08 -12.47
N GLU D 59 30.12 -13.10 -12.19
CA GLU D 59 30.04 -14.27 -13.07
C GLU D 59 29.62 -13.94 -14.50
N ARG D 60 28.83 -12.89 -14.66
CA ARG D 60 28.34 -12.54 -15.98
C ARG D 60 29.15 -11.41 -16.63
N GLY D 61 30.08 -10.85 -15.88
CA GLY D 61 31.00 -9.86 -16.43
C GLY D 61 30.33 -8.56 -16.83
N ALA D 62 29.43 -8.07 -15.99
CA ALA D 62 28.91 -6.72 -16.15
C ALA D 62 29.76 -5.81 -15.27
N ASP D 63 29.56 -4.51 -15.40
CA ASP D 63 30.38 -3.55 -14.64
C ASP D 63 29.57 -2.86 -13.55
N MET D 64 28.32 -2.53 -13.83
CA MET D 64 27.47 -1.90 -12.83
C MET D 64 26.00 -2.06 -13.19
N THR D 65 25.14 -1.83 -12.21
CA THR D 65 23.70 -1.92 -12.39
C THR D 65 23.02 -0.63 -11.93
N ILE D 66 22.13 -0.10 -12.75
CA ILE D 66 21.27 0.99 -12.28
C ILE D 66 20.18 0.30 -11.44
N PHE D 67 20.07 0.69 -10.17
CA PHE D 67 19.44 -0.15 -9.15
C PHE D 67 18.27 0.55 -8.44
N SER D 68 17.11 -0.09 -8.44
CA SER D 68 15.91 0.51 -7.86
C SER D 68 15.18 -0.47 -6.94
N PRO D 69 14.29 0.05 -6.10
CA PRO D 69 13.52 -0.83 -5.22
C PRO D 69 12.80 -1.93 -6.00
N ARG D 70 12.49 -3.03 -5.32
CA ARG D 70 11.69 -4.10 -5.91
C ARG D 70 10.37 -3.52 -6.43
N ALA D 71 10.11 -3.71 -7.72
CA ALA D 71 8.95 -3.10 -8.36
C ALA D 71 7.63 -3.60 -7.79
N SER D 72 7.51 -4.91 -7.70
CA SER D 72 6.29 -5.50 -7.16
C SER D 72 5.98 -4.96 -5.77
N ALA D 73 7.01 -4.82 -4.94
CA ALA D 73 6.80 -4.37 -3.56
C ALA D 73 6.45 -2.89 -3.37
N MET D 74 6.50 -2.10 -4.44
CA MET D 74 6.08 -0.70 -4.38
C MET D 74 4.61 -0.59 -4.01
N ALA D 75 3.79 -1.33 -4.75
CA ALA D 75 2.41 -1.59 -4.36
C ALA D 75 1.76 -0.31 -3.88
N PRO D 76 1.69 0.70 -4.75
CA PRO D 76 1.03 1.98 -4.45
C PRO D 76 -0.45 1.82 -4.12
N HIS D 77 -1.02 0.66 -4.43
CA HIS D 77 -2.46 0.46 -4.30
C HIS D 77 -2.93 0.04 -2.89
N VAL D 78 -2.01 -0.01 -1.93
CA VAL D 78 -2.25 -0.66 -0.63
C VAL D 78 -3.08 0.08 0.48
N GLY D 79 -3.12 1.41 0.53
CA GLY D 79 -2.48 2.29 -0.42
C GLY D 79 -2.98 3.74 -0.32
N ASP D 80 -2.45 4.49 0.63
CA ASP D 80 -2.68 5.94 0.69
C ASP D 80 -1.37 6.69 0.97
N GLN D 81 -1.34 8.00 0.69
CA GLN D 81 -0.10 8.78 0.80
C GLN D 81 0.66 8.54 2.11
N SER D 82 -0.07 8.36 3.20
CA SER D 82 0.54 8.20 4.51
C SER D 82 1.29 6.87 4.61
N VAL D 83 1.01 5.96 3.69
CA VAL D 83 1.75 4.71 3.59
C VAL D 83 2.80 4.84 2.48
N ALA D 84 2.39 5.37 1.35
CA ALA D 84 3.28 5.56 0.20
C ALA D 84 4.56 6.32 0.55
N VAL D 85 4.46 7.42 1.30
CA VAL D 85 5.63 8.26 1.56
C VAL D 85 6.75 7.59 2.38
N PRO D 86 6.42 7.01 3.54
CA PRO D 86 7.45 6.32 4.32
C PRO D 86 7.98 5.09 3.60
N TRP D 87 7.08 4.32 2.98
CA TRP D 87 7.48 3.12 2.29
C TRP D 87 8.51 3.47 1.21
N ALA D 88 8.18 4.46 0.38
CA ALA D 88 9.10 4.94 -0.65
C ALA D 88 10.45 5.39 -0.07
N GLN D 89 10.42 6.18 0.99
CA GLN D 89 11.66 6.68 1.58
C GLN D 89 12.55 5.55 2.09
N ALA D 90 11.94 4.58 2.76
CA ALA D 90 12.68 3.43 3.28
C ALA D 90 13.26 2.63 2.12
N CYS D 91 12.44 2.38 1.11
CA CYS D 91 12.91 1.66 -0.07
C CYS D 91 14.03 2.40 -0.79
N ASN D 92 13.87 3.71 -0.93
CA ASN D 92 14.89 4.51 -1.58
C ASN D 92 16.15 4.61 -0.72
N ASN D 93 16.00 4.80 0.59
CA ASN D 93 17.17 4.83 1.47
C ASN D 93 17.99 3.55 1.40
N LEU D 94 17.32 2.41 1.30
CA LEU D 94 18.02 1.15 1.08
C LEU D 94 18.93 1.19 -0.15
N ILE D 95 18.37 1.62 -1.28
CA ILE D 95 19.14 1.68 -2.53
C ILE D 95 20.35 2.61 -2.35
N ALA D 96 20.15 3.72 -1.65
CA ALA D 96 21.24 4.66 -1.38
C ALA D 96 22.30 4.04 -0.48
N ARG D 97 21.86 3.17 0.43
CA ARG D 97 22.78 2.50 1.32
C ARG D 97 23.58 1.45 0.55
N VAL D 98 22.91 0.75 -0.36
CA VAL D 98 23.62 -0.19 -1.22
C VAL D 98 24.62 0.57 -2.08
N VAL D 99 24.20 1.70 -2.62
CA VAL D 99 25.07 2.53 -3.46
C VAL D 99 26.25 3.09 -2.66
N ASP D 100 26.02 3.36 -1.39
CA ASP D 100 27.08 3.84 -0.51
C ASP D 100 28.13 2.76 -0.22
N LEU D 101 27.66 1.52 -0.13
CA LEU D 101 28.53 0.37 0.11
C LEU D 101 29.19 -0.13 -1.16
N PHE D 102 28.52 0.06 -2.29
CA PHE D 102 29.02 -0.44 -3.55
C PHE D 102 28.88 0.60 -4.63
N PRO D 103 29.41 1.80 -4.39
CA PRO D 103 29.20 2.92 -5.33
C PRO D 103 29.94 2.74 -6.65
N GLU D 104 30.82 1.76 -6.77
CA GLU D 104 31.45 1.48 -8.06
C GLU D 104 30.59 0.58 -8.97
N THR D 105 29.59 -0.06 -8.40
CA THR D 105 28.84 -1.10 -9.12
C THR D 105 27.35 -0.79 -9.27
N PHE D 106 26.83 0.04 -8.39
CA PHE D 106 25.41 0.37 -8.41
C PHE D 106 25.18 1.87 -8.48
N ALA D 107 24.14 2.26 -9.23
CA ALA D 107 23.73 3.65 -9.30
C ALA D 107 22.23 3.70 -9.03
N GLY D 108 21.79 4.70 -8.28
CA GLY D 108 20.45 4.71 -7.75
C GLY D 108 19.38 5.21 -8.69
N VAL D 109 18.22 4.59 -8.61
CA VAL D 109 17.01 5.06 -9.30
C VAL D 109 15.87 4.82 -8.31
N CYS D 110 15.09 5.87 -8.05
CA CYS D 110 14.12 5.81 -6.95
C CYS D 110 12.74 5.34 -7.38
N MET D 111 12.02 4.73 -6.45
CA MET D 111 10.61 4.50 -6.66
C MET D 111 9.95 5.81 -6.28
N LEU D 112 8.67 5.95 -6.60
CA LEU D 112 7.98 7.19 -6.31
C LEU D 112 6.81 6.92 -5.39
N PRO D 113 6.63 7.81 -4.40
CA PRO D 113 5.49 7.73 -3.47
C PRO D 113 4.17 8.03 -4.16
N GLN D 114 3.89 7.36 -5.28
CA GLN D 114 2.61 7.55 -5.96
C GLN D 114 1.50 6.75 -5.28
N SER D 115 0.32 7.36 -5.15
CA SER D 115 -0.88 6.62 -4.72
C SER D 115 -2.06 7.04 -5.60
N PRO D 116 -3.07 6.17 -5.69
CA PRO D 116 -4.15 6.37 -6.66
C PRO D 116 -4.89 7.71 -6.47
N GLU D 117 -5.08 8.11 -5.23
CA GLU D 117 -5.94 9.25 -4.91
C GLU D 117 -5.17 10.58 -4.85
N ALA D 118 -3.89 10.55 -5.21
CA ALA D 118 -3.01 11.71 -5.06
C ALA D 118 -2.48 12.21 -6.39
N ASP D 119 -1.99 13.44 -6.41
CA ASP D 119 -1.22 13.93 -7.55
C ASP D 119 0.25 13.63 -7.33
N MET D 120 1.11 14.27 -8.11
CA MET D 120 2.53 13.96 -8.13
C MET D 120 3.38 14.87 -7.25
N THR D 121 2.73 15.64 -6.37
CA THR D 121 3.47 16.63 -5.57
C THR D 121 4.52 15.97 -4.66
N SER D 122 4.13 14.87 -4.04
CA SER D 122 5.04 14.09 -3.22
C SER D 122 6.14 13.38 -4.03
N SER D 123 5.81 12.98 -5.26
CA SER D 123 6.79 12.34 -6.12
C SER D 123 7.86 13.32 -6.58
N ILE D 124 7.44 14.58 -6.78
CA ILE D 124 8.36 15.65 -7.13
C ILE D 124 9.36 15.85 -6.00
N ALA D 125 8.86 15.94 -4.78
CA ALA D 125 9.72 16.12 -3.62
C ALA D 125 10.66 14.93 -3.46
N GLU D 126 10.13 13.73 -3.64
CA GLU D 126 10.95 12.53 -3.47
C GLU D 126 11.99 12.38 -4.58
N LEU D 127 11.64 12.78 -5.81
CA LEU D 127 12.61 12.79 -6.90
C LEU D 127 13.74 13.79 -6.61
N GLU D 128 13.36 14.96 -6.13
CA GLU D 128 14.33 15.99 -5.75
C GLU D 128 15.28 15.55 -4.64
N ARG D 129 14.73 14.93 -3.60
CA ARG D 129 15.54 14.41 -2.50
C ARG D 129 16.56 13.37 -2.98
N CYS D 130 16.08 12.37 -3.72
CA CYS D 130 16.95 11.28 -4.15
C CYS D 130 18.02 11.72 -5.14
N VAL D 131 17.64 12.57 -6.08
CA VAL D 131 18.58 13.04 -7.08
C VAL D 131 19.51 14.09 -6.48
N ASN D 132 18.94 15.05 -5.78
CA ASN D 132 19.72 16.16 -5.25
C ASN D 132 20.41 15.86 -3.93
N GLU D 133 19.78 15.08 -3.08
CA GLU D 133 20.40 14.78 -1.79
C GLU D 133 21.13 13.45 -1.79
N LEU D 134 20.50 12.42 -2.37
CA LEU D 134 21.07 11.07 -2.32
C LEU D 134 21.81 10.70 -3.59
N GLY D 135 21.76 11.59 -4.58
CA GLY D 135 22.52 11.43 -5.81
C GLY D 135 22.05 10.31 -6.75
N PHE D 136 20.74 10.09 -6.82
CA PHE D 136 20.21 9.11 -7.78
C PHE D 136 20.28 9.68 -9.20
N ILE D 137 20.04 8.84 -10.21
CA ILE D 137 20.24 9.25 -11.60
C ILE D 137 18.97 9.18 -12.46
N GLY D 138 17.85 8.74 -11.88
CA GLY D 138 16.64 8.51 -12.63
C GLY D 138 15.50 8.07 -11.74
N CYS D 139 14.34 7.81 -12.34
CA CYS D 139 13.21 7.30 -11.56
C CYS D 139 12.42 6.22 -12.29
N ASN D 140 11.70 5.43 -11.52
CA ASN D 140 10.67 4.56 -12.06
C ASN D 140 9.34 5.26 -11.87
N LEU D 141 8.66 5.54 -12.98
CA LEU D 141 7.38 6.23 -12.96
C LEU D 141 6.26 5.24 -13.29
N ASN D 142 5.28 5.14 -12.38
CA ASN D 142 4.21 4.16 -12.51
C ASN D 142 2.99 4.76 -13.18
N PRO D 143 2.61 4.20 -14.35
CA PRO D 143 1.46 4.71 -15.09
C PRO D 143 0.10 4.25 -14.54
N ASP D 144 0.09 3.33 -13.59
CA ASP D 144 -1.17 2.82 -13.04
C ASP D 144 -1.09 2.50 -11.54
N PRO D 145 -0.92 3.53 -10.70
CA PRO D 145 -0.81 3.34 -9.26
C PRO D 145 -1.97 2.57 -8.65
N GLY D 146 -3.10 2.50 -9.35
CA GLY D 146 -4.26 1.76 -8.87
C GLY D 146 -4.08 0.26 -8.92
N GLY D 147 -3.03 -0.20 -9.59
CA GLY D 147 -2.60 -1.59 -9.53
C GLY D 147 -3.31 -2.68 -10.33
N GLY D 148 -3.78 -2.37 -11.54
CA GLY D 148 -4.26 -3.44 -12.40
C GLY D 148 -5.47 -3.20 -13.26
N HIS D 149 -5.98 -1.97 -13.26
CA HIS D 149 -7.19 -1.65 -14.03
C HIS D 149 -6.99 -0.41 -14.89
N PHE D 150 -5.77 0.11 -14.90
CA PHE D 150 -5.41 1.25 -15.75
C PHE D 150 -6.39 2.40 -15.65
N LYS D 151 -6.51 2.95 -14.45
CA LYS D 151 -7.53 3.95 -14.18
C LYS D 151 -6.93 5.35 -14.10
N HIS D 152 -5.72 5.50 -14.61
CA HIS D 152 -5.03 6.78 -14.55
C HIS D 152 -5.03 7.44 -15.91
N PRO D 153 -4.70 8.73 -15.93
CA PRO D 153 -4.48 9.49 -17.16
C PRO D 153 -3.38 8.87 -18.00
N PRO D 154 -3.51 8.94 -19.32
CA PRO D 154 -2.44 8.48 -20.20
C PRO D 154 -1.23 9.37 -19.97
N LEU D 155 -0.03 8.84 -20.17
CA LEU D 155 1.21 9.56 -19.87
C LEU D 155 1.28 10.91 -20.57
N THR D 156 0.39 11.13 -21.54
CA THR D 156 0.40 12.36 -22.31
C THR D 156 -0.38 13.46 -21.57
N ASP D 157 -1.21 13.08 -20.63
CA ASP D 157 -2.11 14.02 -20.00
C ASP D 157 -1.33 15.07 -19.20
N ARG D 158 -1.97 16.21 -18.96
CA ARG D 158 -1.34 17.30 -18.23
C ARG D 158 -1.20 16.96 -16.75
N PHE D 159 -1.84 15.86 -16.35
CA PHE D 159 -1.71 15.37 -14.97
C PHE D 159 -0.26 15.12 -14.59
N TRP D 160 0.54 14.72 -15.58
CA TRP D 160 1.91 14.31 -15.33
C TRP D 160 2.90 15.45 -15.54
N TYR D 161 2.44 16.53 -16.18
CA TYR D 161 3.29 17.63 -16.63
C TYR D 161 4.17 18.27 -15.57
N PRO D 162 3.63 18.45 -14.35
CA PRO D 162 4.52 18.97 -13.31
C PRO D 162 5.70 18.03 -13.07
N PHE D 163 5.45 16.73 -13.03
CA PHE D 163 6.53 15.81 -12.79
C PHE D 163 7.51 15.84 -13.94
N TYR D 164 7.00 15.99 -15.16
CA TYR D 164 7.84 16.09 -16.34
C TYR D 164 8.79 17.28 -16.27
N GLU D 165 8.29 18.41 -15.79
CA GLU D 165 9.11 19.61 -15.63
C GLU D 165 10.30 19.39 -14.69
N LYS D 166 10.06 18.66 -13.60
CA LYS D 166 11.12 18.37 -12.64
C LYS D 166 12.13 17.33 -13.17
N MET D 167 11.69 16.47 -14.07
CA MET D 167 12.57 15.48 -14.68
C MET D 167 13.53 16.21 -15.60
N VAL D 168 12.95 17.03 -16.47
CA VAL D 168 13.68 17.86 -17.41
C VAL D 168 14.68 18.76 -16.69
N GLU D 169 14.24 19.34 -15.57
CA GLU D 169 15.08 20.21 -14.76
C GLU D 169 16.31 19.46 -14.21
N LEU D 170 16.09 18.27 -13.67
CA LEU D 170 17.14 17.49 -13.02
C LEU D 170 18.01 16.70 -14.01
N ASP D 171 17.56 16.65 -15.27
CA ASP D 171 18.21 15.91 -16.35
C ASP D 171 18.27 14.39 -16.06
N VAL D 172 17.13 13.83 -15.67
CA VAL D 172 16.99 12.42 -15.35
C VAL D 172 15.78 11.82 -16.06
N PRO D 173 15.92 10.59 -16.55
CA PRO D 173 14.89 9.81 -17.25
C PRO D 173 13.91 9.12 -16.29
N ALA D 174 12.93 8.43 -16.87
CA ALA D 174 12.00 7.59 -16.12
C ALA D 174 11.88 6.24 -16.79
N MET D 175 11.88 5.19 -15.98
CA MET D 175 11.52 3.86 -16.49
C MET D 175 10.08 3.63 -16.13
N ILE D 176 9.22 3.63 -17.14
CA ILE D 176 7.81 3.38 -16.95
C ILE D 176 7.61 1.97 -16.41
N HIS D 177 7.18 1.86 -15.17
CA HIS D 177 7.12 0.56 -14.52
C HIS D 177 5.89 0.47 -13.62
N VAL D 178 5.12 -0.61 -13.75
CA VAL D 178 4.04 -0.85 -12.82
C VAL D 178 4.51 -1.78 -11.69
N SER D 179 3.63 -2.02 -10.73
CA SER D 179 3.98 -2.78 -9.54
C SER D 179 3.08 -4.02 -9.46
N GLY D 180 2.79 -4.47 -8.24
CA GLY D 180 1.99 -5.65 -8.04
C GLY D 180 0.56 -5.45 -8.48
N SER D 181 -0.16 -6.56 -8.67
CA SER D 181 -1.53 -6.49 -9.14
C SER D 181 -2.54 -6.87 -8.08
N CYS D 182 -3.57 -6.04 -7.92
CA CYS D 182 -4.71 -6.39 -7.09
C CYS D 182 -5.88 -6.81 -7.96
N ASN D 183 -5.59 -7.20 -9.20
CA ASN D 183 -6.61 -7.64 -10.15
C ASN D 183 -6.39 -9.10 -10.54
N PRO D 184 -7.18 -10.02 -9.96
CA PRO D 184 -6.95 -11.47 -10.13
C PRO D 184 -6.87 -11.95 -11.59
N ALA D 185 -7.41 -11.17 -12.53
CA ALA D 185 -7.35 -11.55 -13.94
C ALA D 185 -6.00 -11.19 -14.54
N MET D 186 -5.20 -10.43 -13.78
CA MET D 186 -3.93 -9.94 -14.30
C MET D 186 -2.74 -10.21 -13.39
N HIS D 187 -2.00 -11.27 -13.69
CA HIS D 187 -0.77 -11.61 -12.99
C HIS D 187 0.29 -10.55 -13.25
N ALA D 188 1.04 -10.18 -12.20
CA ALA D 188 1.96 -9.04 -12.28
C ALA D 188 3.06 -9.14 -13.35
N THR D 189 3.93 -10.12 -13.26
CA THR D 189 5.13 -10.09 -14.11
C THR D 189 4.95 -10.67 -15.51
N GLY D 190 3.92 -11.50 -15.70
CA GLY D 190 3.67 -12.13 -16.98
C GLY D 190 2.60 -11.45 -17.82
N ALA D 191 1.82 -10.57 -17.21
CA ALA D 191 0.75 -9.88 -17.94
C ALA D 191 0.74 -8.37 -17.68
N TYR D 192 0.48 -7.98 -16.44
CA TYR D 192 0.44 -6.58 -16.07
C TYR D 192 1.65 -5.81 -16.64
N TYR D 193 2.86 -6.27 -16.35
CA TYR D 193 4.06 -5.52 -16.76
C TYR D 193 4.12 -5.32 -18.27
N LEU D 194 4.03 -6.42 -19.00
CA LEU D 194 4.10 -6.40 -20.46
C LEU D 194 2.99 -5.53 -21.03
N ALA D 195 1.80 -5.66 -20.46
CA ALA D 195 0.65 -4.89 -20.92
C ALA D 195 0.89 -3.40 -20.73
N ALA D 196 1.36 -3.03 -19.54
CA ALA D 196 1.70 -1.64 -19.24
C ALA D 196 2.67 -1.08 -20.28
N ASP D 197 3.74 -1.83 -20.58
CA ASP D 197 4.71 -1.40 -21.59
C ASP D 197 4.06 -1.05 -22.93
N THR D 198 3.19 -1.94 -23.39
CA THR D 198 2.55 -1.76 -24.70
C THR D 198 1.52 -0.64 -24.68
N ILE D 199 0.82 -0.49 -23.57
CA ILE D 199 -0.17 0.55 -23.41
C ILE D 199 0.50 1.92 -23.34
N ALA D 200 1.65 1.99 -22.67
CA ALA D 200 2.41 3.23 -22.56
C ALA D 200 2.89 3.71 -23.93
N PHE D 201 3.40 2.79 -24.73
CA PHE D 201 3.93 3.13 -26.04
C PHE D 201 2.82 3.69 -26.93
N MET D 202 1.67 3.02 -26.95
CA MET D 202 0.54 3.47 -27.76
C MET D 202 0.01 4.84 -27.33
N GLN D 203 -0.06 5.06 -26.01
CA GLN D 203 -0.46 6.34 -25.47
C GLN D 203 0.32 7.49 -26.12
N LEU D 204 1.63 7.30 -26.27
CA LEU D 204 2.47 8.34 -26.83
C LEU D 204 2.30 8.44 -28.35
N LEU D 205 2.08 7.30 -28.99
CA LEU D 205 1.77 7.30 -30.42
C LEU D 205 0.55 8.19 -30.68
N GLN D 206 -0.46 8.06 -29.82
CA GLN D 206 -1.70 8.82 -29.99
C GLN D 206 -1.49 10.33 -29.87
N GLY D 207 -0.45 10.72 -29.14
CA GLY D 207 -0.25 12.12 -28.81
C GLY D 207 1.10 12.66 -29.25
N ASN D 208 1.54 13.72 -28.59
CA ASN D 208 2.78 14.40 -28.96
C ASN D 208 3.43 15.04 -27.74
N LEU D 209 3.68 14.21 -26.73
CA LEU D 209 4.29 14.66 -25.50
C LEU D 209 5.63 15.38 -25.75
N PHE D 210 6.39 14.90 -26.71
CA PHE D 210 7.76 15.37 -26.87
C PHE D 210 7.87 16.63 -27.75
N ALA D 211 6.72 17.14 -28.17
CA ALA D 211 6.64 18.50 -28.71
C ALA D 211 6.65 19.45 -27.53
N ASP D 212 6.00 19.04 -26.45
CA ASP D 212 6.03 19.82 -25.22
C ASP D 212 7.31 19.60 -24.41
N PHE D 213 7.90 18.41 -24.49
CA PHE D 213 9.13 18.12 -23.73
C PHE D 213 10.17 17.44 -24.61
N PRO D 214 10.89 18.23 -25.41
CA PRO D 214 11.81 17.70 -26.42
C PRO D 214 12.94 16.86 -25.84
N THR D 215 13.21 17.04 -24.54
CA THR D 215 14.32 16.35 -23.87
C THR D 215 13.88 15.27 -22.88
N LEU D 216 12.58 15.24 -22.57
CA LEU D 216 12.02 14.22 -21.67
C LEU D 216 12.37 12.85 -22.23
N ARG D 217 12.85 11.95 -21.36
CA ARG D 217 13.28 10.64 -21.84
C ARG D 217 12.78 9.48 -20.97
N PHE D 218 12.17 8.50 -21.63
CA PHE D 218 11.53 7.34 -21.01
C PHE D 218 12.22 6.08 -21.48
N ILE D 219 12.32 5.09 -20.60
CA ILE D 219 12.69 3.74 -21.01
C ILE D 219 11.45 2.86 -20.87
N ILE D 220 11.10 2.13 -21.92
CA ILE D 220 10.04 1.15 -21.80
C ILE D 220 10.69 -0.23 -21.70
N PRO D 221 10.54 -0.88 -20.53
CA PRO D 221 11.27 -2.11 -20.22
C PRO D 221 10.73 -3.35 -20.93
N HIS D 222 11.42 -4.47 -20.72
CA HIS D 222 11.06 -5.74 -21.34
C HIS D 222 11.06 -5.70 -22.88
N GLY D 223 12.08 -5.07 -23.45
CA GLY D 223 12.23 -5.02 -24.89
C GLY D 223 11.09 -4.28 -25.56
N GLY D 224 10.44 -3.40 -24.79
CA GLY D 224 9.34 -2.59 -25.31
C GLY D 224 7.97 -3.25 -25.23
N GLY D 225 7.83 -4.23 -24.35
CA GLY D 225 6.55 -4.92 -24.21
C GLY D 225 6.29 -5.81 -25.40
N ALA D 226 5.18 -5.59 -26.10
CA ALA D 226 4.90 -6.27 -27.36
C ALA D 226 5.24 -5.39 -28.55
N VAL D 227 5.82 -4.21 -28.30
CA VAL D 227 6.02 -3.24 -29.37
C VAL D 227 6.94 -3.65 -30.54
N PRO D 228 8.19 -4.05 -30.25
CA PRO D 228 9.01 -4.45 -31.39
C PRO D 228 8.48 -5.68 -32.14
N TYR D 229 7.82 -6.61 -31.45
CA TYR D 229 7.21 -7.76 -32.12
C TYR D 229 6.12 -7.29 -33.11
N HIS D 230 5.41 -6.23 -32.75
CA HIS D 230 4.38 -5.67 -33.64
C HIS D 230 4.76 -4.33 -34.24
N TRP D 231 6.04 -4.17 -34.56
CA TRP D 231 6.56 -2.89 -35.04
C TRP D 231 5.77 -2.39 -36.25
N GLY D 232 5.62 -3.24 -37.28
CA GLY D 232 4.85 -2.87 -38.45
C GLY D 232 3.45 -2.37 -38.11
N ARG D 233 2.82 -2.99 -37.11
CA ARG D 233 1.48 -2.62 -36.68
C ARG D 233 1.47 -1.20 -36.15
N PHE D 234 2.48 -0.87 -35.34
CA PHE D 234 2.57 0.47 -34.79
C PHE D 234 2.94 1.49 -35.85
N ARG D 235 3.84 1.11 -36.77
CA ARG D 235 4.09 1.99 -37.92
C ARG D 235 2.83 2.21 -38.74
N GLY D 236 2.08 1.14 -38.98
CA GLY D 236 0.84 1.23 -39.73
C GLY D 236 -0.17 2.12 -39.05
N LEU D 237 -0.27 1.98 -37.73
CA LEU D 237 -1.22 2.78 -36.94
C LEU D 237 -0.88 4.26 -36.98
N ALA D 238 0.41 4.57 -37.01
CA ALA D 238 0.87 5.94 -37.16
C ALA D 238 0.15 6.61 -38.33
N ASP D 239 0.05 5.90 -39.46
CA ASP D 239 -0.66 6.42 -40.62
C ASP D 239 -2.17 6.45 -40.42
N MET D 240 -2.73 5.38 -39.84
CA MET D 240 -4.17 5.32 -39.53
C MET D 240 -4.66 6.49 -38.68
N LEU D 241 -3.80 6.98 -37.80
CA LEU D 241 -4.12 8.10 -36.92
C LEU D 241 -3.66 9.41 -37.52
N LYS D 242 -3.00 9.35 -38.67
CA LYS D 242 -2.50 10.54 -39.34
C LYS D 242 -1.42 11.19 -38.48
N GLN D 243 -0.60 10.36 -37.86
CA GLN D 243 0.43 10.82 -36.95
C GLN D 243 1.78 10.87 -37.64
N PRO D 244 2.72 11.68 -37.10
CA PRO D 244 4.09 11.66 -37.56
C PRO D 244 4.64 10.25 -37.43
N SER D 245 5.69 9.95 -38.19
CA SER D 245 6.29 8.64 -38.11
C SER D 245 6.93 8.41 -36.73
N LEU D 246 7.06 7.14 -36.35
CA LEU D 246 7.57 6.80 -35.03
C LEU D 246 8.98 7.33 -34.79
N ASP D 247 9.83 7.27 -35.82
CA ASP D 247 11.23 7.65 -35.69
C ASP D 247 11.38 9.07 -35.16
N THR D 248 10.56 9.98 -35.68
CA THR D 248 10.55 11.37 -35.24
C THR D 248 9.66 11.63 -34.03
N LEU D 249 8.45 11.07 -34.04
CA LEU D 249 7.48 11.33 -32.97
C LEU D 249 7.94 10.81 -31.61
N LEU D 250 8.65 9.69 -31.61
CA LEU D 250 8.89 8.93 -30.38
C LEU D 250 10.33 8.56 -30.08
N MET D 251 11.09 8.21 -31.12
CA MET D 251 12.33 7.44 -30.92
C MET D 251 13.62 8.24 -30.67
N ASN D 252 13.51 9.57 -30.52
CA ASN D 252 14.60 10.34 -29.93
C ASN D 252 14.33 10.51 -28.43
N ASN D 253 13.25 9.92 -27.94
CA ASN D 253 12.81 10.13 -26.56
C ASN D 253 12.44 8.84 -25.84
N VAL D 254 12.24 7.77 -26.60
CA VAL D 254 11.75 6.50 -26.06
C VAL D 254 12.80 5.43 -26.23
N PHE D 255 13.12 4.72 -25.14
CA PHE D 255 14.18 3.70 -25.18
C PHE D 255 13.70 2.36 -24.68
N PHE D 256 14.22 1.28 -25.25
CA PHE D 256 13.86 -0.06 -24.83
C PHE D 256 15.06 -0.72 -24.12
N ASP D 257 14.80 -1.50 -23.07
CA ASP D 257 15.84 -2.32 -22.44
C ASP D 257 15.94 -3.68 -23.15
N THR D 258 16.92 -4.50 -22.77
CA THR D 258 17.07 -5.80 -23.41
C THR D 258 16.62 -6.95 -22.53
N CYS D 259 15.62 -6.70 -21.69
CA CYS D 259 15.09 -7.75 -20.83
C CYS D 259 14.17 -8.66 -21.63
N VAL D 260 14.75 -9.25 -22.67
CA VAL D 260 14.08 -10.21 -23.54
C VAL D 260 14.79 -11.53 -23.31
N TYR D 261 14.07 -12.50 -22.76
CA TYR D 261 14.72 -13.64 -22.12
C TYR D 261 14.90 -14.87 -23.03
N HIS D 262 15.25 -14.62 -24.28
CA HIS D 262 15.60 -15.67 -25.23
C HIS D 262 16.18 -15.09 -26.52
N GLN D 263 17.00 -15.89 -27.19
CA GLN D 263 17.76 -15.42 -28.33
C GLN D 263 16.88 -14.87 -29.46
N PRO D 264 15.80 -15.61 -29.82
CA PRO D 264 14.95 -15.12 -30.92
C PRO D 264 14.35 -13.74 -30.66
N GLY D 265 14.04 -13.44 -29.40
CA GLY D 265 13.47 -12.16 -29.04
C GLY D 265 14.49 -11.05 -29.23
N ILE D 266 15.66 -11.25 -28.65
CA ILE D 266 16.77 -10.33 -28.77
C ILE D 266 17.15 -10.20 -30.25
N ASN D 267 17.05 -11.29 -30.99
CA ASN D 267 17.21 -11.24 -32.44
C ASN D 267 16.27 -10.22 -33.10
N LEU D 268 15.01 -10.23 -32.68
CA LEU D 268 14.00 -9.35 -33.26
C LEU D 268 14.20 -7.89 -32.88
N LEU D 269 14.43 -7.65 -31.59
CA LEU D 269 14.70 -6.31 -31.09
C LEU D 269 15.82 -5.65 -31.88
N ALA D 270 16.90 -6.40 -32.11
CA ALA D 270 18.08 -5.88 -32.81
C ALA D 270 17.77 -5.60 -34.27
N ASP D 271 17.00 -6.50 -34.88
CA ASP D 271 16.66 -6.39 -36.30
C ASP D 271 15.76 -5.20 -36.60
N VAL D 272 14.90 -4.85 -35.64
CA VAL D 272 13.84 -3.89 -35.92
C VAL D 272 13.95 -2.53 -35.22
N ILE D 273 14.64 -2.47 -34.08
CA ILE D 273 14.79 -1.20 -33.36
C ILE D 273 16.20 -0.63 -33.52
N ASP D 274 16.31 0.65 -33.84
CA ASP D 274 17.63 1.23 -34.15
C ASP D 274 18.54 1.04 -32.96
N ASN D 275 19.79 0.76 -33.25
CA ASN D 275 20.81 0.59 -32.23
C ASN D 275 20.75 1.66 -31.13
N LYS D 276 20.50 2.92 -31.51
CA LYS D 276 20.52 4.01 -30.53
C LYS D 276 19.43 3.92 -29.45
N ASN D 277 18.37 3.14 -29.71
CA ASN D 277 17.25 3.03 -28.76
C ASN D 277 17.26 1.74 -27.92
N ILE D 278 18.33 0.97 -28.01
CA ILE D 278 18.44 -0.30 -27.30
C ILE D 278 19.47 -0.18 -26.17
N LEU D 279 19.02 -0.31 -24.93
CA LEU D 279 19.90 -0.25 -23.76
C LEU D 279 19.97 -1.64 -23.11
N PHE D 280 21.19 -2.10 -22.79
CA PHE D 280 21.36 -3.41 -22.15
C PHE D 280 20.78 -3.41 -20.73
N GLY D 281 20.13 -4.52 -20.37
CA GLY D 281 19.54 -4.70 -19.06
C GLY D 281 19.24 -6.18 -18.88
N SER D 282 19.06 -6.64 -17.65
CA SER D 282 18.82 -8.07 -17.45
C SER D 282 17.76 -8.34 -16.41
N GLU D 283 17.53 -7.39 -15.51
CA GLU D 283 16.55 -7.55 -14.45
C GLU D 283 16.81 -8.87 -13.70
N MET D 284 18.07 -9.10 -13.35
CA MET D 284 18.49 -10.36 -12.73
C MET D 284 17.87 -10.52 -11.34
N VAL D 285 17.83 -11.76 -10.86
CA VAL D 285 17.22 -12.05 -9.58
C VAL D 285 15.86 -11.39 -9.52
N GLY D 286 15.17 -11.38 -10.66
CA GLY D 286 13.86 -10.74 -10.72
C GLY D 286 12.70 -11.62 -11.11
N ALA D 287 12.14 -11.35 -12.28
CA ALA D 287 10.92 -12.00 -12.74
C ALA D 287 11.09 -13.49 -13.03
N VAL D 288 12.28 -13.85 -13.51
CA VAL D 288 12.58 -15.21 -13.95
C VAL D 288 14.00 -15.60 -13.57
N ARG D 289 14.14 -16.48 -12.58
CA ARG D 289 15.43 -16.74 -11.94
C ARG D 289 16.08 -18.08 -12.31
N GLY D 290 15.39 -18.89 -13.12
CA GLY D 290 15.86 -20.23 -13.40
C GLY D 290 16.64 -20.38 -14.68
N ILE D 291 17.16 -21.59 -14.87
CA ILE D 291 17.86 -21.96 -16.08
C ILE D 291 16.87 -22.23 -17.20
N ASP D 292 17.21 -21.78 -18.40
CA ASP D 292 16.43 -22.12 -19.58
C ASP D 292 16.91 -23.49 -20.02
N PRO D 293 16.12 -24.53 -19.73
CA PRO D 293 16.50 -25.91 -20.03
C PRO D 293 16.94 -26.09 -21.49
N THR D 294 16.39 -25.25 -22.38
CA THR D 294 16.73 -25.32 -23.81
C THR D 294 18.16 -24.89 -24.13
N THR D 295 18.87 -24.31 -23.16
CA THR D 295 20.25 -23.85 -23.40
C THR D 295 21.22 -24.19 -22.29
N GLY D 296 20.69 -24.38 -21.09
CA GLY D 296 21.56 -24.63 -19.94
C GLY D 296 22.23 -23.37 -19.41
N HIS D 297 21.65 -22.22 -19.75
CA HIS D 297 22.08 -20.94 -19.18
C HIS D 297 20.83 -20.26 -18.61
N TYR D 298 21.03 -19.26 -17.76
CA TYR D 298 19.89 -18.56 -17.18
C TYR D 298 19.12 -17.78 -18.22
N PHE D 299 17.80 -17.85 -18.13
CA PHE D 299 16.93 -17.02 -18.93
C PHE D 299 17.44 -15.57 -18.92
N ASP D 300 17.54 -15.00 -17.71
CA ASP D 300 17.89 -13.59 -17.56
C ASP D 300 19.38 -13.21 -17.76
N ASP D 301 20.20 -14.13 -18.24
CA ASP D 301 21.60 -13.79 -18.55
C ASP D 301 21.66 -13.16 -19.95
N THR D 302 21.09 -11.96 -20.08
CA THR D 302 20.84 -11.36 -21.39
C THR D 302 22.11 -11.00 -22.18
N LYS D 303 23.18 -10.60 -21.51
CA LYS D 303 24.42 -10.31 -22.24
C LYS D 303 24.76 -11.44 -23.20
N ARG D 304 24.50 -12.68 -22.78
CA ARG D 304 24.72 -13.81 -23.66
C ARG D 304 23.99 -13.63 -24.97
N TYR D 305 22.77 -13.11 -24.92
CA TYR D 305 21.99 -12.90 -26.15
C TYR D 305 22.65 -11.81 -26.98
N ILE D 306 23.12 -10.77 -26.31
CA ILE D 306 23.74 -9.64 -26.99
C ILE D 306 25.06 -10.04 -27.63
N ASP D 307 25.83 -10.87 -26.93
CA ASP D 307 27.08 -11.39 -27.44
C ASP D 307 26.90 -12.28 -28.68
N ALA D 308 25.72 -12.87 -28.81
CA ALA D 308 25.46 -13.77 -29.94
C ALA D 308 25.17 -13.02 -31.21
N LEU D 309 24.79 -11.76 -31.09
CA LEU D 309 24.45 -10.93 -32.24
C LEU D 309 25.66 -10.64 -33.11
N ASP D 310 25.41 -10.59 -34.41
CA ASP D 310 26.43 -10.23 -35.39
C ASP D 310 26.37 -8.72 -35.63
N ILE D 311 26.93 -7.95 -34.71
CA ILE D 311 26.84 -6.50 -34.79
C ILE D 311 28.20 -5.88 -34.57
N SER D 312 28.36 -4.64 -35.03
CA SER D 312 29.66 -3.97 -35.01
C SER D 312 30.15 -3.78 -33.57
N ASP D 313 31.43 -3.46 -33.45
CA ASP D 313 32.03 -3.11 -32.17
C ASP D 313 31.36 -1.86 -31.60
N GLN D 314 31.15 -0.88 -32.48
CA GLN D 314 30.48 0.36 -32.12
C GLN D 314 29.03 0.09 -31.72
N GLU D 315 28.36 -0.75 -32.48
CA GLU D 315 27.00 -1.15 -32.13
C GLU D 315 26.96 -1.84 -30.77
N ARG D 316 28.00 -2.61 -30.45
CA ARG D 316 28.05 -3.27 -29.16
C ARG D 316 28.32 -2.23 -28.10
N HIS D 317 29.23 -1.30 -28.38
CA HIS D 317 29.47 -0.21 -27.43
C HIS D 317 28.18 0.52 -27.05
N ALA D 318 27.32 0.74 -28.04
CA ALA D 318 26.13 1.56 -27.86
C ALA D 318 25.12 0.84 -26.96
N ILE D 319 24.98 -0.46 -27.19
CA ILE D 319 24.05 -1.29 -26.41
C ILE D 319 24.46 -1.43 -24.94
N PHE D 320 25.74 -1.65 -24.68
CA PHE D 320 26.23 -1.88 -23.32
C PHE D 320 26.45 -0.61 -22.51
N GLU D 321 27.10 0.38 -23.10
CA GLU D 321 27.55 1.57 -22.38
C GLU D 321 27.04 2.88 -22.98
N GLY D 322 27.17 3.00 -24.29
CA GLY D 322 26.88 4.26 -24.97
C GLY D 322 25.49 4.80 -24.71
N ASN D 323 24.47 4.08 -25.16
CA ASN D 323 23.10 4.55 -25.03
C ASN D 323 22.73 4.97 -23.62
N THR D 324 23.10 4.15 -22.64
CA THR D 324 22.73 4.42 -21.24
C THR D 324 23.40 5.68 -20.68
N ARG D 325 24.65 5.91 -21.06
CA ARG D 325 25.34 7.12 -20.61
C ARG D 325 24.69 8.39 -21.16
N ARG D 326 24.14 8.29 -22.38
CA ARG D 326 23.43 9.42 -23.00
C ARG D 326 22.06 9.63 -22.36
N VAL D 327 21.43 8.54 -21.91
CA VAL D 327 20.08 8.59 -21.36
C VAL D 327 20.06 9.03 -19.90
N PHE D 328 21.13 8.72 -19.18
CA PHE D 328 21.32 9.14 -17.80
C PHE D 328 22.58 10.00 -17.72
N PRO D 329 22.48 11.28 -18.13
CA PRO D 329 23.67 12.15 -18.15
C PRO D 329 24.30 12.30 -16.77
N ARG D 330 23.50 12.18 -15.71
CA ARG D 330 24.05 12.25 -14.36
C ARG D 330 25.02 11.10 -14.10
N LEU D 331 24.72 9.91 -14.62
CA LEU D 331 25.66 8.80 -14.54
C LEU D 331 26.86 9.05 -15.46
N ASP D 332 26.59 9.57 -16.65
CA ASP D 332 27.65 9.95 -17.58
C ASP D 332 28.62 10.94 -16.91
N ALA D 333 28.06 11.88 -16.17
CA ALA D 333 28.84 12.90 -15.46
C ALA D 333 29.79 12.29 -14.43
N LYS D 334 29.29 11.36 -13.64
CA LYS D 334 30.06 10.71 -12.58
C LYS D 334 31.17 9.86 -13.20
N LEU D 335 30.86 9.19 -14.30
CA LEU D 335 31.83 8.35 -14.97
C LEU D 335 33.01 9.14 -15.55
N LYS D 336 32.72 10.22 -16.29
CA LYS D 336 33.82 11.05 -16.80
C LYS D 336 34.66 11.56 -15.62
N ALA D 337 33.97 11.98 -14.56
CA ALA D 337 34.59 12.57 -13.36
C ALA D 337 35.49 11.60 -12.61
N ARG D 338 35.42 10.32 -12.98
CA ARG D 338 36.33 9.30 -12.46
C ARG D 338 37.35 8.91 -13.53
N GLY D 339 37.47 9.72 -14.58
CA GLY D 339 38.39 9.42 -15.66
C GLY D 339 37.93 8.32 -16.61
N LEU D 340 36.69 7.89 -16.46
CA LEU D 340 36.16 6.82 -17.30
C LEU D 340 35.36 7.38 -18.47
#